data_7H3L
# 
_entry.id   7H3L 
# 
_audit_conform.dict_name       mmcif_pdbx.dic 
_audit_conform.dict_version    5.397 
_audit_conform.dict_location   http://mmcif.pdb.org/dictionaries/ascii/mmcif_pdbx.dic 
# 
loop_
_database_2.database_id 
_database_2.database_code 
_database_2.pdbx_database_accession 
_database_2.pdbx_DOI 
PDB   7H3L         pdb_00007h3l 10.2210/pdb7h3l/pdb 
WWPDB D_1001406980 ?            ?                   
# 
loop_
_pdbx_audit_revision_history.ordinal 
_pdbx_audit_revision_history.data_content_type 
_pdbx_audit_revision_history.major_revision 
_pdbx_audit_revision_history.minor_revision 
_pdbx_audit_revision_history.revision_date 
1 'Structure model' 1 0 2024-04-24 
2 'Structure model' 1 1 2024-10-16 
# 
_pdbx_audit_revision_details.ordinal             1 
_pdbx_audit_revision_details.revision_ordinal    1 
_pdbx_audit_revision_details.data_content_type   'Structure model' 
_pdbx_audit_revision_details.provider            repository 
_pdbx_audit_revision_details.type                'Initial release' 
_pdbx_audit_revision_details.description         ? 
_pdbx_audit_revision_details.details             ? 
# 
loop_
_pdbx_audit_revision_group.ordinal 
_pdbx_audit_revision_group.revision_ordinal 
_pdbx_audit_revision_group.data_content_type 
_pdbx_audit_revision_group.group 
1 2 'Structure model' 'Database references' 
2 2 'Structure model' 'Structure summary'   
# 
loop_
_pdbx_audit_revision_category.ordinal 
_pdbx_audit_revision_category.revision_ordinal 
_pdbx_audit_revision_category.data_content_type 
_pdbx_audit_revision_category.category 
1 2 'Structure model' citation           
2 2 'Structure model' citation_author    
3 2 'Structure model' pdbx_entry_details 
# 
loop_
_pdbx_audit_revision_item.ordinal 
_pdbx_audit_revision_item.revision_ordinal 
_pdbx_audit_revision_item.data_content_type 
_pdbx_audit_revision_item.item 
1 2 'Structure model' '_citation.country'                 
2 2 'Structure model' '_citation.journal_abbrev'          
3 2 'Structure model' '_citation.journal_id_CSD'          
4 2 'Structure model' '_citation.journal_id_ISSN'         
5 2 'Structure model' '_citation.pdbx_database_id_DOI'    
6 2 'Structure model' '_citation.pdbx_database_id_PubMed' 
7 2 'Structure model' '_citation.title'                   
8 2 'Structure model' '_citation.year'                    
# 
_pdbx_database_status.entry_id                        7H3L 
_pdbx_database_status.status_code                     REL 
_pdbx_database_status.status_code_sf                  REL 
_pdbx_database_status.status_code_mr                  ? 
_pdbx_database_status.status_code_cs                  ? 
_pdbx_database_status.recvd_initial_deposition_date   2024-04-04 
_pdbx_database_status.status_code_nmr_data            ? 
_pdbx_database_status.deposit_site                    RCSB 
_pdbx_database_status.process_site                    RCSB 
_pdbx_database_status.SG_entry                        ? 
_pdbx_database_status.pdb_format_compatible           Y 
_pdbx_database_status.methods_development_category    ? 
# 
_pdbx_contact_author.id                 1 
_pdbx_contact_author.email              frank.von-delft@diamond.ac.uk 
_pdbx_contact_author.name_first         Frank 
_pdbx_contact_author.name_last          'von Delft' 
_pdbx_contact_author.role               'principal investigator/group leader' 
_pdbx_contact_author.identifier_ORCID   0000-0003-0378-0017 
_pdbx_contact_author.name_mi            ? 
# 
loop_
_audit_author.name 
_audit_author.pdbx_ordinal 
'Lithgo, R.M.'        1  
'Fairhead, M.'        2  
'Koekemoer, L.'       3  
'Balcomb, B.H.'       4  
'Capkin, E.'          5  
'Chandran, A.V.'      6  
'Golding, M.'         7  
'Godoy, A.S.'         8  
'Aschenbrenner, J.C.' 9  
'Marples, P.G.'       10 
'Ni, X.'              11 
'Thompson, W.'        12 
'Tomlinson, C.W.E.'   13 
'Wild, C.'            14 
'Winokan, M.'         15 
'Xavier, M.-A.E.'     16 
'Fearon, D.'          17 
'von Delft, F.'       18 
# 
_citation.id                        primary 
_citation.title                     
;Crystallographic Fragment Screen of Coxsackievirus A16 2A Protease identifies new opportunities for the development of broad-spectrum anti-enterovirals.
;
_citation.journal_abbrev            Biorxiv 
_citation.journal_volume            ? 
_citation.page_first                ? 
_citation.page_last                 ? 
_citation.year                      2024 
_citation.journal_id_ASTM           ? 
_citation.country                   US 
_citation.journal_id_ISSN           2692-8205 
_citation.journal_id_CSD            ? 
_citation.book_publisher            ? 
_citation.pdbx_database_id_PubMed   38746446 
_citation.pdbx_database_id_DOI      10.1101/2024.04.29.591684 
# 
loop_
_citation_author.citation_id 
_citation_author.name 
_citation_author.identifier_ORCID 
_citation_author.ordinal 
primary 'Lithgo, R.M.'        0000-0002-4706-9916 1  
primary 'Tomlinson, C.W.E.'   0000-0002-1845-6028 2  
primary 'Fairhead, M.'        0000-0001-5361-3933 3  
primary 'Winokan, M.'         ?                   4  
primary 'Thompson, W.'        0000-0003-1474-7810 5  
primary 'Wild, C.'            0000-0003-0654-8141 6  
primary 'Aschenbrenner, J.C.' 0000-0002-4318-0481 7  
primary 'Balcomb, B.H.'       0000-0001-7599-8467 8  
primary 'Marples, P.G.'       0000-0002-8787-7969 9  
primary 'Chandran, A.V.'      0000-0001-9942-2614 10 
primary 'Golding, M.'         0009-0004-7472-8333 11 
primary 'Koekemoer, L.'       0000-0001-9226-9127 12 
primary 'Williams, E.P.'      0000-0002-1331-9518 13 
primary 'Wang, S.'            ?                   14 
primary 'Ni, X.'              0000-0002-7769-8297 15 
primary 'MacLean, E.'         0000-0003-1680-4292 16 
primary 'Giroud, C.'          0000-0002-1629-1581 17 
primary 'Godoy, A.S.'         0000-0002-0613-9164 18 
primary 'Xavier, M.A.'        0000-0002-1709-9479 19 
primary 'Walsh, M.'           0000-0001-5683-1151 20 
primary 'Fearon, D.'          0000-0003-3529-7863 21 
primary 'von Delft, F.'       0000-0003-0378-0017 22 
# 
loop_
_entity.id 
_entity.type 
_entity.src_method 
_entity.pdbx_description 
_entity.formula_weight 
_entity.pdbx_number_of_molecules 
_entity.pdbx_ec 
_entity.pdbx_mutation 
_entity.pdbx_fragment 
_entity.details 
1 polymer     man 'Protease 2A'                      16493.311 1   3.4.22.29 ? ? ? 
2 non-polymer man N,N-dimethylpyridine-3-sulfonamide 186.231   1   ?         ? ? ? 
3 non-polymer syn 'ZINC ION'                         65.409    1   ?         ? ? ? 
4 non-polymer syn 'DIMETHYL SULFOXIDE'               78.133    5   ?         ? ? ? 
5 non-polymer syn 'SULFATE ION'                      96.063    1   ?         ? ? ? 
6 water       nat water                              18.015    237 ?         ? ? ? 
# 
_entity_name_com.entity_id   1 
_entity_name_com.name        'P2A,Picornain 2A,Protein 2A' 
# 
_entity_poly.entity_id                      1 
_entity_poly.type                           'polypeptide(L)' 
_entity_poly.nstd_linkage                   no 
_entity_poly.nstd_monomer                   no 
_entity_poly.pdbx_seq_one_letter_code       
;QEQTGGSGAIYVGNYRVVNRHLATHNDWANLVWEDSSRDLLVSSTTAQGCDTIARCDCQTGVYYCSSRRKHYPVSFSKPS
LIFVEASEYYPARYQSHLMLAVGHSEPGDCGGILRCQHGVVGIVSTGGNGLVGFADVRDLLWLDEEAMEQ
;
_entity_poly.pdbx_seq_one_letter_code_can   
;QEQTGGSGAIYVGNYRVVNRHLATHNDWANLVWEDSSRDLLVSSTTAQGCDTIARCDCQTGVYYCSSRRKHYPVSFSKPS
LIFVEASEYYPARYQSHLMLAVGHSEPGDCGGILRCQHGVVGIVSTGGNGLVGFADVRDLLWLDEEAMEQ
;
_entity_poly.pdbx_strand_id                 A 
_entity_poly.pdbx_target_identifier         ? 
# 
loop_
_pdbx_entity_nonpoly.entity_id 
_pdbx_entity_nonpoly.name 
_pdbx_entity_nonpoly.comp_id 
2 N,N-dimethylpyridine-3-sulfonamide ZUG 
3 'ZINC ION'                         ZN  
4 'DIMETHYL SULFOXIDE'               DMS 
5 'SULFATE ION'                      SO4 
6 water                              HOH 
# 
loop_
_entity_poly_seq.entity_id 
_entity_poly_seq.num 
_entity_poly_seq.mon_id 
_entity_poly_seq.hetero 
1 1   GLN n 
1 2   GLU n 
1 3   GLN n 
1 4   THR n 
1 5   GLY n 
1 6   GLY n 
1 7   SER n 
1 8   GLY n 
1 9   ALA n 
1 10  ILE n 
1 11  TYR n 
1 12  VAL n 
1 13  GLY n 
1 14  ASN n 
1 15  TYR n 
1 16  ARG n 
1 17  VAL n 
1 18  VAL n 
1 19  ASN n 
1 20  ARG n 
1 21  HIS n 
1 22  LEU n 
1 23  ALA n 
1 24  THR n 
1 25  HIS n 
1 26  ASN n 
1 27  ASP n 
1 28  TRP n 
1 29  ALA n 
1 30  ASN n 
1 31  LEU n 
1 32  VAL n 
1 33  TRP n 
1 34  GLU n 
1 35  ASP n 
1 36  SER n 
1 37  SER n 
1 38  ARG n 
1 39  ASP n 
1 40  LEU n 
1 41  LEU n 
1 42  VAL n 
1 43  SER n 
1 44  SER n 
1 45  THR n 
1 46  THR n 
1 47  ALA n 
1 48  GLN n 
1 49  GLY n 
1 50  CYS n 
1 51  ASP n 
1 52  THR n 
1 53  ILE n 
1 54  ALA n 
1 55  ARG n 
1 56  CYS n 
1 57  ASP n 
1 58  CYS n 
1 59  GLN n 
1 60  THR n 
1 61  GLY n 
1 62  VAL n 
1 63  TYR n 
1 64  TYR n 
1 65  CYS n 
1 66  SER n 
1 67  SER n 
1 68  ARG n 
1 69  ARG n 
1 70  LYS n 
1 71  HIS n 
1 72  TYR n 
1 73  PRO n 
1 74  VAL n 
1 75  SER n 
1 76  PHE n 
1 77  SER n 
1 78  LYS n 
1 79  PRO n 
1 80  SER n 
1 81  LEU n 
1 82  ILE n 
1 83  PHE n 
1 84  VAL n 
1 85  GLU n 
1 86  ALA n 
1 87  SER n 
1 88  GLU n 
1 89  TYR n 
1 90  TYR n 
1 91  PRO n 
1 92  ALA n 
1 93  ARG n 
1 94  TYR n 
1 95  GLN n 
1 96  SER n 
1 97  HIS n 
1 98  LEU n 
1 99  MET n 
1 100 LEU n 
1 101 ALA n 
1 102 VAL n 
1 103 GLY n 
1 104 HIS n 
1 105 SER n 
1 106 GLU n 
1 107 PRO n 
1 108 GLY n 
1 109 ASP n 
1 110 CYS n 
1 111 GLY n 
1 112 GLY n 
1 113 ILE n 
1 114 LEU n 
1 115 ARG n 
1 116 CYS n 
1 117 GLN n 
1 118 HIS n 
1 119 GLY n 
1 120 VAL n 
1 121 VAL n 
1 122 GLY n 
1 123 ILE n 
1 124 VAL n 
1 125 SER n 
1 126 THR n 
1 127 GLY n 
1 128 GLY n 
1 129 ASN n 
1 130 GLY n 
1 131 LEU n 
1 132 VAL n 
1 133 GLY n 
1 134 PHE n 
1 135 ALA n 
1 136 ASP n 
1 137 VAL n 
1 138 ARG n 
1 139 ASP n 
1 140 LEU n 
1 141 LEU n 
1 142 TRP n 
1 143 LEU n 
1 144 ASP n 
1 145 GLU n 
1 146 GLU n 
1 147 ALA n 
1 148 MET n 
1 149 GLU n 
1 150 GLN n 
# 
loop_
_entity_src_gen.entity_id 
_entity_src_gen.pdbx_src_id 
_entity_src_gen.pdbx_alt_source_flag 
_entity_src_gen.pdbx_seq_type 
_entity_src_gen.pdbx_beg_seq_num 
_entity_src_gen.pdbx_end_seq_num 
_entity_src_gen.gene_src_common_name 
_entity_src_gen.gene_src_genus 
_entity_src_gen.pdbx_gene_src_gene 
_entity_src_gen.gene_src_species 
_entity_src_gen.gene_src_strain 
_entity_src_gen.gene_src_tissue 
_entity_src_gen.gene_src_tissue_fraction 
_entity_src_gen.gene_src_details 
_entity_src_gen.pdbx_gene_src_fragment 
_entity_src_gen.pdbx_gene_src_scientific_name 
_entity_src_gen.pdbx_gene_src_ncbi_taxonomy_id 
_entity_src_gen.pdbx_gene_src_variant 
_entity_src_gen.pdbx_gene_src_cell_line 
_entity_src_gen.pdbx_gene_src_atcc 
_entity_src_gen.pdbx_gene_src_organ 
_entity_src_gen.pdbx_gene_src_organelle 
_entity_src_gen.pdbx_gene_src_cell 
_entity_src_gen.pdbx_gene_src_cellular_location 
_entity_src_gen.host_org_common_name 
_entity_src_gen.pdbx_host_org_scientific_name 
_entity_src_gen.pdbx_host_org_ncbi_taxonomy_id 
_entity_src_gen.host_org_genus 
_entity_src_gen.pdbx_host_org_gene 
_entity_src_gen.pdbx_host_org_organ 
_entity_src_gen.host_org_species 
_entity_src_gen.pdbx_host_org_tissue 
_entity_src_gen.pdbx_host_org_tissue_fraction 
_entity_src_gen.pdbx_host_org_strain 
_entity_src_gen.pdbx_host_org_variant 
_entity_src_gen.pdbx_host_org_cell_line 
_entity_src_gen.pdbx_host_org_atcc 
_entity_src_gen.pdbx_host_org_culture_collection 
_entity_src_gen.pdbx_host_org_cell 
_entity_src_gen.pdbx_host_org_organelle 
_entity_src_gen.pdbx_host_org_cellular_location 
_entity_src_gen.pdbx_host_org_vector_type 
_entity_src_gen.pdbx_host_org_vector 
_entity_src_gen.host_org_details 
_entity_src_gen.expression_system_id 
_entity_src_gen.plasmid_name 
_entity_src_gen.plasmid_details 
_entity_src_gen.pdbx_description 
1 1 sample 'Biological sequence' 1 150 ? ? ? ? ? ? ? ? ? 'Coxsackievirus A16' 31704 ? ? ? ? ? ? ? ? 'Escherichia coli' 562 ? ? ? ? 
? ? ? ? ? ? ? ? ? ? ? ? ? ? ? ? ? 
2 1 sample ?                     ? ?   ? ? ? ? ? ? ? ? ? 'Coxsackievirus A16' 31704 ? ? ? ? ? ? ? ? 'Escherichia coli' 562 ? ? ? ? 
? ? ? ? ? ? ? ? ? ? ? ? ? ? ? ? ? 
# 
loop_
_chem_comp.id 
_chem_comp.type 
_chem_comp.mon_nstd_flag 
_chem_comp.name 
_chem_comp.pdbx_synonyms 
_chem_comp.formula 
_chem_comp.formula_weight 
ALA 'L-peptide linking' y ALANINE                            ? 'C3 H7 N O2'     89.093  
ARG 'L-peptide linking' y ARGININE                           ? 'C6 H15 N4 O2 1' 175.209 
ASN 'L-peptide linking' y ASPARAGINE                         ? 'C4 H8 N2 O3'    132.118 
ASP 'L-peptide linking' y 'ASPARTIC ACID'                    ? 'C4 H7 N O4'     133.103 
CYS 'L-peptide linking' y CYSTEINE                           ? 'C3 H7 N O2 S'   121.158 
DMS non-polymer         . 'DIMETHYL SULFOXIDE'               ? 'C2 H6 O S'      78.133  
GLN 'L-peptide linking' y GLUTAMINE                          ? 'C5 H10 N2 O3'   146.144 
GLU 'L-peptide linking' y 'GLUTAMIC ACID'                    ? 'C5 H9 N O4'     147.129 
GLY 'peptide linking'   y GLYCINE                            ? 'C2 H5 N O2'     75.067  
HIS 'L-peptide linking' y HISTIDINE                          ? 'C6 H10 N3 O2 1' 156.162 
HOH non-polymer         . WATER                              ? 'H2 O'           18.015  
ILE 'L-peptide linking' y ISOLEUCINE                         ? 'C6 H13 N O2'    131.173 
LEU 'L-peptide linking' y LEUCINE                            ? 'C6 H13 N O2'    131.173 
LYS 'L-peptide linking' y LYSINE                             ? 'C6 H15 N2 O2 1' 147.195 
MET 'L-peptide linking' y METHIONINE                         ? 'C5 H11 N O2 S'  149.211 
PHE 'L-peptide linking' y PHENYLALANINE                      ? 'C9 H11 N O2'    165.189 
PRO 'L-peptide linking' y PROLINE                            ? 'C5 H9 N O2'     115.130 
SER 'L-peptide linking' y SERINE                             ? 'C3 H7 N O3'     105.093 
SO4 non-polymer         . 'SULFATE ION'                      ? 'O4 S -2'        96.063  
THR 'L-peptide linking' y THREONINE                          ? 'C4 H9 N O3'     119.119 
TRP 'L-peptide linking' y TRYPTOPHAN                         ? 'C11 H12 N2 O2'  204.225 
TYR 'L-peptide linking' y TYROSINE                           ? 'C9 H11 N O3'    181.189 
VAL 'L-peptide linking' y VALINE                             ? 'C5 H11 N O2'    117.146 
ZN  non-polymer         . 'ZINC ION'                         ? 'Zn 2'           65.409  
ZUG non-polymer         . N,N-dimethylpyridine-3-sulfonamide ? 'C7 H10 N2 O2 S' 186.231 
# 
loop_
_pdbx_poly_seq_scheme.asym_id 
_pdbx_poly_seq_scheme.entity_id 
_pdbx_poly_seq_scheme.seq_id 
_pdbx_poly_seq_scheme.mon_id 
_pdbx_poly_seq_scheme.ndb_seq_num 
_pdbx_poly_seq_scheme.pdb_seq_num 
_pdbx_poly_seq_scheme.auth_seq_num 
_pdbx_poly_seq_scheme.pdb_mon_id 
_pdbx_poly_seq_scheme.auth_mon_id 
_pdbx_poly_seq_scheme.pdb_strand_id 
_pdbx_poly_seq_scheme.pdb_ins_code 
_pdbx_poly_seq_scheme.hetero 
A 1 1   GLN 1   1   ?   ?   ?   A . n 
A 1 2   GLU 2   2   ?   ?   ?   A . n 
A 1 3   GLN 3   3   ?   ?   ?   A . n 
A 1 4   THR 4   4   ?   ?   ?   A . n 
A 1 5   GLY 5   5   ?   ?   ?   A . n 
A 1 6   GLY 6   6   ?   ?   ?   A . n 
A 1 7   SER 7   7   7   SER SER A . n 
A 1 8   GLY 8   8   8   GLY GLY A . n 
A 1 9   ALA 9   9   9   ALA ALA A . n 
A 1 10  ILE 10  10  10  ILE ILE A . n 
A 1 11  TYR 11  11  11  TYR TYR A . n 
A 1 12  VAL 12  12  12  VAL VAL A . n 
A 1 13  GLY 13  13  13  GLY GLY A . n 
A 1 14  ASN 14  14  14  ASN ASN A . n 
A 1 15  TYR 15  15  15  TYR TYR A . n 
A 1 16  ARG 16  16  16  ARG ARG A . n 
A 1 17  VAL 17  17  17  VAL VAL A . n 
A 1 18  VAL 18  18  18  VAL VAL A . n 
A 1 19  ASN 19  19  19  ASN ASN A . n 
A 1 20  ARG 20  20  20  ARG ARG A . n 
A 1 21  HIS 21  21  21  HIS HIS A . n 
A 1 22  LEU 22  22  22  LEU LEU A . n 
A 1 23  ALA 23  23  23  ALA ALA A . n 
A 1 24  THR 24  24  24  THR THR A . n 
A 1 25  HIS 25  25  25  HIS HIS A . n 
A 1 26  ASN 26  26  26  ASN ASN A . n 
A 1 27  ASP 27  27  27  ASP ASP A . n 
A 1 28  TRP 28  28  28  TRP TRP A . n 
A 1 29  ALA 29  29  29  ALA ALA A . n 
A 1 30  ASN 30  30  30  ASN ASN A . n 
A 1 31  LEU 31  31  31  LEU LEU A . n 
A 1 32  VAL 32  32  32  VAL VAL A . n 
A 1 33  TRP 33  33  33  TRP TRP A . n 
A 1 34  GLU 34  34  34  GLU GLU A . n 
A 1 35  ASP 35  35  35  ASP ASP A . n 
A 1 36  SER 36  36  36  SER SER A . n 
A 1 37  SER 37  37  37  SER SER A . n 
A 1 38  ARG 38  38  38  ARG ARG A . n 
A 1 39  ASP 39  39  39  ASP ASP A . n 
A 1 40  LEU 40  40  40  LEU LEU A . n 
A 1 41  LEU 41  41  41  LEU LEU A . n 
A 1 42  VAL 42  42  42  VAL VAL A . n 
A 1 43  SER 43  43  43  SER SER A . n 
A 1 44  SER 44  44  44  SER SER A . n 
A 1 45  THR 45  45  45  THR THR A . n 
A 1 46  THR 46  46  46  THR THR A . n 
A 1 47  ALA 47  47  47  ALA ALA A . n 
A 1 48  GLN 48  48  48  GLN GLN A . n 
A 1 49  GLY 49  49  49  GLY GLY A . n 
A 1 50  CYS 50  50  50  CYS CYS A . n 
A 1 51  ASP 51  51  51  ASP ASP A . n 
A 1 52  THR 52  52  52  THR THR A . n 
A 1 53  ILE 53  53  53  ILE ILE A . n 
A 1 54  ALA 54  54  54  ALA ALA A . n 
A 1 55  ARG 55  55  55  ARG ARG A . n 
A 1 56  CYS 56  56  56  CYS CYS A . n 
A 1 57  ASP 57  57  57  ASP ASP A . n 
A 1 58  CYS 58  58  58  CYS CYS A . n 
A 1 59  GLN 59  59  59  GLN GLN A . n 
A 1 60  THR 60  60  60  THR THR A . n 
A 1 61  GLY 61  61  61  GLY GLY A . n 
A 1 62  VAL 62  62  62  VAL VAL A . n 
A 1 63  TYR 63  63  63  TYR TYR A . n 
A 1 64  TYR 64  64  64  TYR TYR A . n 
A 1 65  CYS 65  65  65  CYS CYS A . n 
A 1 66  SER 66  66  66  SER SER A . n 
A 1 67  SER 67  67  67  SER SER A . n 
A 1 68  ARG 68  68  68  ARG ARG A . n 
A 1 69  ARG 69  69  69  ARG ARG A . n 
A 1 70  LYS 70  70  70  LYS LYS A . n 
A 1 71  HIS 71  71  71  HIS HIS A . n 
A 1 72  TYR 72  72  72  TYR TYR A . n 
A 1 73  PRO 73  73  73  PRO PRO A . n 
A 1 74  VAL 74  74  74  VAL VAL A . n 
A 1 75  SER 75  75  75  SER SER A . n 
A 1 76  PHE 76  76  76  PHE PHE A . n 
A 1 77  SER 77  77  77  SER SER A . n 
A 1 78  LYS 78  78  78  LYS LYS A . n 
A 1 79  PRO 79  79  79  PRO PRO A . n 
A 1 80  SER 80  80  80  SER SER A . n 
A 1 81  LEU 81  81  81  LEU LEU A . n 
A 1 82  ILE 82  82  82  ILE ILE A . n 
A 1 83  PHE 83  83  83  PHE PHE A . n 
A 1 84  VAL 84  84  84  VAL VAL A . n 
A 1 85  GLU 85  85  85  GLU GLU A . n 
A 1 86  ALA 86  86  86  ALA ALA A . n 
A 1 87  SER 87  87  87  SER SER A . n 
A 1 88  GLU 88  88  88  GLU GLU A . n 
A 1 89  TYR 89  89  89  TYR TYR A . n 
A 1 90  TYR 90  90  90  TYR TYR A . n 
A 1 91  PRO 91  91  91  PRO PRO A . n 
A 1 92  ALA 92  92  92  ALA ALA A . n 
A 1 93  ARG 93  93  93  ARG ARG A . n 
A 1 94  TYR 94  94  94  TYR TYR A . n 
A 1 95  GLN 95  95  95  GLN GLN A . n 
A 1 96  SER 96  96  96  SER SER A . n 
A 1 97  HIS 97  97  97  HIS HIS A . n 
A 1 98  LEU 98  98  98  LEU LEU A . n 
A 1 99  MET 99  99  99  MET MET A . n 
A 1 100 LEU 100 100 100 LEU LEU A . n 
A 1 101 ALA 101 101 101 ALA ALA A . n 
A 1 102 VAL 102 102 102 VAL VAL A . n 
A 1 103 GLY 103 103 103 GLY GLY A . n 
A 1 104 HIS 104 104 104 HIS HIS A . n 
A 1 105 SER 105 105 105 SER SER A . n 
A 1 106 GLU 106 106 106 GLU GLU A . n 
A 1 107 PRO 107 107 107 PRO PRO A . n 
A 1 108 GLY 108 108 108 GLY GLY A . n 
A 1 109 ASP 109 109 109 ASP ASP A . n 
A 1 110 CYS 110 110 110 CYS CYS A . n 
A 1 111 GLY 111 111 111 GLY GLY A . n 
A 1 112 GLY 112 112 112 GLY GLY A . n 
A 1 113 ILE 113 113 113 ILE ILE A . n 
A 1 114 LEU 114 114 114 LEU LEU A . n 
A 1 115 ARG 115 115 115 ARG ARG A . n 
A 1 116 CYS 116 116 116 CYS CYS A . n 
A 1 117 GLN 117 117 117 GLN GLN A . n 
A 1 118 HIS 118 118 118 HIS HIS A . n 
A 1 119 GLY 119 119 119 GLY GLY A . n 
A 1 120 VAL 120 120 120 VAL VAL A . n 
A 1 121 VAL 121 121 121 VAL VAL A . n 
A 1 122 GLY 122 122 122 GLY GLY A . n 
A 1 123 ILE 123 123 123 ILE ILE A . n 
A 1 124 VAL 124 124 124 VAL VAL A . n 
A 1 125 SER 125 125 125 SER SER A . n 
A 1 126 THR 126 126 126 THR THR A . n 
A 1 127 GLY 127 127 127 GLY GLY A . n 
A 1 128 GLY 128 128 128 GLY GLY A . n 
A 1 129 ASN 129 129 129 ASN ASN A . n 
A 1 130 GLY 130 130 130 GLY GLY A . n 
A 1 131 LEU 131 131 131 LEU LEU A . n 
A 1 132 VAL 132 132 132 VAL VAL A . n 
A 1 133 GLY 133 133 133 GLY GLY A . n 
A 1 134 PHE 134 134 134 PHE PHE A . n 
A 1 135 ALA 135 135 135 ALA ALA A . n 
A 1 136 ASP 136 136 136 ASP ASP A . n 
A 1 137 VAL 137 137 137 VAL VAL A . n 
A 1 138 ARG 138 138 138 ARG ARG A . n 
A 1 139 ASP 139 139 139 ASP ASP A . n 
A 1 140 LEU 140 140 140 LEU LEU A . n 
A 1 141 LEU 141 141 141 LEU LEU A . n 
A 1 142 TRP 142 142 142 TRP TRP A . n 
A 1 143 LEU 143 143 143 LEU LEU A . n 
A 1 144 ASP 144 144 144 ASP ASP A . n 
A 1 145 GLU 145 145 145 GLU GLU A . n 
A 1 146 GLU 146 146 146 GLU GLU A . n 
A 1 147 ALA 147 147 ?   ?   ?   A . n 
A 1 148 MET 148 148 ?   ?   ?   A . n 
A 1 149 GLU 149 149 ?   ?   ?   A . n 
A 1 150 GLN 150 150 ?   ?   ?   A . n 
# 
loop_
_pdbx_nonpoly_scheme.asym_id 
_pdbx_nonpoly_scheme.entity_id 
_pdbx_nonpoly_scheme.mon_id 
_pdbx_nonpoly_scheme.ndb_seq_num 
_pdbx_nonpoly_scheme.pdb_seq_num 
_pdbx_nonpoly_scheme.auth_seq_num 
_pdbx_nonpoly_scheme.pdb_mon_id 
_pdbx_nonpoly_scheme.auth_mon_id 
_pdbx_nonpoly_scheme.pdb_strand_id 
_pdbx_nonpoly_scheme.pdb_ins_code 
B 2 ZUG 1   201 147 ZUG LIG A . 
C 3 ZN  1   202 1   ZN  ZN  A . 
D 4 DMS 1   203 -1  DMS DMS A . 
E 4 DMS 1   204 0   DMS DMS A . 
F 4 DMS 1   205 1   DMS DMS A . 
G 4 DMS 1   206 3   DMS DMS A . 
H 4 DMS 1   207 6   DMS DMS A . 
I 5 SO4 1   208 1   SO4 SO4 A . 
J 6 HOH 1   301 96  HOH HOH A . 
J 6 HOH 2   302 137 HOH HOH A . 
J 6 HOH 3   303 227 HOH HOH A . 
J 6 HOH 4   304 238 HOH HOH A . 
J 6 HOH 5   305 3   HOH HOH A . 
J 6 HOH 6   306 150 HOH HOH A . 
J 6 HOH 7   307 215 HOH HOH A . 
J 6 HOH 8   308 79  HOH HOH A . 
J 6 HOH 9   309 186 HOH HOH A . 
J 6 HOH 10  310 34  HOH HOH A . 
J 6 HOH 11  311 94  HOH HOH A . 
J 6 HOH 12  312 110 HOH HOH A . 
J 6 HOH 13  313 245 HOH HOH A . 
J 6 HOH 14  314 161 HOH HOH A . 
J 6 HOH 15  315 181 HOH HOH A . 
J 6 HOH 16  316 183 HOH HOH A . 
J 6 HOH 17  317 193 HOH HOH A . 
J 6 HOH 18  318 116 HOH HOH A . 
J 6 HOH 19  319 217 HOH HOH A . 
J 6 HOH 20  320 131 HOH HOH A . 
J 6 HOH 21  321 30  HOH HOH A . 
J 6 HOH 22  322 250 HOH HOH A . 
J 6 HOH 23  323 68  HOH HOH A . 
J 6 HOH 24  324 4   HOH HOH A . 
J 6 HOH 25  325 148 HOH HOH A . 
J 6 HOH 26  326 77  HOH HOH A . 
J 6 HOH 27  327 104 HOH HOH A . 
J 6 HOH 28  328 152 HOH HOH A . 
J 6 HOH 29  329 124 HOH HOH A . 
J 6 HOH 30  330 72  HOH HOH A . 
J 6 HOH 31  331 52  HOH HOH A . 
J 6 HOH 32  332 180 HOH HOH A . 
J 6 HOH 33  333 60  HOH HOH A . 
J 6 HOH 34  334 109 HOH HOH A . 
J 6 HOH 35  335 59  HOH HOH A . 
J 6 HOH 36  336 103 HOH HOH A . 
J 6 HOH 37  337 173 HOH HOH A . 
J 6 HOH 38  338 191 HOH HOH A . 
J 6 HOH 39  339 211 HOH HOH A . 
J 6 HOH 40  340 29  HOH HOH A . 
J 6 HOH 41  341 46  HOH HOH A . 
J 6 HOH 42  342 249 HOH HOH A . 
J 6 HOH 43  343 16  HOH HOH A . 
J 6 HOH 44  344 205 HOH HOH A . 
J 6 HOH 45  345 37  HOH HOH A . 
J 6 HOH 46  346 178 HOH HOH A . 
J 6 HOH 47  347 28  HOH HOH A . 
J 6 HOH 48  348 70  HOH HOH A . 
J 6 HOH 49  349 21  HOH HOH A . 
J 6 HOH 50  350 33  HOH HOH A . 
J 6 HOH 51  351 67  HOH HOH A . 
J 6 HOH 52  352 167 HOH HOH A . 
J 6 HOH 53  353 88  HOH HOH A . 
J 6 HOH 54  354 49  HOH HOH A . 
J 6 HOH 55  355 182 HOH HOH A . 
J 6 HOH 56  356 36  HOH HOH A . 
J 6 HOH 57  357 107 HOH HOH A . 
J 6 HOH 58  358 39  HOH HOH A . 
J 6 HOH 59  359 7   HOH HOH A . 
J 6 HOH 60  360 97  HOH HOH A . 
J 6 HOH 61  361 2   HOH HOH A . 
J 6 HOH 62  362 57  HOH HOH A . 
J 6 HOH 63  363 195 HOH HOH A . 
J 6 HOH 64  364 24  HOH HOH A . 
J 6 HOH 65  365 184 HOH HOH A . 
J 6 HOH 66  366 141 HOH HOH A . 
J 6 HOH 67  367 111 HOH HOH A . 
J 6 HOH 68  368 133 HOH HOH A . 
J 6 HOH 69  369 82  HOH HOH A . 
J 6 HOH 70  370 216 HOH HOH A . 
J 6 HOH 71  371 45  HOH HOH A . 
J 6 HOH 72  372 26  HOH HOH A . 
J 6 HOH 73  373 53  HOH HOH A . 
J 6 HOH 74  374 119 HOH HOH A . 
J 6 HOH 75  375 168 HOH HOH A . 
J 6 HOH 76  376 43  HOH HOH A . 
J 6 HOH 77  377 25  HOH HOH A . 
J 6 HOH 78  378 120 HOH HOH A . 
J 6 HOH 79  379 78  HOH HOH A . 
J 6 HOH 80  380 13  HOH HOH A . 
J 6 HOH 81  381 27  HOH HOH A . 
J 6 HOH 82  382 9   HOH HOH A . 
J 6 HOH 83  383 42  HOH HOH A . 
J 6 HOH 84  384 47  HOH HOH A . 
J 6 HOH 85  385 41  HOH HOH A . 
J 6 HOH 86  386 179 HOH HOH A . 
J 6 HOH 87  387 247 HOH HOH A . 
J 6 HOH 88  388 106 HOH HOH A . 
J 6 HOH 89  389 126 HOH HOH A . 
J 6 HOH 90  390 71  HOH HOH A . 
J 6 HOH 91  391 50  HOH HOH A . 
J 6 HOH 92  392 81  HOH HOH A . 
J 6 HOH 93  393 147 HOH HOH A . 
J 6 HOH 94  394 121 HOH HOH A . 
J 6 HOH 95  395 19  HOH HOH A . 
J 6 HOH 96  396 63  HOH HOH A . 
J 6 HOH 97  397 169 HOH HOH A . 
J 6 HOH 98  398 214 HOH HOH A . 
J 6 HOH 99  399 12  HOH HOH A . 
J 6 HOH 100 400 138 HOH HOH A . 
J 6 HOH 101 401 248 HOH HOH A . 
J 6 HOH 102 402 177 HOH HOH A . 
J 6 HOH 103 403 219 HOH HOH A . 
J 6 HOH 104 404 54  HOH HOH A . 
J 6 HOH 105 405 197 HOH HOH A . 
J 6 HOH 106 406 204 HOH HOH A . 
J 6 HOH 107 407 14  HOH HOH A . 
J 6 HOH 108 408 234 HOH HOH A . 
J 6 HOH 109 409 144 HOH HOH A . 
J 6 HOH 110 410 18  HOH HOH A . 
J 6 HOH 111 411 198 HOH HOH A . 
J 6 HOH 112 412 174 HOH HOH A . 
J 6 HOH 113 413 95  HOH HOH A . 
J 6 HOH 114 414 17  HOH HOH A . 
J 6 HOH 115 415 15  HOH HOH A . 
J 6 HOH 116 416 20  HOH HOH A . 
J 6 HOH 117 417 55  HOH HOH A . 
J 6 HOH 118 418 48  HOH HOH A . 
J 6 HOH 119 419 62  HOH HOH A . 
J 6 HOH 120 420 113 HOH HOH A . 
J 6 HOH 121 421 100 HOH HOH A . 
J 6 HOH 122 422 155 HOH HOH A . 
J 6 HOH 123 423 40  HOH HOH A . 
J 6 HOH 124 424 76  HOH HOH A . 
J 6 HOH 125 425 132 HOH HOH A . 
J 6 HOH 126 426 38  HOH HOH A . 
J 6 HOH 127 427 170 HOH HOH A . 
J 6 HOH 128 428 84  HOH HOH A . 
J 6 HOH 129 429 118 HOH HOH A . 
J 6 HOH 130 430 146 HOH HOH A . 
J 6 HOH 131 431 105 HOH HOH A . 
J 6 HOH 132 432 90  HOH HOH A . 
J 6 HOH 133 433 64  HOH HOH A . 
J 6 HOH 134 434 31  HOH HOH A . 
J 6 HOH 135 435 220 HOH HOH A . 
J 6 HOH 136 436 112 HOH HOH A . 
J 6 HOH 137 437 80  HOH HOH A . 
J 6 HOH 138 438 11  HOH HOH A . 
J 6 HOH 139 439 91  HOH HOH A . 
J 6 HOH 140 440 176 HOH HOH A . 
J 6 HOH 141 441 51  HOH HOH A . 
J 6 HOH 142 442 102 HOH HOH A . 
J 6 HOH 143 443 69  HOH HOH A . 
J 6 HOH 144 444 203 HOH HOH A . 
J 6 HOH 145 445 212 HOH HOH A . 
J 6 HOH 146 446 23  HOH HOH A . 
J 6 HOH 147 447 58  HOH HOH A . 
J 6 HOH 148 448 66  HOH HOH A . 
J 6 HOH 149 449 10  HOH HOH A . 
J 6 HOH 150 450 89  HOH HOH A . 
J 6 HOH 151 451 5   HOH HOH A . 
J 6 HOH 152 452 6   HOH HOH A . 
J 6 HOH 153 453 61  HOH HOH A . 
J 6 HOH 154 454 136 HOH HOH A . 
J 6 HOH 155 455 74  HOH HOH A . 
J 6 HOH 156 456 192 HOH HOH A . 
J 6 HOH 157 457 135 HOH HOH A . 
J 6 HOH 158 458 35  HOH HOH A . 
J 6 HOH 159 459 123 HOH HOH A . 
J 6 HOH 160 460 237 HOH HOH A . 
J 6 HOH 161 461 101 HOH HOH A . 
J 6 HOH 162 462 210 HOH HOH A . 
J 6 HOH 163 463 246 HOH HOH A . 
J 6 HOH 164 464 224 HOH HOH A . 
J 6 HOH 165 465 159 HOH HOH A . 
J 6 HOH 166 466 156 HOH HOH A . 
J 6 HOH 167 467 230 HOH HOH A . 
J 6 HOH 168 468 200 HOH HOH A . 
J 6 HOH 169 469 213 HOH HOH A . 
J 6 HOH 170 470 93  HOH HOH A . 
J 6 HOH 171 471 22  HOH HOH A . 
J 6 HOH 172 472 171 HOH HOH A . 
J 6 HOH 173 473 117 HOH HOH A . 
J 6 HOH 174 474 98  HOH HOH A . 
J 6 HOH 175 475 108 HOH HOH A . 
J 6 HOH 176 476 65  HOH HOH A . 
J 6 HOH 177 477 87  HOH HOH A . 
J 6 HOH 178 478 154 HOH HOH A . 
J 6 HOH 179 479 162 HOH HOH A . 
J 6 HOH 180 480 233 HOH HOH A . 
J 6 HOH 181 481 158 HOH HOH A . 
J 6 HOH 182 482 218 HOH HOH A . 
J 6 HOH 183 483 175 HOH HOH A . 
J 6 HOH 184 484 207 HOH HOH A . 
J 6 HOH 185 485 157 HOH HOH A . 
J 6 HOH 186 486 231 HOH HOH A . 
J 6 HOH 187 487 190 HOH HOH A . 
J 6 HOH 188 488 201 HOH HOH A . 
J 6 HOH 189 489 228 HOH HOH A . 
J 6 HOH 190 490 151 HOH HOH A . 
J 6 HOH 191 491 239 HOH HOH A . 
J 6 HOH 192 492 134 HOH HOH A . 
J 6 HOH 193 493 127 HOH HOH A . 
J 6 HOH 194 494 140 HOH HOH A . 
J 6 HOH 195 495 99  HOH HOH A . 
J 6 HOH 196 496 122 HOH HOH A . 
J 6 HOH 197 497 240 HOH HOH A . 
J 6 HOH 198 498 189 HOH HOH A . 
J 6 HOH 199 499 232 HOH HOH A . 
J 6 HOH 200 500 86  HOH HOH A . 
J 6 HOH 201 501 225 HOH HOH A . 
J 6 HOH 202 502 172 HOH HOH A . 
J 6 HOH 203 503 83  HOH HOH A . 
J 6 HOH 204 504 226 HOH HOH A . 
J 6 HOH 205 505 163 HOH HOH A . 
J 6 HOH 206 506 73  HOH HOH A . 
J 6 HOH 207 507 229 HOH HOH A . 
J 6 HOH 208 508 32  HOH HOH A . 
J 6 HOH 209 509 223 HOH HOH A . 
J 6 HOH 210 510 142 HOH HOH A . 
J 6 HOH 211 511 221 HOH HOH A . 
J 6 HOH 212 512 85  HOH HOH A . 
J 6 HOH 213 513 185 HOH HOH A . 
J 6 HOH 214 514 202 HOH HOH A . 
J 6 HOH 215 515 209 HOH HOH A . 
J 6 HOH 216 516 236 HOH HOH A . 
J 6 HOH 217 517 165 HOH HOH A . 
J 6 HOH 218 518 187 HOH HOH A . 
J 6 HOH 219 519 56  HOH HOH A . 
J 6 HOH 220 520 129 HOH HOH A . 
J 6 HOH 221 521 75  HOH HOH A . 
J 6 HOH 222 522 208 HOH HOH A . 
J 6 HOH 223 523 235 HOH HOH A . 
J 6 HOH 224 524 241 HOH HOH A . 
J 6 HOH 225 525 199 HOH HOH A . 
J 6 HOH 226 526 114 HOH HOH A . 
J 6 HOH 227 527 206 HOH HOH A . 
J 6 HOH 228 528 153 HOH HOH A . 
J 6 HOH 229 529 92  HOH HOH A . 
J 6 HOH 230 530 222 HOH HOH A . 
J 6 HOH 231 531 251 HOH HOH A . 
J 6 HOH 232 532 160 HOH HOH A . 
J 6 HOH 233 533 125 HOH HOH A . 
J 6 HOH 234 534 242 HOH HOH A . 
J 6 HOH 235 535 243 HOH HOH A . 
J 6 HOH 236 536 164 HOH HOH A . 
J 6 HOH 237 537 244 HOH HOH A . 
# 
loop_
_software.classification 
_software.name 
_software.version 
_software.citation_id 
_software.pdbx_ordinal 
refinement       REFMAC  5.8.0267 ? 1 
refinement       REFMAC5 .        ? 2 
'data scaling'   Aimless .        ? 3 
phasing          PHASER  .        ? 4 
'data reduction' XDS     .        ? 5 
# 
_cell.entry_id           7H3L 
_cell.length_a           86.040 
_cell.length_b           56.290 
_cell.length_c           32.390 
_cell.angle_alpha        90.00 
_cell.angle_beta         95.33 
_cell.angle_gamma        90.00 
_cell.Z_PDB              4 
_cell.pdbx_unique_axis   ? 
# 
_symmetry.entry_id                         7H3L 
_symmetry.space_group_name_H-M             'C 1 2 1' 
_symmetry.pdbx_full_space_group_name_H-M   ? 
_symmetry.cell_setting                     ? 
_symmetry.Int_Tables_number                5 
# 
_exptl.entry_id          7H3L 
_exptl.method            'X-RAY DIFFRACTION' 
_exptl.crystals_number   1 
# 
_exptl_crystal.id                    1 
_exptl_crystal.density_meas          ? 
_exptl_crystal.density_Matthews      2.37 
_exptl_crystal.density_percent_sol   48.05 
_exptl_crystal.description           ? 
# 
_exptl_crystal_grow.crystal_id      1 
_exptl_crystal_grow.method          'VAPOR DIFFUSION, SITTING DROP' 
_exptl_crystal_grow.pH              6.05 
_exptl_crystal_grow.temp            293.15 
_exptl_crystal_grow.pdbx_details    '0.1 M MES, pH 6.05, 16 % PEG 20,000' 
_exptl_crystal_grow.temp_details    ? 
_exptl_crystal_grow.pdbx_pH_range   ? 
# 
_diffrn.id                     1 
_diffrn.ambient_temp           100 
_diffrn.crystal_id             1 
_diffrn.ambient_temp_details   ? 
# 
_diffrn_detector.detector               PIXEL 
_diffrn_detector.type                   'DECTRIS EIGER2 XE 16M' 
_diffrn_detector.pdbx_collection_date   2023-10-11 
_diffrn_detector.diffrn_id              1 
_diffrn_detector.details                ? 
# 
_diffrn_radiation.diffrn_id                        1 
_diffrn_radiation.wavelength_id                    1 
_diffrn_radiation.pdbx_diffrn_protocol             'SINGLE WAVELENGTH' 
_diffrn_radiation.pdbx_monochromatic_or_laue_m_l   ? 
_diffrn_radiation.monochromator                    ? 
_diffrn_radiation.pdbx_scattering_type             x-ray 
# 
_diffrn_radiation_wavelength.id           1 
_diffrn_radiation_wavelength.wavelength   0.94055 
_diffrn_radiation_wavelength.wt           1.0 
# 
_diffrn_source.diffrn_id                   1 
_diffrn_source.source                      SYNCHROTRON 
_diffrn_source.type                        'DIAMOND BEAMLINE I03' 
_diffrn_source.pdbx_wavelength_list        0.94055 
_diffrn_source.pdbx_synchrotron_site       Diamond 
_diffrn_source.pdbx_synchrotron_beamline   I03 
_diffrn_source.pdbx_wavelength             ? 
# 
_reflns.entry_id                     7H3L 
_reflns.pdbx_diffrn_id               1 
_reflns.pdbx_ordinal                 1 
_reflns.d_resolution_low             42.83 
_reflns.d_resolution_high            1.27 
_reflns.number_obs                   39113 
_reflns.percent_possible_obs         96.5 
_reflns.pdbx_Rmerge_I_obs            0.130 
_reflns.pdbx_netI_over_sigmaI        9.1 
_reflns.pdbx_redundancy              6.9 
_reflns.pdbx_Rrim_I_all              0.141 
_reflns.pdbx_Rpim_I_all              0.054 
_reflns.pdbx_CC_half                 0.994 
_reflns.pdbx_number_measured_all     269269 
_reflns.pdbx_chi_squared             0.99 
_reflns.observed_criterion_sigma_I   ? 
_reflns.observed_criterion_sigma_F   ? 
_reflns.number_all                   ? 
_reflns.pdbx_Rsym_value              ? 
_reflns.B_iso_Wilson_estimate        ? 
# 
_reflns_shell.pdbx_diffrn_id              1 
_reflns_shell.pdbx_ordinal                1 
_reflns_shell.d_res_high                  1.27 
_reflns_shell.d_res_low                   1.30 
_reflns_shell.number_measured_all         20015 
_reflns_shell.number_unique_obs           2873 
_reflns_shell.Rmerge_I_obs                2.155 
_reflns_shell.pdbx_chi_squared            0.87 
_reflns_shell.pdbx_redundancy             7.0 
_reflns_shell.percent_possible_obs        95.1 
_reflns_shell.pdbx_netI_over_sigmaI_obs   0.9 
_reflns_shell.pdbx_Rrim_I_all             2.326 
_reflns_shell.pdbx_Rpim_I_all             0.868 
_reflns_shell.pdbx_CC_half                0.310 
_reflns_shell.percent_possible_all        ? 
_reflns_shell.pdbx_Rsym_value             ? 
_reflns_shell.meanI_over_sigI_obs         ? 
# 
_refine.pdbx_refine_id                           'X-RAY DIFFRACTION' 
_refine.entry_id                                 7H3L 
_refine.pdbx_diffrn_id                           1 
_refine.pdbx_TLS_residual_ADP_flag               ? 
_refine.ls_number_reflns_obs                     37175 
_refine.ls_number_reflns_all                     ? 
_refine.pdbx_ls_sigma_I                          ? 
_refine.pdbx_ls_sigma_F                          ? 
_refine.pdbx_data_cutoff_high_absF               ? 
_refine.pdbx_data_cutoff_low_absF                ? 
_refine.pdbx_data_cutoff_high_rms_absF           ? 
_refine.ls_d_res_low                             42.87 
_refine.ls_d_res_high                            1.27 
_refine.ls_percent_reflns_obs                    96.21 
_refine.ls_R_factor_obs                          0.18267 
_refine.ls_R_factor_all                          ? 
_refine.ls_R_factor_R_work                       0.18165 
_refine.ls_R_factor_R_free                       0.20131 
_refine.ls_R_factor_R_free_error                 ? 
_refine.ls_R_factor_R_free_error_details         ? 
_refine.ls_percent_reflns_R_free                 4.9 
_refine.ls_number_reflns_R_free                  1933 
_refine.ls_number_parameters                     ? 
_refine.ls_number_restraints                     ? 
_refine.occupancy_min                            ? 
_refine.occupancy_max                            ? 
_refine.correlation_coeff_Fo_to_Fc               0.967 
_refine.correlation_coeff_Fo_to_Fc_free          0.961 
_refine.B_iso_mean                               15.813 
_refine.aniso_B[1][1]                            0.06 
_refine.aniso_B[2][2]                            0.28 
_refine.aniso_B[3][3]                            -0.28 
_refine.aniso_B[1][2]                            0.00 
_refine.aniso_B[1][3]                            -0.26 
_refine.aniso_B[2][3]                            0.00 
_refine.solvent_model_details                    MASK 
_refine.solvent_model_param_ksol                 ? 
_refine.solvent_model_param_bsol                 ? 
_refine.pdbx_solvent_vdw_probe_radii             1.20 
_refine.pdbx_solvent_ion_probe_radii             0.80 
_refine.pdbx_solvent_shrinkage_radii             0.80 
_refine.pdbx_ls_cross_valid_method               THROUGHOUT 
_refine.details                                  'HYDROGENS HAVE BEEN ADDED IN THE RIDING POSITIONS' 
_refine.pdbx_starting_model                      ? 
_refine.pdbx_method_to_determine_struct          'MOLECULAR REPLACEMENT' 
_refine.pdbx_isotropic_thermal_model             ? 
_refine.pdbx_stereochemistry_target_values       'MAXIMUM LIKELIHOOD' 
_refine.pdbx_stereochem_target_val_spec_case     ? 
_refine.pdbx_R_Free_selection_details            RANDOM 
_refine.pdbx_overall_ESU_R                       0.051 
_refine.pdbx_overall_ESU_R_Free                  0.052 
_refine.overall_SU_ML                            ? 
_refine.pdbx_overall_phase_error                 ? 
_refine.overall_SU_B                             ? 
_refine.overall_SU_R_Cruickshank_DPI             ? 
_refine.pdbx_overall_SU_R_free_Cruickshank_DPI   ? 
_refine.pdbx_overall_SU_R_Blow_DPI               ? 
_refine.pdbx_overall_SU_R_free_Blow_DPI          ? 
# 
_refine_hist.pdbx_refine_id                   'X-RAY DIFFRACTION' 
_refine_hist.cycle_id                         1 
_refine_hist.pdbx_number_atoms_protein        1083 
_refine_hist.pdbx_number_atoms_nucleic_acid   0 
_refine_hist.pdbx_number_atoms_ligand         38 
_refine_hist.number_atoms_solvent             237 
_refine_hist.number_atoms_total               1358 
_refine_hist.d_res_high                       1.27 
_refine_hist.d_res_low                        42.87 
# 
loop_
_refine_ls_restr.type 
_refine_ls_restr.dev_ideal 
_refine_ls_restr.dev_ideal_target 
_refine_ls_restr.weight 
_refine_ls_restr.number 
_refine_ls_restr.pdbx_refine_id 
_refine_ls_restr.pdbx_restraint_function 
r_bond_refined_d             0.013  0.013  ? 1270 'X-RAY DIFFRACTION' ? 
r_bond_other_d               0.036  0.014  ? 1075 'X-RAY DIFFRACTION' ? 
r_angle_refined_deg          1.821  1.613  ? 1671 'X-RAY DIFFRACTION' ? 
r_angle_other_deg            2.429  1.603  ? 2467 'X-RAY DIFFRACTION' ? 
r_dihedral_angle_1_deg       6.568  5.000  ? 157  'X-RAY DIFFRACTION' ? 
r_dihedral_angle_2_deg       33.500 21.385 ? 65   'X-RAY DIFFRACTION' ? 
r_dihedral_angle_3_deg       12.576 15.000 ? 175  'X-RAY DIFFRACTION' ? 
r_dihedral_angle_4_deg       24.669 15.000 ? 9    'X-RAY DIFFRACTION' ? 
r_chiral_restr               0.092  0.200  ? 150  'X-RAY DIFFRACTION' ? 
r_gen_planes_refined         0.012  0.020  ? 1505 'X-RAY DIFFRACTION' ? 
r_gen_planes_other           0.021  0.020  ? 301  'X-RAY DIFFRACTION' ? 
r_nbd_refined                ?      ?      ? ?    'X-RAY DIFFRACTION' ? 
r_nbd_other                  ?      ?      ? ?    'X-RAY DIFFRACTION' ? 
r_nbtor_refined              ?      ?      ? ?    'X-RAY DIFFRACTION' ? 
r_nbtor_other                ?      ?      ? ?    'X-RAY DIFFRACTION' ? 
r_xyhbond_nbd_refined        ?      ?      ? ?    'X-RAY DIFFRACTION' ? 
r_xyhbond_nbd_other          ?      ?      ? ?    'X-RAY DIFFRACTION' ? 
r_metal_ion_refined          ?      ?      ? ?    'X-RAY DIFFRACTION' ? 
r_metal_ion_other            ?      ?      ? ?    'X-RAY DIFFRACTION' ? 
r_symmetry_vdw_refined       ?      ?      ? ?    'X-RAY DIFFRACTION' ? 
r_symmetry_vdw_other         ?      ?      ? ?    'X-RAY DIFFRACTION' ? 
r_symmetry_hbond_refined     ?      ?      ? ?    'X-RAY DIFFRACTION' ? 
r_symmetry_hbond_other       ?      ?      ? ?    'X-RAY DIFFRACTION' ? 
r_symmetry_metal_ion_refined ?      ?      ? ?    'X-RAY DIFFRACTION' ? 
r_symmetry_metal_ion_other   ?      ?      ? ?    'X-RAY DIFFRACTION' ? 
r_mcbond_it                  1.254  1.391  ? 632  'X-RAY DIFFRACTION' ? 
r_mcbond_other               1.256  1.388  ? 630  'X-RAY DIFFRACTION' ? 
r_mcangle_it                 1.889  2.068  ? 771  'X-RAY DIFFRACTION' ? 
r_mcangle_other              1.887  2.070  ? 772  'X-RAY DIFFRACTION' ? 
r_scbond_it                  2.083  1.664  ? 635  'X-RAY DIFFRACTION' ? 
r_scbond_other               2.082  1.663  ? 635  'X-RAY DIFFRACTION' ? 
r_scangle_it                 ?      ?      ? ?    'X-RAY DIFFRACTION' ? 
r_scangle_other              2.987  2.401  ? 895  'X-RAY DIFFRACTION' ? 
r_long_range_B_refined       5.027  19.227 ? 1460 'X-RAY DIFFRACTION' ? 
r_long_range_B_other         5.025  19.245 ? 1461 'X-RAY DIFFRACTION' ? 
r_rigid_bond_restr           ?      ?      ? ?    'X-RAY DIFFRACTION' ? 
r_sphericity_free            ?      ?      ? ?    'X-RAY DIFFRACTION' ? 
r_sphericity_bonded          ?      ?      ? ?    'X-RAY DIFFRACTION' ? 
# 
_refine_ls_shell.pdbx_refine_id                   'X-RAY DIFFRACTION' 
_refine_ls_shell.pdbx_total_number_of_bins_used   20 
_refine_ls_shell.d_res_high                       1.270 
_refine_ls_shell.d_res_low                        1.303 
_refine_ls_shell.number_reflns_R_work             2740 
_refine_ls_shell.R_factor_R_work                  0.346 
_refine_ls_shell.percent_reflns_obs               94.75 
_refine_ls_shell.R_factor_R_free                  0.313 
_refine_ls_shell.R_factor_R_free_error            ? 
_refine_ls_shell.percent_reflns_R_free            ? 
_refine_ls_shell.number_reflns_R_free             130 
_refine_ls_shell.number_reflns_all                ? 
_refine_ls_shell.R_factor_all                     ? 
# 
_struct.entry_id                  7H3L 
_struct.title                     
;Group deposition for crystallographic fragment screening of Coxsackievirus A16 (G-10) 2A protease -- Crystal structure of Coxsackievirus A16 (G-10) 2A protease in complex with Z751811134 (A71EV2A-x0428)
;
_struct.pdbx_model_details        ? 
_struct.pdbx_CASP_flag            ? 
_struct.pdbx_model_type_details   ? 
# 
_struct_keywords.entry_id        7H3L 
_struct_keywords.pdbx_keywords   HYDROLASE 
_struct_keywords.text            
;Diamond Light Source, I03, ASAP, Coxsackievirus A16, crystallographic fragment screening, PanDDA, Pandda2, XChemExplorer, viral protein, HYDROLASE
;
# 
loop_
_struct_asym.id 
_struct_asym.pdbx_blank_PDB_chainid_flag 
_struct_asym.pdbx_modified 
_struct_asym.entity_id 
_struct_asym.details 
A N N 1 ? 
B N N 2 ? 
C N N 3 ? 
D N N 4 ? 
E N N 4 ? 
F N N 4 ? 
G N N 4 ? 
H N N 4 ? 
I N N 5 ? 
J N N 6 ? 
# 
_struct_ref.id                         1 
_struct_ref.db_name                    UNP 
_struct_ref.db_code                    POLG_CX16G 
_struct_ref.pdbx_db_accession          Q65900 
_struct_ref.pdbx_db_isoform            ? 
_struct_ref.entity_id                  1 
_struct_ref.pdbx_seq_one_letter_code   
;SGAIYVGNYRVVNRHLATHNDWANLVWEDSSRDLLVSSTTAQGCDTIARCDCQTGVYYCSSRRKHYPVSFSKPSLIFVEA
SEYYPARYQSHLMLAVGHSEPGDCGGILRCQHGVVGIVSTGGNGLVGFADVRDLLWLDEEAMEQ
;
_struct_ref.pdbx_align_begin           869 
# 
_struct_ref_seq.align_id                      1 
_struct_ref_seq.ref_id                        1 
_struct_ref_seq.pdbx_PDB_id_code              7H3L 
_struct_ref_seq.pdbx_strand_id                A 
_struct_ref_seq.seq_align_beg                 7 
_struct_ref_seq.pdbx_seq_align_beg_ins_code   ? 
_struct_ref_seq.seq_align_end                 150 
_struct_ref_seq.pdbx_seq_align_end_ins_code   ? 
_struct_ref_seq.pdbx_db_accession             Q65900 
_struct_ref_seq.db_align_beg                  869 
_struct_ref_seq.pdbx_db_align_beg_ins_code    ? 
_struct_ref_seq.db_align_end                  1012 
_struct_ref_seq.pdbx_db_align_end_ins_code    ? 
_struct_ref_seq.pdbx_auth_seq_align_beg       7 
_struct_ref_seq.pdbx_auth_seq_align_end       150 
# 
loop_
_struct_ref_seq_dif.align_id 
_struct_ref_seq_dif.pdbx_pdb_id_code 
_struct_ref_seq_dif.mon_id 
_struct_ref_seq_dif.pdbx_pdb_strand_id 
_struct_ref_seq_dif.seq_num 
_struct_ref_seq_dif.pdbx_pdb_ins_code 
_struct_ref_seq_dif.pdbx_seq_db_name 
_struct_ref_seq_dif.pdbx_seq_db_accession_code 
_struct_ref_seq_dif.db_mon_id 
_struct_ref_seq_dif.pdbx_seq_db_seq_num 
_struct_ref_seq_dif.details 
_struct_ref_seq_dif.pdbx_auth_seq_num 
_struct_ref_seq_dif.pdbx_ordinal 
1 7H3L GLN A 1 ? UNP Q65900 ? ? 'expression tag' 1 1 
1 7H3L GLU A 2 ? UNP Q65900 ? ? 'expression tag' 2 2 
1 7H3L GLN A 3 ? UNP Q65900 ? ? 'expression tag' 3 3 
1 7H3L THR A 4 ? UNP Q65900 ? ? 'expression tag' 4 4 
1 7H3L GLY A 5 ? UNP Q65900 ? ? 'expression tag' 5 5 
1 7H3L GLY A 6 ? UNP Q65900 ? ? 'expression tag' 6 6 
# 
_pdbx_struct_assembly.id                   1 
_pdbx_struct_assembly.details              author_and_software_defined_assembly 
_pdbx_struct_assembly.method_details       PISA 
_pdbx_struct_assembly.oligomeric_details   monomeric 
_pdbx_struct_assembly.oligomeric_count     1 
# 
loop_
_pdbx_struct_assembly_prop.biol_id 
_pdbx_struct_assembly_prop.type 
_pdbx_struct_assembly_prop.value 
_pdbx_struct_assembly_prop.details 
1 'ABSA (A^2)' 830  ? 
1 MORE         -5   ? 
1 'SSA (A^2)'  7500 ? 
# 
_pdbx_struct_assembly_gen.assembly_id       1 
_pdbx_struct_assembly_gen.oper_expression   1 
_pdbx_struct_assembly_gen.asym_id_list      A,B,C,D,E,F,G,H,I,J 
# 
_pdbx_struct_oper_list.id                   1 
_pdbx_struct_oper_list.type                 'identity operation' 
_pdbx_struct_oper_list.name                 1_555 
_pdbx_struct_oper_list.symmetry_operation   x,y,z 
_pdbx_struct_oper_list.matrix[1][1]         1.0000000000 
_pdbx_struct_oper_list.matrix[1][2]         0.0000000000 
_pdbx_struct_oper_list.matrix[1][3]         0.0000000000 
_pdbx_struct_oper_list.vector[1]            0.0000000000 
_pdbx_struct_oper_list.matrix[2][1]         0.0000000000 
_pdbx_struct_oper_list.matrix[2][2]         1.0000000000 
_pdbx_struct_oper_list.matrix[2][3]         0.0000000000 
_pdbx_struct_oper_list.vector[2]            0.0000000000 
_pdbx_struct_oper_list.matrix[3][1]         0.0000000000 
_pdbx_struct_oper_list.matrix[3][2]         0.0000000000 
_pdbx_struct_oper_list.matrix[3][3]         1.0000000000 
_pdbx_struct_oper_list.vector[3]            0.0000000000 
# 
loop_
_struct_conf.conf_type_id 
_struct_conf.id 
_struct_conf.pdbx_PDB_helix_id 
_struct_conf.beg_label_comp_id 
_struct_conf.beg_label_asym_id 
_struct_conf.beg_label_seq_id 
_struct_conf.pdbx_beg_PDB_ins_code 
_struct_conf.end_label_comp_id 
_struct_conf.end_label_asym_id 
_struct_conf.end_label_seq_id 
_struct_conf.pdbx_end_PDB_ins_code 
_struct_conf.beg_auth_comp_id 
_struct_conf.beg_auth_asym_id 
_struct_conf.beg_auth_seq_id 
_struct_conf.end_auth_comp_id 
_struct_conf.end_auth_asym_id 
_struct_conf.end_auth_seq_id 
_struct_conf.pdbx_PDB_helix_class 
_struct_conf.details 
_struct_conf.pdbx_PDB_helix_length 
HELX_P HELX_P1 AA1 HIS A 21  ? ALA A 23  ? HIS A 21  ALA A 23  5 ? 3 
HELX_P HELX_P2 AA2 THR A 24  ? ASN A 30  ? THR A 24  ASN A 30  1 ? 7 
HELX_P HELX_P3 AA3 SER A 36  ? ARG A 38  ? SER A 36  ARG A 38  5 ? 3 
HELX_P HELX_P4 AA4 SER A 66  ? ARG A 69  ? SER A 66  ARG A 69  5 ? 4 
HELX_P HELX_P5 AA5 GLU A 106 ? CYS A 110 ? GLU A 106 CYS A 110 5 ? 5 
HELX_P HELX_P6 AA6 LEU A 140 ? GLU A 145 ? LEU A 140 GLU A 145 5 ? 6 
# 
_struct_conf_type.id          HELX_P 
_struct_conf_type.criteria    ? 
_struct_conf_type.reference   ? 
# 
loop_
_struct_conn.id 
_struct_conn.conn_type_id 
_struct_conn.pdbx_leaving_atom_flag 
_struct_conn.pdbx_PDB_id 
_struct_conn.ptnr1_label_asym_id 
_struct_conn.ptnr1_label_comp_id 
_struct_conn.ptnr1_label_seq_id 
_struct_conn.ptnr1_label_atom_id 
_struct_conn.pdbx_ptnr1_label_alt_id 
_struct_conn.pdbx_ptnr1_PDB_ins_code 
_struct_conn.pdbx_ptnr1_standard_comp_id 
_struct_conn.ptnr1_symmetry 
_struct_conn.ptnr2_label_asym_id 
_struct_conn.ptnr2_label_comp_id 
_struct_conn.ptnr2_label_seq_id 
_struct_conn.ptnr2_label_atom_id 
_struct_conn.pdbx_ptnr2_label_alt_id 
_struct_conn.pdbx_ptnr2_PDB_ins_code 
_struct_conn.ptnr1_auth_asym_id 
_struct_conn.ptnr1_auth_comp_id 
_struct_conn.ptnr1_auth_seq_id 
_struct_conn.ptnr2_auth_asym_id 
_struct_conn.ptnr2_auth_comp_id 
_struct_conn.ptnr2_auth_seq_id 
_struct_conn.ptnr2_symmetry 
_struct_conn.pdbx_ptnr3_label_atom_id 
_struct_conn.pdbx_ptnr3_label_seq_id 
_struct_conn.pdbx_ptnr3_label_comp_id 
_struct_conn.pdbx_ptnr3_label_asym_id 
_struct_conn.pdbx_ptnr3_label_alt_id 
_struct_conn.pdbx_ptnr3_PDB_ins_code 
_struct_conn.details 
_struct_conn.pdbx_dist_value 
_struct_conn.pdbx_value_order 
_struct_conn.pdbx_role 
metalc1 metalc ? ? A CYS 56  SG  ? ? ? 1_555 C ZN . ZN ? ? A CYS 56  A ZN 202 1_555 ? ? ? ? ? ? ? 2.334 ? ? 
metalc2 metalc ? ? A CYS 58  SG  ? ? ? 1_555 C ZN . ZN ? ? A CYS 58  A ZN 202 1_555 ? ? ? ? ? ? ? 2.332 ? ? 
metalc3 metalc ? ? A CYS 116 SG  ? ? ? 1_555 C ZN . ZN ? ? A CYS 116 A ZN 202 1_555 ? ? ? ? ? ? ? 2.270 ? ? 
metalc4 metalc ? ? A HIS 118 ND1 ? ? ? 1_555 C ZN . ZN ? ? A HIS 118 A ZN 202 1_555 ? ? ? ? ? ? ? 2.089 ? ? 
# 
_struct_conn_type.id          metalc 
_struct_conn_type.criteria    ? 
_struct_conn_type.reference   ? 
# 
loop_
_pdbx_struct_conn_angle.id 
_pdbx_struct_conn_angle.ptnr1_label_atom_id 
_pdbx_struct_conn_angle.ptnr1_label_alt_id 
_pdbx_struct_conn_angle.ptnr1_label_asym_id 
_pdbx_struct_conn_angle.ptnr1_label_comp_id 
_pdbx_struct_conn_angle.ptnr1_label_seq_id 
_pdbx_struct_conn_angle.ptnr1_auth_atom_id 
_pdbx_struct_conn_angle.ptnr1_auth_asym_id 
_pdbx_struct_conn_angle.ptnr1_auth_comp_id 
_pdbx_struct_conn_angle.ptnr1_auth_seq_id 
_pdbx_struct_conn_angle.ptnr1_PDB_ins_code 
_pdbx_struct_conn_angle.ptnr1_symmetry 
_pdbx_struct_conn_angle.ptnr2_label_atom_id 
_pdbx_struct_conn_angle.ptnr2_label_alt_id 
_pdbx_struct_conn_angle.ptnr2_label_asym_id 
_pdbx_struct_conn_angle.ptnr2_label_comp_id 
_pdbx_struct_conn_angle.ptnr2_label_seq_id 
_pdbx_struct_conn_angle.ptnr2_auth_atom_id 
_pdbx_struct_conn_angle.ptnr2_auth_asym_id 
_pdbx_struct_conn_angle.ptnr2_auth_comp_id 
_pdbx_struct_conn_angle.ptnr2_auth_seq_id 
_pdbx_struct_conn_angle.ptnr2_PDB_ins_code 
_pdbx_struct_conn_angle.ptnr2_symmetry 
_pdbx_struct_conn_angle.ptnr3_label_atom_id 
_pdbx_struct_conn_angle.ptnr3_label_alt_id 
_pdbx_struct_conn_angle.ptnr3_label_asym_id 
_pdbx_struct_conn_angle.ptnr3_label_comp_id 
_pdbx_struct_conn_angle.ptnr3_label_seq_id 
_pdbx_struct_conn_angle.ptnr3_auth_atom_id 
_pdbx_struct_conn_angle.ptnr3_auth_asym_id 
_pdbx_struct_conn_angle.ptnr3_auth_comp_id 
_pdbx_struct_conn_angle.ptnr3_auth_seq_id 
_pdbx_struct_conn_angle.ptnr3_PDB_ins_code 
_pdbx_struct_conn_angle.ptnr3_symmetry 
_pdbx_struct_conn_angle.value 
_pdbx_struct_conn_angle.value_esd 
1 SG ? A CYS 56  ? A CYS 56  ? 1_555 ZN ? C ZN . ? A ZN 202 ? 1_555 SG  ? A CYS 58  ? A CYS 58  ? 1_555 109.9 ? 
2 SG ? A CYS 56  ? A CYS 56  ? 1_555 ZN ? C ZN . ? A ZN 202 ? 1_555 SG  ? A CYS 116 ? A CYS 116 ? 1_555 105.9 ? 
3 SG ? A CYS 58  ? A CYS 58  ? 1_555 ZN ? C ZN . ? A ZN 202 ? 1_555 SG  ? A CYS 116 ? A CYS 116 ? 1_555 117.8 ? 
4 SG ? A CYS 56  ? A CYS 56  ? 1_555 ZN ? C ZN . ? A ZN 202 ? 1_555 ND1 ? A HIS 118 ? A HIS 118 ? 1_555 104.1 ? 
5 SG ? A CYS 58  ? A CYS 58  ? 1_555 ZN ? C ZN . ? A ZN 202 ? 1_555 ND1 ? A HIS 118 ? A HIS 118 ? 1_555 101.3 ? 
6 SG ? A CYS 116 ? A CYS 116 ? 1_555 ZN ? C ZN . ? A ZN 202 ? 1_555 ND1 ? A HIS 118 ? A HIS 118 ? 1_555 116.9 ? 
# 
loop_
_struct_sheet.id 
_struct_sheet.type 
_struct_sheet.number_strands 
_struct_sheet.details 
AA1 ? 4 ? 
AA2 ? 7 ? 
# 
loop_
_struct_sheet_order.sheet_id 
_struct_sheet_order.range_id_1 
_struct_sheet_order.range_id_2 
_struct_sheet_order.offset 
_struct_sheet_order.sense 
AA1 1 2 ? anti-parallel 
AA1 2 3 ? anti-parallel 
AA1 3 4 ? anti-parallel 
AA2 1 2 ? anti-parallel 
AA2 2 3 ? anti-parallel 
AA2 3 4 ? anti-parallel 
AA2 4 5 ? anti-parallel 
AA2 5 6 ? anti-parallel 
AA2 6 7 ? anti-parallel 
# 
loop_
_struct_sheet_range.sheet_id 
_struct_sheet_range.id 
_struct_sheet_range.beg_label_comp_id 
_struct_sheet_range.beg_label_asym_id 
_struct_sheet_range.beg_label_seq_id 
_struct_sheet_range.pdbx_beg_PDB_ins_code 
_struct_sheet_range.end_label_comp_id 
_struct_sheet_range.end_label_asym_id 
_struct_sheet_range.end_label_seq_id 
_struct_sheet_range.pdbx_end_PDB_ins_code 
_struct_sheet_range.beg_auth_comp_id 
_struct_sheet_range.beg_auth_asym_id 
_struct_sheet_range.beg_auth_seq_id 
_struct_sheet_range.end_auth_comp_id 
_struct_sheet_range.end_auth_asym_id 
_struct_sheet_range.end_auth_seq_id 
AA1 1 ILE A 10  ? VAL A 12  ? ILE A 10  VAL A 12  
AA1 2 TYR A 15  ? ASN A 19  ? TYR A 15  ASN A 19  
AA1 3 LEU A 40  ? SER A 44  ? LEU A 40  SER A 44  
AA1 4 LEU A 31  ? ASP A 35  ? LEU A 31  ASP A 35  
AA2 1 LYS A 70  ? SER A 75  ? LYS A 70  SER A 75  
AA2 2 THR A 60  ? CYS A 65  ? THR A 60  CYS A 65  
AA2 3 ILE A 113 ? CYS A 116 ? ILE A 113 CYS A 116 
AA2 4 GLY A 119 ? THR A 126 ? GLY A 119 THR A 126 
AA2 5 LEU A 131 ? ASP A 136 ? LEU A 131 ASP A 136 
AA2 6 ARG A 93  ? VAL A 102 ? ARG A 93  VAL A 102 
AA2 7 SER A 80  ? VAL A 84  ? SER A 80  VAL A 84  
# 
loop_
_pdbx_struct_sheet_hbond.sheet_id 
_pdbx_struct_sheet_hbond.range_id_1 
_pdbx_struct_sheet_hbond.range_id_2 
_pdbx_struct_sheet_hbond.range_1_label_atom_id 
_pdbx_struct_sheet_hbond.range_1_label_comp_id 
_pdbx_struct_sheet_hbond.range_1_label_asym_id 
_pdbx_struct_sheet_hbond.range_1_label_seq_id 
_pdbx_struct_sheet_hbond.range_1_PDB_ins_code 
_pdbx_struct_sheet_hbond.range_1_auth_atom_id 
_pdbx_struct_sheet_hbond.range_1_auth_comp_id 
_pdbx_struct_sheet_hbond.range_1_auth_asym_id 
_pdbx_struct_sheet_hbond.range_1_auth_seq_id 
_pdbx_struct_sheet_hbond.range_2_label_atom_id 
_pdbx_struct_sheet_hbond.range_2_label_comp_id 
_pdbx_struct_sheet_hbond.range_2_label_asym_id 
_pdbx_struct_sheet_hbond.range_2_label_seq_id 
_pdbx_struct_sheet_hbond.range_2_PDB_ins_code 
_pdbx_struct_sheet_hbond.range_2_auth_atom_id 
_pdbx_struct_sheet_hbond.range_2_auth_comp_id 
_pdbx_struct_sheet_hbond.range_2_auth_asym_id 
_pdbx_struct_sheet_hbond.range_2_auth_seq_id 
AA1 1 2 N ILE A 10  ? N ILE A 10  O VAL A 17  ? O VAL A 17  
AA1 2 3 N VAL A 18  ? N VAL A 18  O LEU A 41  ? O LEU A 41  
AA1 3 4 O VAL A 42  ? O VAL A 42  N TRP A 33  ? N TRP A 33  
AA2 1 2 O LYS A 70  ? O LYS A 70  N CYS A 65  ? N CYS A 65  
AA2 2 3 N VAL A 62  ? N VAL A 62  O ARG A 115 ? O ARG A 115 
AA2 3 4 N LEU A 114 ? N LEU A 114 O VAL A 121 ? O VAL A 121 
AA2 4 5 N SER A 125 ? N SER A 125 O GLY A 133 ? O GLY A 133 
AA2 5 6 O VAL A 132 ? O VAL A 132 N ALA A 101 ? N ALA A 101 
AA2 6 7 O ARG A 93  ? O ARG A 93  N VAL A 84  ? N VAL A 84  
# 
_pdbx_entry_details.entry_id                   7H3L 
_pdbx_entry_details.compound_details           ? 
_pdbx_entry_details.source_details             ? 
_pdbx_entry_details.nonpolymer_details         ? 
_pdbx_entry_details.sequence_details           ? 
_pdbx_entry_details.has_ligand_of_interest     ? 
_pdbx_entry_details.has_protein_modification   N 
# 
loop_
_pdbx_validate_close_contact.id 
_pdbx_validate_close_contact.PDB_model_num 
_pdbx_validate_close_contact.auth_atom_id_1 
_pdbx_validate_close_contact.auth_asym_id_1 
_pdbx_validate_close_contact.auth_comp_id_1 
_pdbx_validate_close_contact.auth_seq_id_1 
_pdbx_validate_close_contact.PDB_ins_code_1 
_pdbx_validate_close_contact.label_alt_id_1 
_pdbx_validate_close_contact.auth_atom_id_2 
_pdbx_validate_close_contact.auth_asym_id_2 
_pdbx_validate_close_contact.auth_comp_id_2 
_pdbx_validate_close_contact.auth_seq_id_2 
_pdbx_validate_close_contact.PDB_ins_code_2 
_pdbx_validate_close_contact.label_alt_id_2 
_pdbx_validate_close_contact.dist 
1 1 OG A SER 80  ? ? O A HOH 301 ? ? 2.01 
2 1 O  A HOH 460 ? ? O A HOH 477 ? ? 2.06 
3 1 O  A HOH 401 ? ? O A HOH 466 ? ? 2.07 
4 1 O  A HOH 342 ? ? O A HOH 455 ? ? 2.12 
5 1 O  A HOH 338 ? ? O A HOH 342 ? ? 2.15 
6 1 O  A HOH 308 ? ? O A HOH 312 ? ? 2.17 
# 
loop_
_pdbx_validate_symm_contact.id 
_pdbx_validate_symm_contact.PDB_model_num 
_pdbx_validate_symm_contact.auth_atom_id_1 
_pdbx_validate_symm_contact.auth_asym_id_1 
_pdbx_validate_symm_contact.auth_comp_id_1 
_pdbx_validate_symm_contact.auth_seq_id_1 
_pdbx_validate_symm_contact.PDB_ins_code_1 
_pdbx_validate_symm_contact.label_alt_id_1 
_pdbx_validate_symm_contact.site_symmetry_1 
_pdbx_validate_symm_contact.auth_atom_id_2 
_pdbx_validate_symm_contact.auth_asym_id_2 
_pdbx_validate_symm_contact.auth_comp_id_2 
_pdbx_validate_symm_contact.auth_seq_id_2 
_pdbx_validate_symm_contact.PDB_ins_code_2 
_pdbx_validate_symm_contact.label_alt_id_2 
_pdbx_validate_symm_contact.site_symmetry_2 
_pdbx_validate_symm_contact.dist 
1 1 O3 A SO4 208 ? ? 1_555 O4 A SO4 208 ? ? 2_556 0.74 
2 1 O2 A SO4 208 ? ? 1_555 O2 A SO4 208 ? ? 2_556 1.83 
3 1 S  A SO4 208 ? ? 1_555 O4 A SO4 208 ? ? 2_556 1.88 
4 1 S  A SO4 208 ? ? 1_555 O3 A SO4 208 ? ? 2_556 1.89 
5 1 S  A SO4 208 ? ? 1_555 S  A SO4 208 ? ? 2_556 2.02 
# 
_pdbx_validate_rmsd_bond.id                        1 
_pdbx_validate_rmsd_bond.PDB_model_num             1 
_pdbx_validate_rmsd_bond.auth_atom_id_1            CD 
_pdbx_validate_rmsd_bond.auth_asym_id_1            A 
_pdbx_validate_rmsd_bond.auth_comp_id_1            GLU 
_pdbx_validate_rmsd_bond.auth_seq_id_1             106 
_pdbx_validate_rmsd_bond.PDB_ins_code_1            ? 
_pdbx_validate_rmsd_bond.label_alt_id_1            ? 
_pdbx_validate_rmsd_bond.auth_atom_id_2            OE2 
_pdbx_validate_rmsd_bond.auth_asym_id_2            A 
_pdbx_validate_rmsd_bond.auth_comp_id_2            GLU 
_pdbx_validate_rmsd_bond.auth_seq_id_2             106 
_pdbx_validate_rmsd_bond.PDB_ins_code_2            ? 
_pdbx_validate_rmsd_bond.label_alt_id_2            ? 
_pdbx_validate_rmsd_bond.bond_value                1.177 
_pdbx_validate_rmsd_bond.bond_target_value         1.252 
_pdbx_validate_rmsd_bond.bond_deviation            -0.075 
_pdbx_validate_rmsd_bond.bond_standard_deviation   0.011 
_pdbx_validate_rmsd_bond.linker_flag               N 
# 
loop_
_pdbx_validate_rmsd_angle.id 
_pdbx_validate_rmsd_angle.PDB_model_num 
_pdbx_validate_rmsd_angle.auth_atom_id_1 
_pdbx_validate_rmsd_angle.auth_asym_id_1 
_pdbx_validate_rmsd_angle.auth_comp_id_1 
_pdbx_validate_rmsd_angle.auth_seq_id_1 
_pdbx_validate_rmsd_angle.PDB_ins_code_1 
_pdbx_validate_rmsd_angle.label_alt_id_1 
_pdbx_validate_rmsd_angle.auth_atom_id_2 
_pdbx_validate_rmsd_angle.auth_asym_id_2 
_pdbx_validate_rmsd_angle.auth_comp_id_2 
_pdbx_validate_rmsd_angle.auth_seq_id_2 
_pdbx_validate_rmsd_angle.PDB_ins_code_2 
_pdbx_validate_rmsd_angle.label_alt_id_2 
_pdbx_validate_rmsd_angle.auth_atom_id_3 
_pdbx_validate_rmsd_angle.auth_asym_id_3 
_pdbx_validate_rmsd_angle.auth_comp_id_3 
_pdbx_validate_rmsd_angle.auth_seq_id_3 
_pdbx_validate_rmsd_angle.PDB_ins_code_3 
_pdbx_validate_rmsd_angle.label_alt_id_3 
_pdbx_validate_rmsd_angle.angle_value 
_pdbx_validate_rmsd_angle.angle_target_value 
_pdbx_validate_rmsd_angle.angle_deviation 
_pdbx_validate_rmsd_angle.angle_standard_deviation 
_pdbx_validate_rmsd_angle.linker_flag 
1 1 NE A ARG 20 ? ? CZ A ARG 20 ? ? NH2 A ARG 20 ? ? 116.99 120.30 -3.31 0.50 N 
2 1 NE A ARG 93 ? ? CZ A ARG 93 ? ? NH2 A ARG 93 ? ? 116.81 120.30 -3.49 0.50 N 
# 
_pdbx_distant_solvent_atoms.id                                1 
_pdbx_distant_solvent_atoms.PDB_model_num                     1 
_pdbx_distant_solvent_atoms.auth_atom_id                      O 
_pdbx_distant_solvent_atoms.label_alt_id                      ? 
_pdbx_distant_solvent_atoms.auth_asym_id                      A 
_pdbx_distant_solvent_atoms.auth_comp_id                      HOH 
_pdbx_distant_solvent_atoms.auth_seq_id                       537 
_pdbx_distant_solvent_atoms.PDB_ins_code                      ? 
_pdbx_distant_solvent_atoms.neighbor_macromolecule_distance   7.81 
_pdbx_distant_solvent_atoms.neighbor_ligand_distance          . 
# 
loop_
_pdbx_unobs_or_zero_occ_residues.id 
_pdbx_unobs_or_zero_occ_residues.PDB_model_num 
_pdbx_unobs_or_zero_occ_residues.polymer_flag 
_pdbx_unobs_or_zero_occ_residues.occupancy_flag 
_pdbx_unobs_or_zero_occ_residues.auth_asym_id 
_pdbx_unobs_or_zero_occ_residues.auth_comp_id 
_pdbx_unobs_or_zero_occ_residues.auth_seq_id 
_pdbx_unobs_or_zero_occ_residues.PDB_ins_code 
_pdbx_unobs_or_zero_occ_residues.label_asym_id 
_pdbx_unobs_or_zero_occ_residues.label_comp_id 
_pdbx_unobs_or_zero_occ_residues.label_seq_id 
1  1 Y 1 A GLN 1   ? A GLN 1   
2  1 Y 1 A GLU 2   ? A GLU 2   
3  1 Y 1 A GLN 3   ? A GLN 3   
4  1 Y 1 A THR 4   ? A THR 4   
5  1 Y 1 A GLY 5   ? A GLY 5   
6  1 Y 1 A GLY 6   ? A GLY 6   
7  1 Y 1 A ALA 147 ? A ALA 147 
8  1 Y 1 A MET 148 ? A MET 148 
9  1 Y 1 A GLU 149 ? A GLU 149 
10 1 Y 1 A GLN 150 ? A GLN 150 
# 
loop_
_chem_comp_atom.comp_id 
_chem_comp_atom.atom_id 
_chem_comp_atom.type_symbol 
_chem_comp_atom.pdbx_aromatic_flag 
_chem_comp_atom.pdbx_stereo_config 
_chem_comp_atom.pdbx_ordinal 
ALA N    N  N N 1   
ALA CA   C  N S 2   
ALA C    C  N N 3   
ALA O    O  N N 4   
ALA CB   C  N N 5   
ALA OXT  O  N N 6   
ALA H    H  N N 7   
ALA H2   H  N N 8   
ALA HA   H  N N 9   
ALA HB1  H  N N 10  
ALA HB2  H  N N 11  
ALA HB3  H  N N 12  
ALA HXT  H  N N 13  
ARG N    N  N N 14  
ARG CA   C  N S 15  
ARG C    C  N N 16  
ARG O    O  N N 17  
ARG CB   C  N N 18  
ARG CG   C  N N 19  
ARG CD   C  N N 20  
ARG NE   N  N N 21  
ARG CZ   C  N N 22  
ARG NH1  N  N N 23  
ARG NH2  N  N N 24  
ARG OXT  O  N N 25  
ARG H    H  N N 26  
ARG H2   H  N N 27  
ARG HA   H  N N 28  
ARG HB2  H  N N 29  
ARG HB3  H  N N 30  
ARG HG2  H  N N 31  
ARG HG3  H  N N 32  
ARG HD2  H  N N 33  
ARG HD3  H  N N 34  
ARG HE   H  N N 35  
ARG HH11 H  N N 36  
ARG HH12 H  N N 37  
ARG HH21 H  N N 38  
ARG HH22 H  N N 39  
ARG HXT  H  N N 40  
ASN N    N  N N 41  
ASN CA   C  N S 42  
ASN C    C  N N 43  
ASN O    O  N N 44  
ASN CB   C  N N 45  
ASN CG   C  N N 46  
ASN OD1  O  N N 47  
ASN ND2  N  N N 48  
ASN OXT  O  N N 49  
ASN H    H  N N 50  
ASN H2   H  N N 51  
ASN HA   H  N N 52  
ASN HB2  H  N N 53  
ASN HB3  H  N N 54  
ASN HD21 H  N N 55  
ASN HD22 H  N N 56  
ASN HXT  H  N N 57  
ASP N    N  N N 58  
ASP CA   C  N S 59  
ASP C    C  N N 60  
ASP O    O  N N 61  
ASP CB   C  N N 62  
ASP CG   C  N N 63  
ASP OD1  O  N N 64  
ASP OD2  O  N N 65  
ASP OXT  O  N N 66  
ASP H    H  N N 67  
ASP H2   H  N N 68  
ASP HA   H  N N 69  
ASP HB2  H  N N 70  
ASP HB3  H  N N 71  
ASP HD2  H  N N 72  
ASP HXT  H  N N 73  
CYS N    N  N N 74  
CYS CA   C  N R 75  
CYS C    C  N N 76  
CYS O    O  N N 77  
CYS CB   C  N N 78  
CYS SG   S  N N 79  
CYS OXT  O  N N 80  
CYS H    H  N N 81  
CYS H2   H  N N 82  
CYS HA   H  N N 83  
CYS HB2  H  N N 84  
CYS HB3  H  N N 85  
CYS HG   H  N N 86  
CYS HXT  H  N N 87  
DMS S    S  N N 88  
DMS O    O  N N 89  
DMS C1   C  N N 90  
DMS C2   C  N N 91  
DMS H11  H  N N 92  
DMS H12  H  N N 93  
DMS H13  H  N N 94  
DMS H21  H  N N 95  
DMS H22  H  N N 96  
DMS H23  H  N N 97  
GLN N    N  N N 98  
GLN CA   C  N S 99  
GLN C    C  N N 100 
GLN O    O  N N 101 
GLN CB   C  N N 102 
GLN CG   C  N N 103 
GLN CD   C  N N 104 
GLN OE1  O  N N 105 
GLN NE2  N  N N 106 
GLN OXT  O  N N 107 
GLN H    H  N N 108 
GLN H2   H  N N 109 
GLN HA   H  N N 110 
GLN HB2  H  N N 111 
GLN HB3  H  N N 112 
GLN HG2  H  N N 113 
GLN HG3  H  N N 114 
GLN HE21 H  N N 115 
GLN HE22 H  N N 116 
GLN HXT  H  N N 117 
GLU N    N  N N 118 
GLU CA   C  N S 119 
GLU C    C  N N 120 
GLU O    O  N N 121 
GLU CB   C  N N 122 
GLU CG   C  N N 123 
GLU CD   C  N N 124 
GLU OE1  O  N N 125 
GLU OE2  O  N N 126 
GLU OXT  O  N N 127 
GLU H    H  N N 128 
GLU H2   H  N N 129 
GLU HA   H  N N 130 
GLU HB2  H  N N 131 
GLU HB3  H  N N 132 
GLU HG2  H  N N 133 
GLU HG3  H  N N 134 
GLU HE2  H  N N 135 
GLU HXT  H  N N 136 
GLY N    N  N N 137 
GLY CA   C  N N 138 
GLY C    C  N N 139 
GLY O    O  N N 140 
GLY OXT  O  N N 141 
GLY H    H  N N 142 
GLY H2   H  N N 143 
GLY HA2  H  N N 144 
GLY HA3  H  N N 145 
GLY HXT  H  N N 146 
HIS N    N  N N 147 
HIS CA   C  N S 148 
HIS C    C  N N 149 
HIS O    O  N N 150 
HIS CB   C  N N 151 
HIS CG   C  Y N 152 
HIS ND1  N  Y N 153 
HIS CD2  C  Y N 154 
HIS CE1  C  Y N 155 
HIS NE2  N  Y N 156 
HIS OXT  O  N N 157 
HIS H    H  N N 158 
HIS H2   H  N N 159 
HIS HA   H  N N 160 
HIS HB2  H  N N 161 
HIS HB3  H  N N 162 
HIS HD1  H  N N 163 
HIS HD2  H  N N 164 
HIS HE1  H  N N 165 
HIS HE2  H  N N 166 
HIS HXT  H  N N 167 
HOH O    O  N N 168 
HOH H1   H  N N 169 
HOH H2   H  N N 170 
ILE N    N  N N 171 
ILE CA   C  N S 172 
ILE C    C  N N 173 
ILE O    O  N N 174 
ILE CB   C  N S 175 
ILE CG1  C  N N 176 
ILE CG2  C  N N 177 
ILE CD1  C  N N 178 
ILE OXT  O  N N 179 
ILE H    H  N N 180 
ILE H2   H  N N 181 
ILE HA   H  N N 182 
ILE HB   H  N N 183 
ILE HG12 H  N N 184 
ILE HG13 H  N N 185 
ILE HG21 H  N N 186 
ILE HG22 H  N N 187 
ILE HG23 H  N N 188 
ILE HD11 H  N N 189 
ILE HD12 H  N N 190 
ILE HD13 H  N N 191 
ILE HXT  H  N N 192 
LEU N    N  N N 193 
LEU CA   C  N S 194 
LEU C    C  N N 195 
LEU O    O  N N 196 
LEU CB   C  N N 197 
LEU CG   C  N N 198 
LEU CD1  C  N N 199 
LEU CD2  C  N N 200 
LEU OXT  O  N N 201 
LEU H    H  N N 202 
LEU H2   H  N N 203 
LEU HA   H  N N 204 
LEU HB2  H  N N 205 
LEU HB3  H  N N 206 
LEU HG   H  N N 207 
LEU HD11 H  N N 208 
LEU HD12 H  N N 209 
LEU HD13 H  N N 210 
LEU HD21 H  N N 211 
LEU HD22 H  N N 212 
LEU HD23 H  N N 213 
LEU HXT  H  N N 214 
LYS N    N  N N 215 
LYS CA   C  N S 216 
LYS C    C  N N 217 
LYS O    O  N N 218 
LYS CB   C  N N 219 
LYS CG   C  N N 220 
LYS CD   C  N N 221 
LYS CE   C  N N 222 
LYS NZ   N  N N 223 
LYS OXT  O  N N 224 
LYS H    H  N N 225 
LYS H2   H  N N 226 
LYS HA   H  N N 227 
LYS HB2  H  N N 228 
LYS HB3  H  N N 229 
LYS HG2  H  N N 230 
LYS HG3  H  N N 231 
LYS HD2  H  N N 232 
LYS HD3  H  N N 233 
LYS HE2  H  N N 234 
LYS HE3  H  N N 235 
LYS HZ1  H  N N 236 
LYS HZ2  H  N N 237 
LYS HZ3  H  N N 238 
LYS HXT  H  N N 239 
MET N    N  N N 240 
MET CA   C  N S 241 
MET C    C  N N 242 
MET O    O  N N 243 
MET CB   C  N N 244 
MET CG   C  N N 245 
MET SD   S  N N 246 
MET CE   C  N N 247 
MET OXT  O  N N 248 
MET H    H  N N 249 
MET H2   H  N N 250 
MET HA   H  N N 251 
MET HB2  H  N N 252 
MET HB3  H  N N 253 
MET HG2  H  N N 254 
MET HG3  H  N N 255 
MET HE1  H  N N 256 
MET HE2  H  N N 257 
MET HE3  H  N N 258 
MET HXT  H  N N 259 
PHE N    N  N N 260 
PHE CA   C  N S 261 
PHE C    C  N N 262 
PHE O    O  N N 263 
PHE CB   C  N N 264 
PHE CG   C  Y N 265 
PHE CD1  C  Y N 266 
PHE CD2  C  Y N 267 
PHE CE1  C  Y N 268 
PHE CE2  C  Y N 269 
PHE CZ   C  Y N 270 
PHE OXT  O  N N 271 
PHE H    H  N N 272 
PHE H2   H  N N 273 
PHE HA   H  N N 274 
PHE HB2  H  N N 275 
PHE HB3  H  N N 276 
PHE HD1  H  N N 277 
PHE HD2  H  N N 278 
PHE HE1  H  N N 279 
PHE HE2  H  N N 280 
PHE HZ   H  N N 281 
PHE HXT  H  N N 282 
PRO N    N  N N 283 
PRO CA   C  N S 284 
PRO C    C  N N 285 
PRO O    O  N N 286 
PRO CB   C  N N 287 
PRO CG   C  N N 288 
PRO CD   C  N N 289 
PRO OXT  O  N N 290 
PRO H    H  N N 291 
PRO HA   H  N N 292 
PRO HB2  H  N N 293 
PRO HB3  H  N N 294 
PRO HG2  H  N N 295 
PRO HG3  H  N N 296 
PRO HD2  H  N N 297 
PRO HD3  H  N N 298 
PRO HXT  H  N N 299 
SER N    N  N N 300 
SER CA   C  N S 301 
SER C    C  N N 302 
SER O    O  N N 303 
SER CB   C  N N 304 
SER OG   O  N N 305 
SER OXT  O  N N 306 
SER H    H  N N 307 
SER H2   H  N N 308 
SER HA   H  N N 309 
SER HB2  H  N N 310 
SER HB3  H  N N 311 
SER HG   H  N N 312 
SER HXT  H  N N 313 
SO4 S    S  N N 314 
SO4 O1   O  N N 315 
SO4 O2   O  N N 316 
SO4 O3   O  N N 317 
SO4 O4   O  N N 318 
THR N    N  N N 319 
THR CA   C  N S 320 
THR C    C  N N 321 
THR O    O  N N 322 
THR CB   C  N R 323 
THR OG1  O  N N 324 
THR CG2  C  N N 325 
THR OXT  O  N N 326 
THR H    H  N N 327 
THR H2   H  N N 328 
THR HA   H  N N 329 
THR HB   H  N N 330 
THR HG1  H  N N 331 
THR HG21 H  N N 332 
THR HG22 H  N N 333 
THR HG23 H  N N 334 
THR HXT  H  N N 335 
TRP N    N  N N 336 
TRP CA   C  N S 337 
TRP C    C  N N 338 
TRP O    O  N N 339 
TRP CB   C  N N 340 
TRP CG   C  Y N 341 
TRP CD1  C  Y N 342 
TRP CD2  C  Y N 343 
TRP NE1  N  Y N 344 
TRP CE2  C  Y N 345 
TRP CE3  C  Y N 346 
TRP CZ2  C  Y N 347 
TRP CZ3  C  Y N 348 
TRP CH2  C  Y N 349 
TRP OXT  O  N N 350 
TRP H    H  N N 351 
TRP H2   H  N N 352 
TRP HA   H  N N 353 
TRP HB2  H  N N 354 
TRP HB3  H  N N 355 
TRP HD1  H  N N 356 
TRP HE1  H  N N 357 
TRP HE3  H  N N 358 
TRP HZ2  H  N N 359 
TRP HZ3  H  N N 360 
TRP HH2  H  N N 361 
TRP HXT  H  N N 362 
TYR N    N  N N 363 
TYR CA   C  N S 364 
TYR C    C  N N 365 
TYR O    O  N N 366 
TYR CB   C  N N 367 
TYR CG   C  Y N 368 
TYR CD1  C  Y N 369 
TYR CD2  C  Y N 370 
TYR CE1  C  Y N 371 
TYR CE2  C  Y N 372 
TYR CZ   C  Y N 373 
TYR OH   O  N N 374 
TYR OXT  O  N N 375 
TYR H    H  N N 376 
TYR H2   H  N N 377 
TYR HA   H  N N 378 
TYR HB2  H  N N 379 
TYR HB3  H  N N 380 
TYR HD1  H  N N 381 
TYR HD2  H  N N 382 
TYR HE1  H  N N 383 
TYR HE2  H  N N 384 
TYR HH   H  N N 385 
TYR HXT  H  N N 386 
VAL N    N  N N 387 
VAL CA   C  N S 388 
VAL C    C  N N 389 
VAL O    O  N N 390 
VAL CB   C  N N 391 
VAL CG1  C  N N 392 
VAL CG2  C  N N 393 
VAL OXT  O  N N 394 
VAL H    H  N N 395 
VAL H2   H  N N 396 
VAL HA   H  N N 397 
VAL HB   H  N N 398 
VAL HG11 H  N N 399 
VAL HG12 H  N N 400 
VAL HG13 H  N N 401 
VAL HG21 H  N N 402 
VAL HG22 H  N N 403 
VAL HG23 H  N N 404 
VAL HXT  H  N N 405 
ZN  ZN   ZN N N 406 
ZUG N1   N  N N 407 
ZUG C4   C  Y N 408 
ZUG C5   C  Y N 409 
ZUG C6   C  Y N 410 
ZUG C7   C  Y N 411 
ZUG C1   C  N N 412 
ZUG C2   C  N N 413 
ZUG S1   S  N N 414 
ZUG O1   O  N N 415 
ZUG O2   O  N N 416 
ZUG C3   C  Y N 417 
ZUG N2   N  Y N 418 
ZUG H1   H  N N 419 
ZUG H2   H  N N 420 
ZUG H3   H  N N 421 
ZUG H4   H  N N 422 
ZUG H5   H  N N 423 
ZUG H6   H  N N 424 
ZUG H7   H  N N 425 
ZUG H8   H  N N 426 
ZUG H9   H  N N 427 
ZUG H10  H  N N 428 
# 
loop_
_chem_comp_bond.comp_id 
_chem_comp_bond.atom_id_1 
_chem_comp_bond.atom_id_2 
_chem_comp_bond.value_order 
_chem_comp_bond.pdbx_aromatic_flag 
_chem_comp_bond.pdbx_stereo_config 
_chem_comp_bond.pdbx_ordinal 
ALA N   CA   sing N N 1   
ALA N   H    sing N N 2   
ALA N   H2   sing N N 3   
ALA CA  C    sing N N 4   
ALA CA  CB   sing N N 5   
ALA CA  HA   sing N N 6   
ALA C   O    doub N N 7   
ALA C   OXT  sing N N 8   
ALA CB  HB1  sing N N 9   
ALA CB  HB2  sing N N 10  
ALA CB  HB3  sing N N 11  
ALA OXT HXT  sing N N 12  
ARG N   CA   sing N N 13  
ARG N   H    sing N N 14  
ARG N   H2   sing N N 15  
ARG CA  C    sing N N 16  
ARG CA  CB   sing N N 17  
ARG CA  HA   sing N N 18  
ARG C   O    doub N N 19  
ARG C   OXT  sing N N 20  
ARG CB  CG   sing N N 21  
ARG CB  HB2  sing N N 22  
ARG CB  HB3  sing N N 23  
ARG CG  CD   sing N N 24  
ARG CG  HG2  sing N N 25  
ARG CG  HG3  sing N N 26  
ARG CD  NE   sing N N 27  
ARG CD  HD2  sing N N 28  
ARG CD  HD3  sing N N 29  
ARG NE  CZ   sing N N 30  
ARG NE  HE   sing N N 31  
ARG CZ  NH1  sing N N 32  
ARG CZ  NH2  doub N N 33  
ARG NH1 HH11 sing N N 34  
ARG NH1 HH12 sing N N 35  
ARG NH2 HH21 sing N N 36  
ARG NH2 HH22 sing N N 37  
ARG OXT HXT  sing N N 38  
ASN N   CA   sing N N 39  
ASN N   H    sing N N 40  
ASN N   H2   sing N N 41  
ASN CA  C    sing N N 42  
ASN CA  CB   sing N N 43  
ASN CA  HA   sing N N 44  
ASN C   O    doub N N 45  
ASN C   OXT  sing N N 46  
ASN CB  CG   sing N N 47  
ASN CB  HB2  sing N N 48  
ASN CB  HB3  sing N N 49  
ASN CG  OD1  doub N N 50  
ASN CG  ND2  sing N N 51  
ASN ND2 HD21 sing N N 52  
ASN ND2 HD22 sing N N 53  
ASN OXT HXT  sing N N 54  
ASP N   CA   sing N N 55  
ASP N   H    sing N N 56  
ASP N   H2   sing N N 57  
ASP CA  C    sing N N 58  
ASP CA  CB   sing N N 59  
ASP CA  HA   sing N N 60  
ASP C   O    doub N N 61  
ASP C   OXT  sing N N 62  
ASP CB  CG   sing N N 63  
ASP CB  HB2  sing N N 64  
ASP CB  HB3  sing N N 65  
ASP CG  OD1  doub N N 66  
ASP CG  OD2  sing N N 67  
ASP OD2 HD2  sing N N 68  
ASP OXT HXT  sing N N 69  
CYS N   CA   sing N N 70  
CYS N   H    sing N N 71  
CYS N   H2   sing N N 72  
CYS CA  C    sing N N 73  
CYS CA  CB   sing N N 74  
CYS CA  HA   sing N N 75  
CYS C   O    doub N N 76  
CYS C   OXT  sing N N 77  
CYS CB  SG   sing N N 78  
CYS CB  HB2  sing N N 79  
CYS CB  HB3  sing N N 80  
CYS SG  HG   sing N N 81  
CYS OXT HXT  sing N N 82  
DMS S   O    doub N N 83  
DMS S   C1   sing N N 84  
DMS S   C2   sing N N 85  
DMS C1  H11  sing N N 86  
DMS C1  H12  sing N N 87  
DMS C1  H13  sing N N 88  
DMS C2  H21  sing N N 89  
DMS C2  H22  sing N N 90  
DMS C2  H23  sing N N 91  
GLN N   CA   sing N N 92  
GLN N   H    sing N N 93  
GLN N   H2   sing N N 94  
GLN CA  C    sing N N 95  
GLN CA  CB   sing N N 96  
GLN CA  HA   sing N N 97  
GLN C   O    doub N N 98  
GLN C   OXT  sing N N 99  
GLN CB  CG   sing N N 100 
GLN CB  HB2  sing N N 101 
GLN CB  HB3  sing N N 102 
GLN CG  CD   sing N N 103 
GLN CG  HG2  sing N N 104 
GLN CG  HG3  sing N N 105 
GLN CD  OE1  doub N N 106 
GLN CD  NE2  sing N N 107 
GLN NE2 HE21 sing N N 108 
GLN NE2 HE22 sing N N 109 
GLN OXT HXT  sing N N 110 
GLU N   CA   sing N N 111 
GLU N   H    sing N N 112 
GLU N   H2   sing N N 113 
GLU CA  C    sing N N 114 
GLU CA  CB   sing N N 115 
GLU CA  HA   sing N N 116 
GLU C   O    doub N N 117 
GLU C   OXT  sing N N 118 
GLU CB  CG   sing N N 119 
GLU CB  HB2  sing N N 120 
GLU CB  HB3  sing N N 121 
GLU CG  CD   sing N N 122 
GLU CG  HG2  sing N N 123 
GLU CG  HG3  sing N N 124 
GLU CD  OE1  doub N N 125 
GLU CD  OE2  sing N N 126 
GLU OE2 HE2  sing N N 127 
GLU OXT HXT  sing N N 128 
GLY N   CA   sing N N 129 
GLY N   H    sing N N 130 
GLY N   H2   sing N N 131 
GLY CA  C    sing N N 132 
GLY CA  HA2  sing N N 133 
GLY CA  HA3  sing N N 134 
GLY C   O    doub N N 135 
GLY C   OXT  sing N N 136 
GLY OXT HXT  sing N N 137 
HIS N   CA   sing N N 138 
HIS N   H    sing N N 139 
HIS N   H2   sing N N 140 
HIS CA  C    sing N N 141 
HIS CA  CB   sing N N 142 
HIS CA  HA   sing N N 143 
HIS C   O    doub N N 144 
HIS C   OXT  sing N N 145 
HIS CB  CG   sing N N 146 
HIS CB  HB2  sing N N 147 
HIS CB  HB3  sing N N 148 
HIS CG  ND1  sing Y N 149 
HIS CG  CD2  doub Y N 150 
HIS ND1 CE1  doub Y N 151 
HIS ND1 HD1  sing N N 152 
HIS CD2 NE2  sing Y N 153 
HIS CD2 HD2  sing N N 154 
HIS CE1 NE2  sing Y N 155 
HIS CE1 HE1  sing N N 156 
HIS NE2 HE2  sing N N 157 
HIS OXT HXT  sing N N 158 
HOH O   H1   sing N N 159 
HOH O   H2   sing N N 160 
ILE N   CA   sing N N 161 
ILE N   H    sing N N 162 
ILE N   H2   sing N N 163 
ILE CA  C    sing N N 164 
ILE CA  CB   sing N N 165 
ILE CA  HA   sing N N 166 
ILE C   O    doub N N 167 
ILE C   OXT  sing N N 168 
ILE CB  CG1  sing N N 169 
ILE CB  CG2  sing N N 170 
ILE CB  HB   sing N N 171 
ILE CG1 CD1  sing N N 172 
ILE CG1 HG12 sing N N 173 
ILE CG1 HG13 sing N N 174 
ILE CG2 HG21 sing N N 175 
ILE CG2 HG22 sing N N 176 
ILE CG2 HG23 sing N N 177 
ILE CD1 HD11 sing N N 178 
ILE CD1 HD12 sing N N 179 
ILE CD1 HD13 sing N N 180 
ILE OXT HXT  sing N N 181 
LEU N   CA   sing N N 182 
LEU N   H    sing N N 183 
LEU N   H2   sing N N 184 
LEU CA  C    sing N N 185 
LEU CA  CB   sing N N 186 
LEU CA  HA   sing N N 187 
LEU C   O    doub N N 188 
LEU C   OXT  sing N N 189 
LEU CB  CG   sing N N 190 
LEU CB  HB2  sing N N 191 
LEU CB  HB3  sing N N 192 
LEU CG  CD1  sing N N 193 
LEU CG  CD2  sing N N 194 
LEU CG  HG   sing N N 195 
LEU CD1 HD11 sing N N 196 
LEU CD1 HD12 sing N N 197 
LEU CD1 HD13 sing N N 198 
LEU CD2 HD21 sing N N 199 
LEU CD2 HD22 sing N N 200 
LEU CD2 HD23 sing N N 201 
LEU OXT HXT  sing N N 202 
LYS N   CA   sing N N 203 
LYS N   H    sing N N 204 
LYS N   H2   sing N N 205 
LYS CA  C    sing N N 206 
LYS CA  CB   sing N N 207 
LYS CA  HA   sing N N 208 
LYS C   O    doub N N 209 
LYS C   OXT  sing N N 210 
LYS CB  CG   sing N N 211 
LYS CB  HB2  sing N N 212 
LYS CB  HB3  sing N N 213 
LYS CG  CD   sing N N 214 
LYS CG  HG2  sing N N 215 
LYS CG  HG3  sing N N 216 
LYS CD  CE   sing N N 217 
LYS CD  HD2  sing N N 218 
LYS CD  HD3  sing N N 219 
LYS CE  NZ   sing N N 220 
LYS CE  HE2  sing N N 221 
LYS CE  HE3  sing N N 222 
LYS NZ  HZ1  sing N N 223 
LYS NZ  HZ2  sing N N 224 
LYS NZ  HZ3  sing N N 225 
LYS OXT HXT  sing N N 226 
MET N   CA   sing N N 227 
MET N   H    sing N N 228 
MET N   H2   sing N N 229 
MET CA  C    sing N N 230 
MET CA  CB   sing N N 231 
MET CA  HA   sing N N 232 
MET C   O    doub N N 233 
MET C   OXT  sing N N 234 
MET CB  CG   sing N N 235 
MET CB  HB2  sing N N 236 
MET CB  HB3  sing N N 237 
MET CG  SD   sing N N 238 
MET CG  HG2  sing N N 239 
MET CG  HG3  sing N N 240 
MET SD  CE   sing N N 241 
MET CE  HE1  sing N N 242 
MET CE  HE2  sing N N 243 
MET CE  HE3  sing N N 244 
MET OXT HXT  sing N N 245 
PHE N   CA   sing N N 246 
PHE N   H    sing N N 247 
PHE N   H2   sing N N 248 
PHE CA  C    sing N N 249 
PHE CA  CB   sing N N 250 
PHE CA  HA   sing N N 251 
PHE C   O    doub N N 252 
PHE C   OXT  sing N N 253 
PHE CB  CG   sing N N 254 
PHE CB  HB2  sing N N 255 
PHE CB  HB3  sing N N 256 
PHE CG  CD1  doub Y N 257 
PHE CG  CD2  sing Y N 258 
PHE CD1 CE1  sing Y N 259 
PHE CD1 HD1  sing N N 260 
PHE CD2 CE2  doub Y N 261 
PHE CD2 HD2  sing N N 262 
PHE CE1 CZ   doub Y N 263 
PHE CE1 HE1  sing N N 264 
PHE CE2 CZ   sing Y N 265 
PHE CE2 HE2  sing N N 266 
PHE CZ  HZ   sing N N 267 
PHE OXT HXT  sing N N 268 
PRO N   CA   sing N N 269 
PRO N   CD   sing N N 270 
PRO N   H    sing N N 271 
PRO CA  C    sing N N 272 
PRO CA  CB   sing N N 273 
PRO CA  HA   sing N N 274 
PRO C   O    doub N N 275 
PRO C   OXT  sing N N 276 
PRO CB  CG   sing N N 277 
PRO CB  HB2  sing N N 278 
PRO CB  HB3  sing N N 279 
PRO CG  CD   sing N N 280 
PRO CG  HG2  sing N N 281 
PRO CG  HG3  sing N N 282 
PRO CD  HD2  sing N N 283 
PRO CD  HD3  sing N N 284 
PRO OXT HXT  sing N N 285 
SER N   CA   sing N N 286 
SER N   H    sing N N 287 
SER N   H2   sing N N 288 
SER CA  C    sing N N 289 
SER CA  CB   sing N N 290 
SER CA  HA   sing N N 291 
SER C   O    doub N N 292 
SER C   OXT  sing N N 293 
SER CB  OG   sing N N 294 
SER CB  HB2  sing N N 295 
SER CB  HB3  sing N N 296 
SER OG  HG   sing N N 297 
SER OXT HXT  sing N N 298 
SO4 S   O1   doub N N 299 
SO4 S   O2   doub N N 300 
SO4 S   O3   sing N N 301 
SO4 S   O4   sing N N 302 
THR N   CA   sing N N 303 
THR N   H    sing N N 304 
THR N   H2   sing N N 305 
THR CA  C    sing N N 306 
THR CA  CB   sing N N 307 
THR CA  HA   sing N N 308 
THR C   O    doub N N 309 
THR C   OXT  sing N N 310 
THR CB  OG1  sing N N 311 
THR CB  CG2  sing N N 312 
THR CB  HB   sing N N 313 
THR OG1 HG1  sing N N 314 
THR CG2 HG21 sing N N 315 
THR CG2 HG22 sing N N 316 
THR CG2 HG23 sing N N 317 
THR OXT HXT  sing N N 318 
TRP N   CA   sing N N 319 
TRP N   H    sing N N 320 
TRP N   H2   sing N N 321 
TRP CA  C    sing N N 322 
TRP CA  CB   sing N N 323 
TRP CA  HA   sing N N 324 
TRP C   O    doub N N 325 
TRP C   OXT  sing N N 326 
TRP CB  CG   sing N N 327 
TRP CB  HB2  sing N N 328 
TRP CB  HB3  sing N N 329 
TRP CG  CD1  doub Y N 330 
TRP CG  CD2  sing Y N 331 
TRP CD1 NE1  sing Y N 332 
TRP CD1 HD1  sing N N 333 
TRP CD2 CE2  doub Y N 334 
TRP CD2 CE3  sing Y N 335 
TRP NE1 CE2  sing Y N 336 
TRP NE1 HE1  sing N N 337 
TRP CE2 CZ2  sing Y N 338 
TRP CE3 CZ3  doub Y N 339 
TRP CE3 HE3  sing N N 340 
TRP CZ2 CH2  doub Y N 341 
TRP CZ2 HZ2  sing N N 342 
TRP CZ3 CH2  sing Y N 343 
TRP CZ3 HZ3  sing N N 344 
TRP CH2 HH2  sing N N 345 
TRP OXT HXT  sing N N 346 
TYR N   CA   sing N N 347 
TYR N   H    sing N N 348 
TYR N   H2   sing N N 349 
TYR CA  C    sing N N 350 
TYR CA  CB   sing N N 351 
TYR CA  HA   sing N N 352 
TYR C   O    doub N N 353 
TYR C   OXT  sing N N 354 
TYR CB  CG   sing N N 355 
TYR CB  HB2  sing N N 356 
TYR CB  HB3  sing N N 357 
TYR CG  CD1  doub Y N 358 
TYR CG  CD2  sing Y N 359 
TYR CD1 CE1  sing Y N 360 
TYR CD1 HD1  sing N N 361 
TYR CD2 CE2  doub Y N 362 
TYR CD2 HD2  sing N N 363 
TYR CE1 CZ   doub Y N 364 
TYR CE1 HE1  sing N N 365 
TYR CE2 CZ   sing Y N 366 
TYR CE2 HE2  sing N N 367 
TYR CZ  OH   sing N N 368 
TYR OH  HH   sing N N 369 
TYR OXT HXT  sing N N 370 
VAL N   CA   sing N N 371 
VAL N   H    sing N N 372 
VAL N   H2   sing N N 373 
VAL CA  C    sing N N 374 
VAL CA  CB   sing N N 375 
VAL CA  HA   sing N N 376 
VAL C   O    doub N N 377 
VAL C   OXT  sing N N 378 
VAL CB  CG1  sing N N 379 
VAL CB  CG2  sing N N 380 
VAL CB  HB   sing N N 381 
VAL CG1 HG11 sing N N 382 
VAL CG1 HG12 sing N N 383 
VAL CG1 HG13 sing N N 384 
VAL CG2 HG21 sing N N 385 
VAL CG2 HG22 sing N N 386 
VAL CG2 HG23 sing N N 387 
VAL OXT HXT  sing N N 388 
ZUG C5  C6   doub Y N 389 
ZUG C5  C4   sing Y N 390 
ZUG C2  N1   sing N N 391 
ZUG C6  N2   sing Y N 392 
ZUG C4  C3   doub Y N 393 
ZUG N2  C7   doub Y N 394 
ZUG N1  C1   sing N N 395 
ZUG N1  S1   sing N N 396 
ZUG C3  C7   sing Y N 397 
ZUG C3  S1   sing N N 398 
ZUG O1  S1   doub N N 399 
ZUG S1  O2   doub N N 400 
ZUG C4  H1   sing N N 401 
ZUG C5  H2   sing N N 402 
ZUG C6  H3   sing N N 403 
ZUG C7  H4   sing N N 404 
ZUG C1  H5   sing N N 405 
ZUG C1  H6   sing N N 406 
ZUG C1  H7   sing N N 407 
ZUG C2  H8   sing N N 408 
ZUG C2  H9   sing N N 409 
ZUG C2  H10  sing N N 410 
# 
_pdbx_audit_support.funding_organization   
'National Institutes of Health/National Institute Of Allergy and Infectious Diseases (NIH/NIAID)' 
_pdbx_audit_support.country                'United States' 
_pdbx_audit_support.grant_number           U19AI171399 
_pdbx_audit_support.ordinal                1 
# 
_pdbx_deposit_group.group_id            G_1002288 
_pdbx_deposit_group.group_description   'Crystallographic fragment screening of Coxsackievirus A16 (G-10) 2A protease' 
_pdbx_deposit_group.group_title         
'Group deposition for crystallographic fragment screening of Coxsackievirus A16 (G-10) 2A protease' 
_pdbx_deposit_group.group_type          'changed state' 
# 
_atom_sites.entry_id                    7H3L 
_atom_sites.fract_transf_matrix[1][1]   0.00302642 
_atom_sites.fract_transf_matrix[1][2]   0.01120530 
_atom_sites.fract_transf_matrix[1][3]   -0.00124545 
_atom_sites.fract_transf_matrix[2][1]   -0.01621751 
_atom_sites.fract_transf_matrix[2][2]   0.00496738 
_atom_sites.fract_transf_matrix[2][3]   0.00528324 
_atom_sites.fract_transf_matrix[3][1]   0.01048115 
_atom_sites.fract_transf_matrix[3][2]   0.00339055 
_atom_sites.fract_transf_matrix[3][3]   0.02898527 
_atom_sites.fract_transf_vector[1]      0.185839 
_atom_sites.fract_transf_vector[2]      0.124242 
_atom_sites.fract_transf_vector[3]      0.449847 
# 
loop_
_atom_type.symbol 
C  
N  
O  
S  
ZN 
# 
loop_
_atom_site.group_PDB 
_atom_site.id 
_atom_site.type_symbol 
_atom_site.label_atom_id 
_atom_site.label_alt_id 
_atom_site.label_comp_id 
_atom_site.label_asym_id 
_atom_site.label_entity_id 
_atom_site.label_seq_id 
_atom_site.pdbx_PDB_ins_code 
_atom_site.Cartn_x 
_atom_site.Cartn_y 
_atom_site.Cartn_z 
_atom_site.occupancy 
_atom_site.B_iso_or_equiv 
_atom_site.pdbx_formal_charge 
_atom_site.auth_seq_id 
_atom_site.auth_comp_id 
_atom_site.auth_asym_id 
_atom_site.auth_atom_id 
_atom_site.pdbx_PDB_model_num 
ATOM   1    N  N   . SER A 1 7   ? 4.725   4.163   8.728   1.00 14.01 ? 7   SER A N   1 
ATOM   2    C  CA  . SER A 1 7   ? 4.571   5.233   7.780   1.00 14.84 ? 7   SER A CA  1 
ATOM   3    C  C   . SER A 1 7   ? 5.293   4.876   6.491   1.00 14.33 ? 7   SER A C   1 
ATOM   4    O  O   . SER A 1 7   ? 6.100   3.945   6.467   1.00 15.31 ? 7   SER A O   1 
ATOM   5    C  CB  . SER A 1 7   ? 5.118   6.511   8.352   1.00 18.43 ? 7   SER A CB  1 
ATOM   6    O  OG  . SER A 1 7   ? 6.484   6.304   8.549   1.00 21.69 ? 7   SER A OG  1 
ATOM   7    N  N   . GLY A 1 8   ? 4.999   5.613   5.433   1.00 13.56 ? 8   GLY A N   1 
ATOM   8    C  CA  . GLY A 1 8   ? 5.655   5.450   4.149   1.00 14.18 ? 8   GLY A CA  1 
ATOM   9    C  C   . GLY A 1 8   ? 4.750   5.828   3.021   1.00 13.95 ? 8   GLY A C   1 
ATOM   10   O  O   . GLY A 1 8   ? 3.527   5.806   3.179   1.00 14.70 ? 8   GLY A O   1 
ATOM   11   N  N   . ALA A 1 9   ? 5.350   6.120   1.870   1.00 13.37 ? 9   ALA A N   1 
ATOM   12   C  CA  . ALA A 1 9   ? 4.618   6.480   0.673   1.00 12.79 ? 9   ALA A CA  1 
ATOM   13   C  C   . ALA A 1 9   ? 5.309   5.953   -0.556  1.00 12.04 ? 9   ALA A C   1 
ATOM   14   O  O   . ALA A 1 9   ? 6.507   5.655   -0.493  1.00 12.86 ? 9   ALA A O   1 
ATOM   15   C  CB  . ALA A 1 9   ? 4.463   7.970   0.584   1.00 14.52 ? 9   ALA A CB  1 
ATOM   16   N  N   . ILE A 1 10  ? 4.580   5.963   -1.638  1.00 11.39 ? 10  ILE A N   1 
ATOM   17   C  CA  . ILE A 1 10  ? 5.108   5.710   -2.999  1.00 12.67 ? 10  ILE A CA  1 
ATOM   18   C  C   . ILE A 1 10  ? 5.183   7.062   -3.674  1.00 12.70 ? 10  ILE A C   1 
ATOM   19   O  O   . ILE A 1 10  ? 4.169   7.816   -3.652  1.00 14.25 ? 10  ILE A O   1 
ATOM   20   C  CB  . ILE A 1 10  ? 4.229   4.764   -3.835  1.00 12.04 ? 10  ILE A CB  1 
ATOM   21   C  CG1 . ILE A 1 10  ? 3.890   3.491   -3.058  1.00 12.30 ? 10  ILE A CG1 1 
ATOM   22   C  CG2 . ILE A 1 10  ? 4.959   4.427   -5.138  1.00 12.13 ? 10  ILE A CG2 1 
ATOM   23   C  CD1 . ILE A 1 10  ? 2.794   2.688   -3.672  1.00 12.02 ? 10  ILE A CD1 1 
ATOM   24   N  N   . TYR A 1 11  ? 6.301   7.332   -4.349  1.00 15.27 ? 11  TYR A N   1 
ATOM   25   C  CA  . TYR A 1 11  ? 6.505   8.593   -5.100  1.00 16.01 ? 11  TYR A CA  1 
ATOM   26   C  C   . TYR A 1 11  ? 6.731   8.214   -6.552  1.00 16.43 ? 11  TYR A C   1 
ATOM   27   O  O   . TYR A 1 11  ? 7.855   7.811   -6.874  1.00 17.52 ? 11  TYR A O   1 
ATOM   28   C  CB  . TYR A 1 11  ? 7.647   9.405   -4.500  1.00 16.59 ? 11  TYR A CB  1 
ATOM   29   C  CG  . TYR A 1 11  ? 7.337   9.878   -3.097  1.00 16.35 ? 11  TYR A CG  1 
ATOM   30   C  CD1 . TYR A 1 11  ? 6.621   11.047  -2.913  1.00 17.97 ? 11  TYR A CD1 1 
ATOM   31   C  CD2 . TYR A 1 11  ? 7.760   9.196   -1.991  1.00 18.03 ? 11  TYR A CD2 1 
ATOM   32   C  CE1 . TYR A 1 11  ? 6.259   11.482  -1.651  1.00 16.53 ? 11  TYR A CE1 1 
ATOM   33   C  CE2 . TYR A 1 11  ? 7.454   9.638   -0.713  1.00 17.58 ? 11  TYR A CE2 1 
ATOM   34   C  CZ  . TYR A 1 11  ? 6.671   10.772  -0.550  1.00 15.97 ? 11  TYR A CZ  1 
ATOM   35   O  OH  . TYR A 1 11  ? 6.397   11.204  0.719   1.00 17.72 ? 11  TYR A OH  1 
ATOM   36   N  N   . VAL A 1 12  ? 5.696   8.329   -7.325  1.00 15.78 ? 12  VAL A N   1 
ATOM   37   C  CA  . VAL A 1 12  ? 5.725   7.994   -8.786  1.00 16.52 ? 12  VAL A CA  1 
ATOM   38   C  C   . VAL A 1 12  ? 5.301   9.235   -9.558  1.00 19.32 ? 12  VAL A C   1 
ATOM   39   O  O   . VAL A 1 12  ? 4.251   9.797   -9.283  1.00 18.88 ? 12  VAL A O   1 
ATOM   40   C  CB  . VAL A 1 12  ? 4.844   6.771   -9.124  1.00 15.98 ? 12  VAL A CB  1 
ATOM   41   C  CG1 . VAL A 1 12  ? 3.418   6.907   -8.659  1.00 15.66 ? 12  VAL A CG1 1 
ATOM   42   C  CG2 . VAL A 1 12  ? 4.883   6.474   -10.615 1.00 16.61 ? 12  VAL A CG2 1 
ATOM   43   N  N   . GLY A 1 13  ? 6.114   9.677   -10.526 1.00 19.68 ? 13  GLY A N   1 
ATOM   44   C  CA  . GLY A 1 13  ? 5.750   10.897  -11.246 1.00 18.81 ? 13  GLY A CA  1 
ATOM   45   C  C   . GLY A 1 13  ? 5.543   12.041  -10.266 1.00 17.69 ? 13  GLY A C   1 
ATOM   46   O  O   . GLY A 1 13  ? 6.423   12.248  -9.412  1.00 17.57 ? 13  GLY A O   1 
ATOM   47   N  N   . ASN A 1 14  ? 4.433   12.727  -10.443 1.00 19.74 ? 14  ASN A N   1 
ATOM   48   C  CA  . ASN A 1 14  ? 4.073   13.883  -9.587  1.00 20.89 ? 14  ASN A CA  1 
ATOM   49   C  C   . ASN A 1 14  ? 2.970   13.456  -8.614  1.00 21.45 ? 14  ASN A C   1 
ATOM   50   O  O   . ASN A 1 14  ? 2.048   14.265  -8.327  1.00 20.70 ? 14  ASN A O   1 
ATOM   51   C  CB  . ASN A 1 14  ? 3.770   15.135  -10.419 1.00 23.82 ? 14  ASN A CB  1 
ATOM   52   C  CG  . ASN A 1 14  ? 5.062   15.809  -10.864 1.00 24.64 ? 14  ASN A CG  1 
ATOM   53   O  OD1 . ASN A 1 14  ? 5.628   16.663  -10.192 1.00 31.28 ? 14  ASN A OD1 1 
ATOM   54   N  ND2 . ASN A 1 14  ? 5.610   15.332  -11.954 1.00 21.94 ? 14  ASN A ND2 1 
ATOM   55   N  N   . TYR A 1 15  ? 3.031   12.190  -8.176  1.00 19.07 ? 15  TYR A N   1 
ATOM   56   C  CA  . TYR A 1 15  ? 2.007   11.585  -7.293  1.00 15.65 ? 15  TYR A CA  1 
ATOM   57   C  C   . TYR A 1 15  ? 2.714   11.053  -6.055  1.00 14.42 ? 15  TYR A C   1 
ATOM   58   O  O   . TYR A 1 15  ? 3.836   10.549  -6.040  1.00 14.97 ? 15  TYR A O   1 
ATOM   59   C  CB  . TYR A 1 15  ? 1.231   10.445  -7.970  1.00 15.95 ? 15  TYR A CB  1 
ATOM   60   C  CG  . TYR A 1 15  ? 0.459   10.824  -9.200  1.00 16.46 ? 15  TYR A CG  1 
ATOM   61   C  CD1 . TYR A 1 15  ? -0.511  11.815  -9.166  1.00 19.33 ? 15  TYR A CD1 1 
ATOM   62   C  CD2 . TYR A 1 15  ? 0.678   10.192  -10.423 1.00 18.50 ? 15  TYR A CD2 1 
ATOM   63   C  CE1 . TYR A 1 15  ? -1.228  12.188  -10.290 1.00 21.65 ? 15  TYR A CE1 1 
ATOM   64   C  CE2 . TYR A 1 15  ? -0.067  10.519  -11.535 1.00 20.73 ? 15  TYR A CE2 1 
ATOM   65   C  CZ  . TYR A 1 15  ? -1.020  11.520  -11.480 1.00 24.40 ? 15  TYR A CZ  1 
ATOM   66   O  OH  . TYR A 1 15  ? -1.716  11.886  -12.599 1.00 27.71 ? 15  TYR A OH  1 
ATOM   67   N  N   . ARG A 1 16  ? 1.977   11.177  -4.937  1.00 14.44 ? 16  ARG A N   1 
ATOM   68   C  CA  . ARG A 1 16  ? 2.326   10.615  -3.630  1.00 14.48 ? 16  ARG A CA  1 
ATOM   69   C  C   . ARG A 1 16  ? 1.187   9.687   -3.274  1.00 12.55 ? 16  ARG A C   1 
ATOM   70   O  O   . ARG A 1 16  ? 0.040   10.160  -3.173  1.00 13.27 ? 16  ARG A O   1 
ATOM   71   C  CB  . ARG A 1 16  ? 2.481   11.706  -2.573  1.00 14.60 ? 16  ARG A CB  1 
ATOM   72   C  CG  . ARG A 1 16  ? 2.500   11.228  -1.126  1.00 14.91 ? 16  ARG A CG  1 
ATOM   73   C  CD  . ARG A 1 16  ? 2.901   12.396  -0.236  1.00 15.23 ? 16  ARG A CD  1 
ATOM   74   N  NE  . ARG A 1 16  ? 2.199   12.353  1.044   1.00 14.22 ? 16  ARG A NE  1 
ATOM   75   C  CZ  . ARG A 1 16  ? 2.625   11.820  2.158   1.00 14.77 ? 16  ARG A CZ  1 
ATOM   76   N  NH1 . ARG A 1 16  ? 3.788   11.195  2.209   1.00 16.35 ? 16  ARG A NH1 1 
ATOM   77   N  NH2 . ARG A 1 16  ? 1.851   11.838  3.240   1.00 14.55 ? 16  ARG A NH2 1 
ATOM   78   N  N   . VAL A 1 17  ? 1.496   8.400   -3.048  1.00 11.54 ? 17  VAL A N   1 
ATOM   79   C  CA  . VAL A 1 17  ? 0.491   7.369   -2.679  1.00 11.03 ? 17  VAL A CA  1 
ATOM   80   C  C   . VAL A 1 17  ? 0.715   6.963   -1.243  1.00 11.21 ? 17  VAL A C   1 
ATOM   81   O  O   . VAL A 1 17  ? 1.812   6.549   -0.870  1.00 11.43 ? 17  VAL A O   1 
ATOM   82   C  CB  . VAL A 1 17  ? 0.619   6.132   -3.559  1.00 10.75 ? 17  VAL A CB  1 
ATOM   83   C  CG1 . VAL A 1 17  ? -0.558  5.224   -3.248  1.00 11.46 ? 17  VAL A CG1 1 
ATOM   84   C  CG2 . VAL A 1 17  ? 0.705   6.524   -5.013  1.00 11.66 ? 17  VAL A CG2 1 
ATOM   85   N  N   . VAL A 1 18  ? -0.296  7.224   -0.420  1.00 10.66 ? 18  VAL A N   1 
ATOM   86   C  CA  . VAL A 1 18  ? -0.224  6.966   1.036   1.00 11.31 ? 18  VAL A CA  1 
ATOM   87   C  C   . VAL A 1 18  ? -1.409  6.145   1.475   1.00 10.36 ? 18  VAL A C   1 
ATOM   88   O  O   . VAL A 1 18  ? -2.425  6.102   0.804   1.00 11.23 ? 18  VAL A O   1 
ATOM   89   C  CB  . VAL A 1 18  ? -0.143  8.253   1.872   1.00 12.54 ? 18  VAL A CB  1 
ATOM   90   C  CG1 . VAL A 1 18  ? 1.223   8.871   1.706   1.00 15.50 ? 18  VAL A CG1 1 
ATOM   91   C  CG2 . VAL A 1 18  ? -1.273  9.239   1.593   1.00 12.73 ? 18  VAL A CG2 1 
ATOM   92   N  N   . ASN A 1 19  ? -1.268  5.526   2.639   1.00 10.03 ? 19  ASN A N   1 
ATOM   93   C  CA  . ASN A 1 19  ? -2.471  4.980   3.290   1.00 10.60 ? 19  ASN A CA  1 
ATOM   94   C  C   . ASN A 1 19  ? -3.466  6.122   3.545   1.00 10.62 ? 19  ASN A C   1 
ATOM   95   O  O   . ASN A 1 19  ? -3.080  7.145   4.143   1.00 11.07 ? 19  ASN A O   1 
ATOM   96   C  CB  . ASN A 1 19  ? -2.133  4.309   4.607   1.00 10.05 ? 19  ASN A CB  1 
ATOM   97   C  CG  . ASN A 1 19  ? -1.181  3.154   4.448   1.00 11.06 ? 19  ASN A CG  1 
ATOM   98   O  OD1 . ASN A 1 19  ? 0.030   3.327   4.586   1.00 11.29 ? 19  ASN A OD1 1 
ATOM   99   N  ND2 . ASN A 1 19  ? -1.730  1.990   4.215   1.00 12.04 ? 19  ASN A ND2 1 
ATOM   100  N  N   . ARG A 1 20  ? -4.729  5.916   3.168   1.00 10.45 ? 20  ARG A N   1 
ATOM   101  C  CA  . ARG A 1 20  ? -5.765  6.951   3.393   1.00 11.63 ? 20  ARG A CA  1 
ATOM   102  C  C   . ARG A 1 20  ? -5.776  7.383   4.860   1.00 11.65 ? 20  ARG A C   1 
ATOM   103  O  O   . ARG A 1 20  ? -5.845  8.619   5.148   1.00 11.62 ? 20  ARG A O   1 
ATOM   104  C  CB  . ARG A 1 20  ? -7.131  6.481   2.926   1.00 11.98 ? 20  ARG A CB  1 
ATOM   105  C  CG  . ARG A 1 20  ? -8.172  7.598   2.882   1.00 12.61 ? 20  ARG A CG  1 
ATOM   106  C  CD  . ARG A 1 20  ? -9.493  7.038   2.412   1.00 14.50 ? 20  ARG A CD  1 
ATOM   107  N  NE  . ARG A 1 20  ? -10.604 7.994   2.337   1.00 15.23 ? 20  ARG A NE  1 
ATOM   108  C  CZ  . ARG A 1 20  ? -11.336 8.392   3.337   1.00 16.03 ? 20  ARG A CZ  1 
ATOM   109  N  NH1 . ARG A 1 20  ? -11.054 8.076   4.584   1.00 17.50 ? 20  ARG A NH1 1 
ATOM   110  N  NH2 . ARG A 1 20  ? -12.358 9.188   3.055   1.00 17.71 ? 20  ARG A NH2 1 
ATOM   111  N  N   . HIS A 1 21  ? -5.634  6.414   5.765   1.00 11.40 ? 21  HIS A N   1 
ATOM   112  C  CA  . HIS A 1 21  ? -5.752  6.677   7.212   1.00 12.14 ? 21  HIS A CA  1 
ATOM   113  C  C   . HIS A 1 21  ? -4.563  7.483   7.709   1.00 12.90 ? 21  HIS A C   1 
ATOM   114  O  O   . HIS A 1 21  ? -4.652  8.030   8.816   1.00 14.23 ? 21  HIS A O   1 
ATOM   115  C  CB  . HIS A 1 21  ? -6.050  5.416   8.028   1.00 12.44 ? 21  HIS A CB  1 
ATOM   116  C  CG  . HIS A 1 21  ? -4.889  4.499   8.211   1.00 12.12 ? 21  HIS A CG  1 
ATOM   117  N  ND1 . HIS A 1 21  ? -4.576  3.508   7.307   1.00 12.44 ? 21  HIS A ND1 1 
ATOM   118  C  CD2 . HIS A 1 21  ? -3.945  4.432   9.193   1.00 11.39 ? 21  HIS A CD2 1 
ATOM   119  C  CE1 . HIS A 1 21  ? -3.525  2.854   7.751   1.00 12.24 ? 21  HIS A CE1 1 
ATOM   120  N  NE2 . HIS A 1 21  ? -3.088  3.385   8.894   1.00 13.13 ? 21  HIS A NE2 1 
ATOM   121  N  N   . LEU A 1 22  ? -3.486  7.616   6.955   1.00 11.04 ? 22  LEU A N   1 
ATOM   122  C  CA  . LEU A 1 22  ? -2.293  8.389   7.327   1.00 10.86 ? 22  LEU A CA  1 
ATOM   123  C  C   . LEU A 1 22  ? -2.152  9.648   6.489   1.00 11.69 ? 22  LEU A C   1 
ATOM   124  O  O   . LEU A 1 22  ? -1.155  10.373  6.684   1.00 12.36 ? 22  LEU A O   1 
ATOM   125  C  CB  . LEU A 1 22  ? -1.056  7.505   7.198   1.00 12.03 ? 22  LEU A CB  1 
ATOM   126  C  CG  . LEU A 1 22  ? -1.019  6.306   8.148   1.00 12.06 ? 22  LEU A CG  1 
ATOM   127  C  CD1 . LEU A 1 22  ? 0.246   5.497   7.953   1.00 13.65 ? 22  LEU A CD1 1 
ATOM   128  C  CD2 . LEU A 1 22  ? -1.152  6.711   9.634   1.00 13.25 ? 22  LEU A CD2 1 
ATOM   129  N  N   . ALA A 1 23  ? -3.117  9.943   5.643   1.00 11.81 ? 23  ALA A N   1 
ATOM   130  C  CA  . ALA A 1 23  ? -2.994  11.126  4.784   1.00 12.18 ? 23  ALA A CA  1 
ATOM   131  C  C   . ALA A 1 23  ? -3.001  12.378  5.672   1.00 11.94 ? 23  ALA A C   1 
ATOM   132  O  O   . ALA A 1 23  ? -3.757  12.403  6.678   1.00 13.67 ? 23  ALA A O   1 
ATOM   133  C  CB  . ALA A 1 23  ? -4.102  11.193  3.753   1.00 12.29 ? 23  ALA A CB  1 
ATOM   134  N  N   . THR A 1 24  ? -2.264  13.399  5.272   1.00 12.00 ? 24  THR A N   1 
ATOM   135  C  CA  . THR A 1 24  ? -2.135  14.646  6.040   1.00 13.82 ? 24  THR A CA  1 
ATOM   136  C  C   . THR A 1 24  ? -3.142  15.661  5.507   1.00 13.97 ? 24  THR A C   1 
ATOM   137  O  O   . THR A 1 24  ? -3.798  15.476  4.451   1.00 12.49 ? 24  THR A O   1 
ATOM   138  C  CB  . THR A 1 24  ? -0.709  15.185  5.917   1.00 14.04 ? 24  THR A CB  1 
ATOM   139  O  OG1 . THR A 1 24  ? -0.515  15.549  4.548   1.00 14.97 ? 24  THR A OG1 1 
ATOM   140  C  CG2 . THR A 1 24  ? 0.356   14.217  6.386   1.00 14.92 ? 24  THR A CG2 1 
ATOM   141  N  N   . HIS A 1 25  ? -3.263  16.802  6.202   1.00 13.29 ? 25  HIS A N   1 
ATOM   142  C  CA  . HIS A 1 25  ? -4.112  17.873  5.642   1.00 14.07 ? 25  HIS A CA  1 
ATOM   143  C  C   . HIS A 1 25  ? -3.570  18.315  4.279   1.00 13.74 ? 25  HIS A C   1 
ATOM   144  O  O   . HIS A 1 25  ? -4.356  18.529  3.358   1.00 14.10 ? 25  HIS A O   1 
ATOM   145  C  CB  . HIS A 1 25  ? -4.242  19.031  6.640   1.00 15.61 ? 25  HIS A CB  1 
ATOM   146  C  CG  . HIS A 1 25  ? -4.632  20.284  5.930   1.00 18.35 ? 25  HIS A CG  1 
ATOM   147  N  ND1 . HIS A 1 25  ? -5.950  20.608  5.673   1.00 18.88 ? 25  HIS A ND1 1 
ATOM   148  C  CD2 . HIS A 1 25  ? -3.883  21.252  5.316   1.00 20.46 ? 25  HIS A CD2 1 
ATOM   149  C  CE1 . HIS A 1 25  ? -6.007  21.747  5.025   1.00 18.59 ? 25  HIS A CE1 1 
ATOM   150  N  NE2 . HIS A 1 25  ? -4.747  22.144  4.736   1.00 21.19 ? 25  HIS A NE2 1 
ATOM   151  N  N   . ASN A 1 26  ? -2.252  18.421  4.122   1.00 13.56 ? 26  ASN A N   1 
ATOM   152  C  CA  . ASN A 1 26  ? -1.677  18.825  2.817   1.00 15.27 ? 26  ASN A CA  1 
ATOM   153  C  C   . ASN A 1 26  ? -2.061  17.810  1.732   1.00 14.02 ? 26  ASN A C   1 
ATOM   154  O  O   . ASN A 1 26  ? -2.361  18.152  0.575   1.00 15.17 ? 26  ASN A O   1 
ATOM   155  C  CB  . ASN A 1 26  ? -0.158  18.906  2.887   1.00 19.21 ? 26  ASN A CB  1 
ATOM   156  C  CG  . ASN A 1 26  ? 0.392   19.492  1.609   1.00 25.86 ? 26  ASN A CG  1 
ATOM   157  O  OD1 . ASN A 1 26  ? 0.222   20.699  1.369   1.00 27.59 ? 26  ASN A OD1 1 
ATOM   158  N  ND2 . ASN A 1 26  ? 0.947   18.652  0.748   1.00 28.04 ? 26  ASN A ND2 1 
ATOM   159  N  N   . ASP A 1 27  ? -2.056  16.526  2.105   1.00 12.92 ? 27  ASP A N   1 
ATOM   160  C  CA  . ASP A 1 27  ? -2.500  15.508  1.120   1.00 12.66 ? 27  ASP A CA  1 
ATOM   161  C  C   . ASP A 1 27  ? -3.931  15.758  0.674   1.00 12.54 ? 27  ASP A C   1 
ATOM   162  O  O   . ASP A 1 27  ? -4.230  15.731  -0.547  1.00 12.52 ? 27  ASP A O   1 
ATOM   163  C  CB  . ASP A 1 27  ? -2.419  14.072  1.637   1.00 12.91 ? 27  ASP A CB  1 
ATOM   164  C  CG  . ASP A 1 27  ? -1.024  13.516  1.783   1.00 13.73 ? 27  ASP A CG  1 
ATOM   165  O  OD1 . ASP A 1 27  ? -0.182  13.789  0.884   1.00 14.64 ? 27  ASP A OD1 1 
ATOM   166  O  OD2 . ASP A 1 27  ? -0.784  12.862  2.788   1.00 12.88 ? 27  ASP A OD2 1 
ATOM   167  N  N   . TRP A 1 28  ? -4.857  15.985  1.619   1.00 12.76 ? 28  TRP A N   1 
ATOM   168  C  CA  . TRP A 1 28  ? -6.267  16.225  1.304   1.00 12.73 ? 28  TRP A CA  1 
ATOM   169  C  C   . TRP A 1 28  ? -6.422  17.554  0.560   1.00 12.15 ? 28  TRP A C   1 
ATOM   170  O  O   . TRP A 1 28  ? -7.272  17.627  -0.262  1.00 13.14 ? 28  TRP A O   1 
ATOM   171  C  CB  . TRP A 1 28  ? -7.116  16.243  2.567   1.00 12.58 ? 28  TRP A CB  1 
ATOM   172  C  CG  . TRP A 1 28  ? -7.420  14.880  3.113   1.00 11.90 ? 28  TRP A CG  1 
ATOM   173  C  CD1 . TRP A 1 28  ? -6.832  14.201  4.143   1.00 12.44 ? 28  TRP A CD1 1 
ATOM   174  C  CD2 . TRP A 1 28  ? -8.435  14.029  2.571   1.00 11.39 ? 28  TRP A CD2 1 
ATOM   175  N  NE1 . TRP A 1 28  ? -7.454  12.982  4.286   1.00 11.29 ? 28  TRP A NE1 1 
ATOM   176  C  CE2 . TRP A 1 28  ? -8.431  12.841  3.329   1.00 10.80 ? 28  TRP A CE2 1 
ATOM   177  C  CE3 . TRP A 1 28  ? -9.368  14.174  1.526   1.00 11.60 ? 28  TRP A CE3 1 
ATOM   178  C  CZ2 . TRP A 1 28  ? -9.351  11.812  3.096   1.00 11.72 ? 28  TRP A CZ2 1 
ATOM   179  C  CZ3 . TRP A 1 28  ? -10.249 13.150  1.303   1.00 12.41 ? 28  TRP A CZ3 1 
ATOM   180  C  CH2 . TRP A 1 28  ? -10.206 11.961  2.036   1.00 11.59 ? 28  TRP A CH2 1 
ATOM   181  N  N   . ALA A 1 29  ? -5.566  18.535  0.833   1.00 11.42 ? 29  ALA A N   1 
ATOM   182  C  CA  . ALA A 1 29  ? -5.638  19.837  0.132   1.00 13.82 ? 29  ALA A CA  1 
ATOM   183  C  C   . ALA A 1 29  ? -5.101  19.751  -1.292  1.00 15.73 ? 29  ALA A C   1 
ATOM   184  O  O   . ALA A 1 29  ? -5.324  20.691  -2.115  1.00 15.10 ? 29  ALA A O   1 
ATOM   185  C  CB  . ALA A 1 29  ? -4.883  20.869  0.935   1.00 14.29 ? 29  ALA A CB  1 
ATOM   186  N  N   . ASN A 1 30  ? -4.354  18.676  -1.589  1.00 16.51 ? 30  ASN A N   1 
ATOM   187  C  CA  . ASN A 1 30  ? -3.727  18.472  -2.930  1.00 16.48 ? 30  ASN A CA  1 
ATOM   188  C  C   . ASN A 1 30  ? -4.221  17.128  -3.465  1.00 15.12 ? 30  ASN A C   1 
ATOM   189  O  O   . ASN A 1 30  ? -3.441  16.411  -4.109  1.00 15.72 ? 30  ASN A O   1 
ATOM   190  C  CB  . ASN A 1 30  ? -2.222  18.598  -2.834  1.00 17.38 ? 30  ASN A CB  1 
ATOM   191  C  CG  . ASN A 1 30  ? -1.830  20.031  -2.511  1.00 18.04 ? 30  ASN A CG  1 
ATOM   192  O  OD1 . ASN A 1 30  ? -1.832  20.893  -3.374  1.00 24.18 ? 30  ASN A OD1 1 
ATOM   193  N  ND2 . ASN A 1 30  ? -1.537  20.305  -1.273  1.00 20.28 ? 30  ASN A ND2 1 
ATOM   194  N  N   . LEU A 1 31  ? -5.470  16.792  -3.260  1.00 16.10 ? 31  LEU A N   1 
ATOM   195  C  CA  . LEU A 1 31  ? -5.999  15.435  -3.474  1.00 15.15 ? 31  LEU A CA  1 
ATOM   196  C  C   . LEU A 1 31  ? -6.101  15.158  -4.984  1.00 16.47 ? 31  LEU A C   1 
ATOM   197  O  O   . LEU A 1 31  ? -6.620  16.000  -5.760  1.00 17.72 ? 31  LEU A O   1 
ATOM   198  C  CB  . LEU A 1 31  ? -7.396  15.314  -2.885  1.00 14.52 ? 31  LEU A CB  1 
ATOM   199  C  CG  . LEU A 1 31  ? -8.060  13.961  -3.048  1.00 15.44 ? 31  LEU A CG  1 
ATOM   200  C  CD1 . LEU A 1 31  ? -7.252  12.884  -2.361  1.00 17.23 ? 31  LEU A CD1 1 
ATOM   201  C  CD2 . LEU A 1 31  ? -9.477  14.013  -2.526  1.00 15.60 ? 31  LEU A CD2 1 
ATOM   202  N  N   . VAL A 1 32  ? -5.685  13.967  -5.397  1.00 15.72 ? 32  VAL A N   1 
ATOM   203  C  CA  . VAL A 1 32  ? -5.946  13.466  -6.777  1.00 16.25 ? 32  VAL A CA  1 
ATOM   204  C  C   . VAL A 1 32  ? -7.063  12.442  -6.735  1.00 15.65 ? 32  VAL A C   1 
ATOM   205  O  O   . VAL A 1 32  ? -7.946  12.458  -7.602  1.00 19.11 ? 32  VAL A O   1 
ATOM   206  C  CB  . VAL A 1 32  ? -4.639  12.898  -7.348  1.00 17.16 ? 32  VAL A CB  1 
ATOM   207  C  CG1 . VAL A 1 32  ? -4.864  12.187  -8.673  1.00 18.72 ? 32  VAL A CG1 1 
ATOM   208  C  CG2 . VAL A 1 32  ? -3.587  13.967  -7.454  1.00 18.30 ? 32  VAL A CG2 1 
ATOM   209  N  N   . TRP A 1 33  ? -6.995  11.510  -5.790  1.00 14.38 ? 33  TRP A N   1 
ATOM   210  C  CA  . TRP A 1 33  ? -7.912  10.365  -5.773  1.00 15.00 ? 33  TRP A CA  1 
ATOM   211  C  C   . TRP A 1 33  ? -7.830  9.715   -4.406  1.00 13.74 ? 33  TRP A C   1 
ATOM   212  O  O   . TRP A 1 33  ? -6.749  9.714   -3.836  1.00 14.25 ? 33  TRP A O   1 
ATOM   213  C  CB  . TRP A 1 33  ? -7.524  9.370   -6.880  1.00 16.24 ? 33  TRP A CB  1 
ATOM   214  C  CG  . TRP A 1 33  ? -8.219  8.056   -6.841  1.00 15.93 ? 33  TRP A CG  1 
ATOM   215  C  CD1 . TRP A 1 33  ? -9.430  7.732   -7.366  1.00 18.35 ? 33  TRP A CD1 1 
ATOM   216  C  CD2 . TRP A 1 33  ? -7.719  6.839   -6.253  1.00 15.34 ? 33  TRP A CD2 1 
ATOM   217  N  NE1 . TRP A 1 33  ? -9.741  6.408   -7.112  1.00 18.43 ? 33  TRP A NE1 1 
ATOM   218  C  CE2 . TRP A 1 33  ? -8.695  5.840   -6.429  1.00 17.18 ? 33  TRP A CE2 1 
ATOM   219  C  CE3 . TRP A 1 33  ? -6.564  6.535   -5.556  1.00 14.96 ? 33  TRP A CE3 1 
ATOM   220  C  CZ2 . TRP A 1 33  ? -8.492  4.530   -6.020  1.00 16.01 ? 33  TRP A CZ2 1 
ATOM   221  C  CZ3 . TRP A 1 33  ? -6.359  5.232   -5.145  1.00 15.47 ? 33  TRP A CZ3 1 
ATOM   222  C  CH2 . TRP A 1 33  ? -7.334  4.266   -5.342  1.00 15.44 ? 33  TRP A CH2 1 
ATOM   223  N  N   . GLU A 1 34  ? -8.933  9.198   -3.915  1.00 14.56 ? 34  GLU A N   1 
ATOM   224  C  CA  . GLU A 1 34  ? -8.911  8.458   -2.630  1.00 14.16 ? 34  GLU A CA  1 
ATOM   225  C  C   . GLU A 1 34  ? -10.024 7.435   -2.637  1.00 15.40 ? 34  GLU A C   1 
ATOM   226  O  O   . GLU A 1 34  ? -11.030 7.639   -3.373  1.00 16.13 ? 34  GLU A O   1 
ATOM   227  C  CB  . GLU A 1 34  ? -9.015  9.359   -1.386  1.00 14.86 ? 34  GLU A CB  1 
ATOM   228  C  CG  . GLU A 1 34  ? -10.229 10.277  -1.454  1.00 14.69 ? 34  GLU A CG  1 
ATOM   229  C  CD  . GLU A 1 34  ? -11.535 9.697   -0.958  1.00 15.13 ? 34  GLU A CD  1 
ATOM   230  O  OE1 . GLU A 1 34  ? -12.586 10.297  -1.323  1.00 17.65 ? 34  GLU A OE1 1 
ATOM   231  O  OE2 . GLU A 1 34  ? -11.526 8.722   -0.171  1.00 15.06 ? 34  GLU A OE2 1 
ATOM   232  N  N   . ASP A 1 35  ? -9.838  6.342   -1.905  1.00 14.75 ? 35  ASP A N   1 
ATOM   233  C  CA  . ASP A 1 35  ? -10.811 5.226   -1.832  1.00 14.97 ? 35  ASP A CA  1 
ATOM   234  C  C   . ASP A 1 35  ? -10.704 4.605   -0.445  1.00 16.27 ? 35  ASP A C   1 
ATOM   235  O  O   . ASP A 1 35  ? -9.683  3.960   -0.169  1.00 14.99 ? 35  ASP A O   1 
ATOM   236  C  CB  . ASP A 1 35  ? -10.516 4.257   -2.976  1.00 16.02 ? 35  ASP A CB  1 
ATOM   237  C  CG  . ASP A 1 35  ? -11.471 3.096   -3.039  1.00 15.73 ? 35  ASP A CG  1 
ATOM   238  O  OD1 . ASP A 1 35  ? -11.855 2.594   -1.992  1.00 19.72 ? 35  ASP A OD1 1 
ATOM   239  O  OD2 . ASP A 1 35  ? -11.763 2.717   -4.190  1.00 20.77 ? 35  ASP A OD2 1 
ATOM   240  N  N   A SER A 1 36  ? -11.667 4.833   0.465   0.25 16.57 ? 36  SER A N   1 
ATOM   241  N  N   B SER A 1 36  ? -11.667 4.833   0.465   0.25 16.57 ? 36  SER A N   1 
ATOM   242  C  CA  A SER A 1 36  ? -11.636 4.295   1.848   0.25 15.62 ? 36  SER A CA  1 
ATOM   243  C  CA  B SER A 1 36  ? -11.649 4.294   1.845   0.25 16.74 ? 36  SER A CA  1 
ATOM   244  C  C   A SER A 1 36  ? -11.636 2.763   1.829   0.25 15.32 ? 36  SER A C   1 
ATOM   245  C  C   B SER A 1 36  ? -11.636 2.763   1.829   0.25 15.32 ? 36  SER A C   1 
ATOM   246  O  O   A SER A 1 36  ? -10.940 2.159   2.632   0.25 16.11 ? 36  SER A O   1 
ATOM   247  O  O   B SER A 1 36  ? -10.940 2.159   2.632   0.25 16.11 ? 36  SER A O   1 
ATOM   248  C  CB  A SER A 1 36  ? -12.824 4.785   2.674   0.25 15.32 ? 36  SER A CB  1 
ATOM   249  C  CB  B SER A 1 36  ? -12.865 4.768   2.608   0.25 17.75 ? 36  SER A CB  1 
ATOM   250  O  OG  A SER A 1 36  ? -12.911 4.124   3.925   0.25 14.61 ? 36  SER A OG  1 
ATOM   251  O  OG  B SER A 1 36  ? -13.974 4.861   1.722   0.25 20.18 ? 36  SER A OG  1 
ATOM   252  N  N   . SER A 1 37  ? -12.392 2.170   0.918   1.00 16.11 ? 37  SER A N   1 
ATOM   253  C  CA  . SER A 1 37  ? -12.458 0.692   0.871   1.00 16.84 ? 37  SER A CA  1 
ATOM   254  C  C   . SER A 1 37  ? -11.078 0.080   0.592   1.00 15.99 ? 37  SER A C   1 
ATOM   255  O  O   . SER A 1 37  ? -10.844 -1.033  1.011   1.00 14.96 ? 37  SER A O   1 
ATOM   256  C  CB  . SER A 1 37  ? -13.440 0.214   -0.141  1.00 18.76 ? 37  SER A CB  1 
ATOM   257  O  OG  . SER A 1 37  ? -12.968 0.332   -1.449  1.00 22.73 ? 37  SER A OG  1 
ATOM   258  N  N   . ARG A 1 38  ? -10.187 0.825   -0.045  1.00 14.10 ? 38  ARG A N   1 
ATOM   259  C  CA  . ARG A 1 38  ? -8.821  0.327   -0.381  1.00 12.90 ? 38  ARG A CA  1 
ATOM   260  C  C   . ARG A 1 38  ? -7.768  0.841   0.614   1.00 13.05 ? 38  ARG A C   1 
ATOM   261  O  O   . ARG A 1 38  ? -6.588  0.443   0.478   1.00 13.35 ? 38  ARG A O   1 
ATOM   262  C  CB  . ARG A 1 38  ? -8.440  0.782   -1.786  1.00 13.94 ? 38  ARG A CB  1 
ATOM   263  C  CG  . ARG A 1 38  ? -9.322  0.220   -2.879  1.00 14.17 ? 38  ARG A CG  1 
ATOM   264  C  CD  . ARG A 1 38  ? -8.833  0.766   -4.179  1.00 14.18 ? 38  ARG A CD  1 
ATOM   265  N  NE  . ARG A 1 38  ? -7.511  0.288   -4.579  1.00 12.57 ? 38  ARG A NE  1 
ATOM   266  C  CZ  . ARG A 1 38  ? -7.180  0.015   -5.845  1.00 13.53 ? 38  ARG A CZ  1 
ATOM   267  N  NH1 . ARG A 1 38  ? -8.004  0.234   -6.874  1.00 14.03 ? 38  ARG A NH1 1 
ATOM   268  N  NH2 . ARG A 1 38  ? -5.988  -0.489  -6.111  1.00 13.94 ? 38  ARG A NH2 1 
ATOM   269  N  N   . ASP A 1 39  ? -8.131  1.786   1.490   1.00 12.48 ? 39  ASP A N   1 
ATOM   270  C  CA  . ASP A 1 39  ? -7.165  2.469   2.382   1.00 11.65 ? 39  ASP A CA  1 
ATOM   271  C  C   . ASP A 1 39  ? -6.119  3.187   1.554   1.00 11.09 ? 39  ASP A C   1 
ATOM   272  O  O   . ASP A 1 39  ? -4.983  3.198   1.976   1.00 11.52 ? 39  ASP A O   1 
ATOM   273  C  CB  . ASP A 1 39  ? -6.518  1.512   3.399   1.00 11.79 ? 39  ASP A CB  1 
ATOM   274  C  CG  . ASP A 1 39  ? -5.629  2.214   4.404   1.00 12.08 ? 39  ASP A CG  1 
ATOM   275  O  OD1 . ASP A 1 39  ? -5.987  3.340   4.801   1.00 13.06 ? 39  ASP A OD1 1 
ATOM   276  O  OD2 . ASP A 1 39  ? -4.571  1.647   4.780   1.00 11.78 ? 39  ASP A OD2 1 
ATOM   277  N  N   . LEU A 1 40  ? -6.506  3.810   0.420   1.00 10.67 ? 40  LEU A N   1 
ATOM   278  C  CA  . LEU A 1 40  ? -5.515  4.539   -0.389  1.00 11.04 ? 40  LEU A CA  1 
ATOM   279  C  C   . LEU A 1 40  ? -5.928  5.990   -0.624  1.00 10.66 ? 40  LEU A C   1 
ATOM   280  O  O   . LEU A 1 40  ? -7.111  6.276   -0.812  1.00 11.25 ? 40  LEU A O   1 
ATOM   281  C  CB  . LEU A 1 40  ? -5.295  3.892   -1.755  1.00 11.22 ? 40  LEU A CB  1 
ATOM   282  C  CG  . LEU A 1 40  ? -4.546  2.567   -1.796  1.00 11.32 ? 40  LEU A CG  1 
ATOM   283  C  CD1 . LEU A 1 40  ? -4.473  2.074   -3.246  1.00 11.62 ? 40  LEU A CD1 1 
ATOM   284  C  CD2 . LEU A 1 40  ? -3.169  2.739   -1.203  1.00 11.19 ? 40  LEU A CD2 1 
ATOM   285  N  N   . LEU A 1 41  ? -4.933  6.851   -0.673  1.00 10.75 ? 41  LEU A N   1 
ATOM   286  C  CA  . LEU A 1 41  ? -5.108  8.243   -1.103  1.00 10.72 ? 41  LEU A CA  1 
ATOM   287  C  C   . LEU A 1 41  ? -3.881  8.636   -1.915  1.00 11.72 ? 41  LEU A C   1 
ATOM   288  O  O   . LEU A 1 41  ? -2.729  8.260   -1.558  1.00 11.71 ? 41  LEU A O   1 
ATOM   289  C  CB  . LEU A 1 41  ? -5.307  9.107   0.155   1.00 11.42 ? 41  LEU A CB  1 
ATOM   290  C  CG  . LEU A 1 41  ? -5.525  10.606  -0.119  1.00 11.64 ? 41  LEU A CG  1 
ATOM   291  C  CD1 . LEU A 1 41  ? -6.556  11.235  0.804   1.00 11.22 ? 41  LEU A CD1 1 
ATOM   292  C  CD2 . LEU A 1 41  ? -4.233  11.368  -0.132  1.00 12.07 ? 41  LEU A CD2 1 
ATOM   293  N  N   . VAL A 1 42  ? -4.116  9.407   -2.960  1.00 11.59 ? 42  VAL A N   1 
ATOM   294  C  CA  . VAL A 1 42  ? -3.055  9.930   -3.856  1.00 11.94 ? 42  VAL A CA  1 
ATOM   295  C  C   . VAL A 1 42  ? -3.175  11.457  -3.870  1.00 12.71 ? 42  VAL A C   1 
ATOM   296  O  O   . VAL A 1 42  ? -4.310  11.926  -4.053  1.00 13.06 ? 42  VAL A O   1 
ATOM   297  C  CB  . VAL A 1 42  ? -3.168  9.356   -5.266  1.00 12.92 ? 42  VAL A CB  1 
ATOM   298  C  CG1 . VAL A 1 42  ? -2.080  9.945   -6.141  1.00 14.17 ? 42  VAL A CG1 1 
ATOM   299  C  CG2 . VAL A 1 42  ? -3.099  7.832   -5.214  1.00 13.08 ? 42  VAL A CG2 1 
ATOM   300  N  N   . SER A 1 43  ? -2.081  12.133  -3.607  1.00 13.42 ? 43  SER A N   1 
ATOM   301  C  CA  . SER A 1 43  ? -1.984  13.605  -3.670  1.00 14.21 ? 43  SER A CA  1 
ATOM   302  C  C   . SER A 1 43  ? -0.935  13.988  -4.716  1.00 16.21 ? 43  SER A C   1 
ATOM   303  O  O   . SER A 1 43  ? -0.057  13.135  -5.111  1.00 15.51 ? 43  SER A O   1 
ATOM   304  C  CB  . SER A 1 43  ? -1.691  14.136  -2.276  1.00 13.86 ? 43  SER A CB  1 
ATOM   305  O  OG  . SER A 1 43  ? -0.405  13.735  -1.819  1.00 15.20 ? 43  SER A OG  1 
ATOM   306  N  N   . SER A 1 44  ? -0.948  15.252  -5.136  1.00 16.49 ? 44  SER A N   1 
ATOM   307  C  CA  . SER A 1 44  ? -0.004  15.813  -6.129  1.00 19.21 ? 44  SER A CA  1 
ATOM   308  C  C   . SER A 1 44  ? 1.290   16.251  -5.460  1.00 20.76 ? 44  SER A C   1 
ATOM   309  O  O   . SER A 1 44  ? 1.240   16.732  -4.290  1.00 21.85 ? 44  SER A O   1 
ATOM   310  C  CB  . SER A 1 44  ? -0.677  16.921  -6.884  1.00 20.99 ? 44  SER A CB  1 
ATOM   311  O  OG  . SER A 1 44  ? -0.941  17.977  -5.978  1.00 24.06 ? 44  SER A OG  1 
ATOM   312  N  N   . THR A 1 45  ? 2.430   16.174  -6.161  1.00 22.57 ? 45  THR A N   1 
ATOM   313  C  CA  . THR A 1 45  ? 3.751   16.586  -5.624  1.00 22.44 ? 45  THR A CA  1 
ATOM   314  C  C   . THR A 1 45  ? 4.409   17.635  -6.555  1.00 24.74 ? 45  THR A C   1 
ATOM   315  O  O   . THR A 1 45  ? 4.128   17.627  -7.747  1.00 24.49 ? 45  THR A O   1 
ATOM   316  C  CB  . THR A 1 45  ? 4.714   15.406  -5.475  1.00 22.08 ? 45  THR A CB  1 
ATOM   317  O  OG1 . THR A 1 45  ? 4.966   14.952  -6.796  1.00 22.81 ? 45  THR A OG1 1 
ATOM   318  C  CG2 . THR A 1 45  ? 4.146   14.254  -4.670  1.00 23.09 ? 45  THR A CG2 1 
ATOM   319  N  N   . THR A 1 46  ? 5.309   18.457  -6.027  1.00 27.61 ? 46  THR A N   1 
ATOM   320  C  CA  . THR A 1 46  ? 6.000   19.456  -6.875  1.00 29.07 ? 46  THR A CA  1 
ATOM   321  C  C   . THR A 1 46  ? 7.191   18.764  -7.548  1.00 28.41 ? 46  THR A C   1 
ATOM   322  O  O   . THR A 1 46  ? 7.361   18.980  -8.744  1.00 32.57 ? 46  THR A O   1 
ATOM   323  C  CB  . THR A 1 46  ? 6.289   20.696  -6.033  1.00 29.19 ? 46  THR A CB  1 
ATOM   324  O  OG1 . THR A 1 46  ? 7.094   20.344  -4.914  1.00 34.04 ? 46  THR A OG1 1 
ATOM   325  C  CG2 . THR A 1 46  ? 5.020   21.305  -5.489  1.00 32.85 ? 46  THR A CG2 1 
ATOM   326  N  N   . ALA A 1 47  ? 7.964   17.968  -6.806  1.00 28.43 ? 47  ALA A N   1 
ATOM   327  C  CA  . ALA A 1 47  ? 9.142   17.226  -7.334  1.00 26.89 ? 47  ALA A CA  1 
ATOM   328  C  C   . ALA A 1 47  ? 8.701   15.844  -7.820  1.00 27.51 ? 47  ALA A C   1 
ATOM   329  O  O   . ALA A 1 47  ? 7.807   15.240  -7.180  1.00 24.17 ? 47  ALA A O   1 
ATOM   330  C  CB  . ALA A 1 47  ? 10.215  17.148  -6.286  1.00 27.72 ? 47  ALA A CB  1 
ATOM   331  N  N   . GLN A 1 48  ? 9.299   15.374  -8.927  1.00 24.96 ? 48  GLN A N   1 
ATOM   332  C  CA  . GLN A 1 48  ? 9.099   14.007  -9.464  1.00 23.45 ? 48  GLN A CA  1 
ATOM   333  C  C   . GLN A 1 48  ? 9.726   12.975  -8.521  1.00 18.74 ? 48  GLN A C   1 
ATOM   334  O  O   . GLN A 1 48  ? 10.720  13.227  -7.887  1.00 21.99 ? 48  GLN A O   1 
ATOM   335  C  CB  . GLN A 1 48  ? 9.675   13.888  -10.873 1.00 25.14 ? 48  GLN A CB  1 
ATOM   336  C  CG  . GLN A 1 48  ? 8.908   14.707  -11.899 1.00 31.12 ? 48  GLN A CG  1 
ATOM   337  C  CD  . GLN A 1 48  ? 9.300   14.268  -13.282 1.00 40.86 ? 48  GLN A CD  1 
ATOM   338  O  OE1 . GLN A 1 48  ? 10.289  14.735  -13.833 1.00 52.51 ? 48  GLN A OE1 1 
ATOM   339  N  NE2 . GLN A 1 48  ? 8.560   13.319  -13.826 1.00 51.93 ? 48  GLN A NE2 1 
ATOM   340  N  N   . GLY A 1 49  ? 9.079   11.801  -8.456  1.00 20.83 ? 49  GLY A N   1 
ATOM   341  C  CA  . GLY A 1 49  ? 9.459   10.690  -7.571  1.00 19.72 ? 49  GLY A CA  1 
ATOM   342  C  C   . GLY A 1 49  ? 10.309  9.603   -8.213  1.00 19.43 ? 49  GLY A C   1 
ATOM   343  O  O   . GLY A 1 49  ? 10.356  9.527   -9.450  1.00 21.12 ? 49  GLY A O   1 
ATOM   344  N  N   . CYS A 1 50  ? 10.900  8.764   -7.371  1.00 20.13 ? 50  CYS A N   1 
ATOM   345  C  CA  . CYS A 1 50  ? 11.970  7.811   -7.717  1.00 19.73 ? 50  CYS A CA  1 
ATOM   346  C  C   . CYS A 1 50  ? 11.351  6.433   -7.936  1.00 18.12 ? 50  CYS A C   1 
ATOM   347  O  O   . CYS A 1 50  ? 12.079  5.598   -8.430  1.00 17.52 ? 50  CYS A O   1 
ATOM   348  C  CB  . CYS A 1 50  ? 13.035  7.628   -6.628  1.00 20.75 ? 50  CYS A CB  1 
ATOM   349  S  SG  . CYS A 1 50  ? 14.211  8.989   -6.339  1.00 27.07 ? 50  CYS A SG  1 
ATOM   350  N  N   . ASP A 1 51  ? 10.060  6.231   -7.672  1.00 16.64 ? 51  ASP A N   1 
ATOM   351  C  CA  . ASP A 1 51  ? 9.507   4.856   -7.722  1.00 15.02 ? 51  ASP A CA  1 
ATOM   352  C  C   . ASP A 1 51  ? 8.873   4.552   -9.073  1.00 14.79 ? 51  ASP A C   1 
ATOM   353  O  O   . ASP A 1 51  ? 8.287   5.411   -9.739  1.00 16.10 ? 51  ASP A O   1 
ATOM   354  C  CB  . ASP A 1 51  ? 8.511   4.595   -6.587  1.00 15.26 ? 51  ASP A CB  1 
ATOM   355  C  CG  . ASP A 1 51  ? 9.080   4.737   -5.210  1.00 16.19 ? 51  ASP A CG  1 
ATOM   356  O  OD1 . ASP A 1 51  ? 10.183  4.225   -4.943  1.00 20.12 ? 51  ASP A OD1 1 
ATOM   357  O  OD2 . ASP A 1 51  ? 8.379   5.373   -4.364  1.00 17.41 ? 51  ASP A OD2 1 
ATOM   358  N  N   . THR A 1 52  ? 8.918   3.257   -9.430  1.00 13.82 ? 52  THR A N   1 
ATOM   359  C  CA  . THR A 1 52  ? 8.262   2.705   -10.621 1.00 14.41 ? 52  THR A CA  1 
ATOM   360  C  C   . THR A 1 52  ? 7.189   1.734   -10.154 1.00 11.64 ? 52  THR A C   1 
ATOM   361  O  O   . THR A 1 52  ? 7.469   0.959   -9.247  1.00 12.34 ? 52  THR A O   1 
ATOM   362  C  CB  . THR A 1 52  ? 9.261   1.933   -11.481 1.00 16.01 ? 52  THR A CB  1 
ATOM   363  O  OG1 . THR A 1 52  ? 10.280  2.843   -11.931 1.00 17.49 ? 52  THR A OG1 1 
ATOM   364  C  CG2 . THR A 1 52  ? 8.610   1.259   -12.673 1.00 17.08 ? 52  THR A CG2 1 
ATOM   365  N  N   . ILE A 1 53  ? 5.993   1.798   -10.715 1.00 11.69 ? 53  ILE A N   1 
ATOM   366  C  CA  . ILE A 1 53  ? 4.891   0.898   -10.313 1.00 10.99 ? 53  ILE A CA  1 
ATOM   367  C  C   . ILE A 1 53  ? 5.055   -0.390  -11.113 1.00 11.32 ? 53  ILE A C   1 
ATOM   368  O  O   . ILE A 1 53  ? 5.174   -0.315  -12.358 1.00 11.91 ? 53  ILE A O   1 
ATOM   369  C  CB  . ILE A 1 53  ? 3.515   1.565   -10.448 1.00 11.70 ? 53  ILE A CB  1 
ATOM   370  C  CG1 . ILE A 1 53  ? 3.459   2.944   -9.759  1.00 12.06 ? 53  ILE A CG1 1 
ATOM   371  C  CG2 . ILE A 1 53  ? 2.441   0.653   -9.925  1.00 12.09 ? 53  ILE A CG2 1 
ATOM   372  C  CD1 . ILE A 1 53  ? 3.746   2.871   -8.292  1.00 12.77 ? 53  ILE A CD1 1 
ATOM   373  N  N   . ALA A 1 54  ? 4.899   -1.526  -10.448 1.00 10.68 ? 54  ALA A N   1 
ATOM   374  C  CA  . ALA A 1 54  ? 4.836   -2.829  -11.132 1.00 10.80 ? 54  ALA A CA  1 
ATOM   375  C  C   . ALA A 1 54  ? 3.555   -2.915  -11.952 1.00 11.11 ? 54  ALA A C   1 
ATOM   376  O  O   . ALA A 1 54  ? 2.469   -2.472  -11.490 1.00 11.38 ? 54  ALA A O   1 
ATOM   377  C  CB  . ALA A 1 54  ? 4.855   -3.891  -10.089 1.00 11.23 ? 54  ALA A CB  1 
ATOM   378  N  N   . ARG A 1 55  ? 3.629   -3.512  -13.134 1.00 11.16 ? 55  ARG A N   1 
ATOM   379  C  CA  . ARG A 1 55  ? 2.448   -3.826  -13.958 1.00 10.57 ? 55  ARG A CA  1 
ATOM   380  C  C   . ARG A 1 55  ? 2.546   -5.294  -14.310 1.00 10.11 ? 55  ARG A C   1 
ATOM   381  O  O   . ARG A 1 55  ? 3.245   -5.657  -15.236 1.00 11.89 ? 55  ARG A O   1 
ATOM   382  C  CB  . ARG A 1 55  ? 2.352   -2.941  -15.203 1.00 12.02 ? 55  ARG A CB  1 
ATOM   383  C  CG  . ARG A 1 55  ? 2.417   -1.449  -14.879 1.00 12.39 ? 55  ARG A CG  1 
ATOM   384  C  CD  . ARG A 1 55  ? 1.174   -0.932  -14.158 1.00 12.13 ? 55  ARG A CD  1 
ATOM   385  N  NE  . ARG A 1 55  ? 1.287   0.505   -13.810 1.00 13.50 ? 55  ARG A NE  1 
ATOM   386  C  CZ  . ARG A 1 55  ? 0.552   1.117   -12.885 1.00 13.92 ? 55  ARG A CZ  1 
ATOM   387  N  NH1 . ARG A 1 55  ? -0.363  0.480   -12.210 1.00 13.33 ? 55  ARG A NH1 1 
ATOM   388  N  NH2 . ARG A 1 55  ? 0.752   2.393   -12.594 1.00 15.52 ? 55  ARG A NH2 1 
ATOM   389  N  N   . CYS A 1 56  ? 1.878   -6.135  -13.520 1.00 10.30 ? 56  CYS A N   1 
ATOM   390  C  CA  . CYS A 1 56  ? 2.115   -7.577  -13.499 1.00 10.17 ? 56  CYS A CA  1 
ATOM   391  C  C   . CYS A 1 56  ? 1.128   -8.269  -12.576 1.00 10.23 ? 56  CYS A C   1 
ATOM   392  O  O   . CYS A 1 56  ? 0.333   -7.578  -11.856 1.00 10.46 ? 56  CYS A O   1 
ATOM   393  C  CB  . CYS A 1 56  ? 3.507   -7.847  -12.955 1.00 9.44  ? 56  CYS A CB  1 
ATOM   394  S  SG  . CYS A 1 56  ? 3.683   -7.436  -11.183 1.00 10.65 ? 56  CYS A SG  1 
ATOM   395  N  N   A ASP A 1 57  ? 1.131   -9.605  -12.561 0.25 10.78 ? 57  ASP A N   1 
ATOM   396  N  N   B ASP A 1 57  ? 1.294   -9.590  -12.573 0.25 11.37 ? 57  ASP A N   1 
ATOM   397  C  CA  A ASP A 1 57  ? 0.393   -10.389 -11.535 0.25 11.16 ? 57  ASP A CA  1 
ATOM   398  C  CA  B ASP A 1 57  ? 0.498   -10.580 -11.821 0.25 12.28 ? 57  ASP A CA  1 
ATOM   399  C  C   A ASP A 1 57  ? 1.370   -11.246 -10.711 0.25 11.76 ? 57  ASP A C   1 
ATOM   400  C  C   B ASP A 1 57  ? 1.374   -11.263 -10.747 0.25 12.51 ? 57  ASP A C   1 
ATOM   401  O  O   A ASP A 1 57  ? 1.021   -12.383 -10.356 0.25 12.25 ? 57  ASP A O   1 
ATOM   402  O  O   B ASP A 1 57  ? 0.938   -12.303 -10.229 0.25 13.08 ? 57  ASP A O   1 
ATOM   403  C  CB  A ASP A 1 57  ? -0.699  -11.280 -12.145 0.25 11.88 ? 57  ASP A CB  1 
ATOM   404  C  CB  B ASP A 1 57  ? -0.067  -11.592 -12.829 0.25 14.15 ? 57  ASP A CB  1 
ATOM   405  C  CG  A ASP A 1 57  ? -0.178  -12.288 -13.153 0.25 13.80 ? 57  ASP A CG  1 
ATOM   406  C  CG  B ASP A 1 57  ? -1.277  -12.390 -12.389 0.25 17.02 ? 57  ASP A CG  1 
ATOM   407  O  OD1 A ASP A 1 57  ? 1.033   -12.371 -13.341 0.25 12.70 ? 57  ASP A OD1 1 
ATOM   408  O  OD1 B ASP A 1 57  ? -2.071  -11.876 -11.586 0.25 19.73 ? 57  ASP A OD1 1 
ATOM   409  O  OD2 A ASP A 1 57  ? -1.021  -12.964 -13.763 0.25 17.60 ? 57  ASP A OD2 1 
ATOM   410  O  OD2 B ASP A 1 57  ? -1.397  -13.524 -12.853 0.25 18.34 ? 57  ASP A OD2 1 
ATOM   411  N  N   . CYS A 1 58  ? 2.564   -10.742 -10.424 1.00 10.96 ? 58  CYS A N   1 
ATOM   412  C  CA  . CYS A 1 58  ? 3.468   -11.414 -9.462  1.00 11.08 ? 58  CYS A CA  1 
ATOM   413  C  C   . CYS A 1 58  ? 2.712   -11.698 -8.167  1.00 10.53 ? 58  CYS A C   1 
ATOM   414  O  O   . CYS A 1 58  ? 1.892   -10.892 -7.728  1.00 11.23 ? 58  CYS A O   1 
ATOM   415  C  CB  . CYS A 1 58  ? 4.710   -10.616 -9.096  1.00 12.30 ? 58  CYS A CB  1 
ATOM   416  S  SG  . CYS A 1 58  ? 5.859   -10.497 -10.481 1.00 11.98 ? 58  CYS A SG  1 
ATOM   417  N  N   . GLN A 1 59  ? 3.097   -12.803 -7.547  1.00 11.36 ? 59  GLN A N   1 
ATOM   418  C  CA  . GLN A 1 59  ? 2.665   -13.202 -6.198  1.00 10.97 ? 59  GLN A CA  1 
ATOM   419  C  C   . GLN A 1 59  ? 3.885   -13.497 -5.329  1.00 9.84  ? 59  GLN A C   1 
ATOM   420  O  O   . GLN A 1 59  ? 3.725   -14.084 -4.234  1.00 11.13 ? 59  GLN A O   1 
ATOM   421  C  CB  . GLN A 1 59  ? 1.739   -14.438 -6.227  1.00 12.29 ? 59  GLN A CB  1 
ATOM   422  C  CG  . GLN A 1 59  ? 0.346   -14.134 -6.724  1.00 13.31 ? 59  GLN A CG  1 
ATOM   423  C  CD  . GLN A 1 59  ? -0.522  -15.356 -6.509  1.00 13.61 ? 59  GLN A CD  1 
ATOM   424  O  OE1 . GLN A 1 59  ? -0.841  -16.054 -7.468  1.00 16.71 ? 59  GLN A OE1 1 
ATOM   425  N  NE2 . GLN A 1 59  ? -0.944  -15.613 -5.283  1.00 14.10 ? 59  GLN A NE2 1 
ATOM   426  N  N   . THR A 1 60  ? 5.063   -13.029 -5.716  1.00 10.69 ? 60  THR A N   1 
ATOM   427  C  CA  . THR A 1 60  ? 6.264   -13.094 -4.840  1.00 11.49 ? 60  THR A CA  1 
ATOM   428  C  C   . THR A 1 60  ? 6.961   -11.745 -4.879  1.00 10.20 ? 60  THR A C   1 
ATOM   429  O  O   . THR A 1 60  ? 6.969   -11.082 -5.927  1.00 11.15 ? 60  THR A O   1 
ATOM   430  C  CB  . THR A 1 60  ? 7.189   -14.248 -5.156  1.00 14.61 ? 60  THR A CB  1 
ATOM   431  O  OG1 . THR A 1 60  ? 7.745   -13.965 -6.414  1.00 19.24 ? 60  THR A OG1 1 
ATOM   432  C  CG2 . THR A 1 60  ? 6.491   -15.576 -5.086  1.00 13.99 ? 60  THR A CG2 1 
ATOM   433  N  N   . GLY A 1 61  ? 7.460   -11.321 -3.733  1.00 9.83  ? 61  GLY A N   1 
ATOM   434  C  CA  . GLY A 1 61  ? 8.185   -10.058 -3.683  1.00 9.13  ? 61  GLY A CA  1 
ATOM   435  C  C   . GLY A 1 61  ? 8.807   -9.875  -2.321  1.00 8.53  ? 61  GLY A C   1 
ATOM   436  O  O   . GLY A 1 61  ? 9.030   -10.860 -1.635  1.00 10.24 ? 61  GLY A O   1 
ATOM   437  N  N   . VAL A 1 62  ? 9.117   -8.641  -2.004  1.00 8.81  ? 62  VAL A N   1 
ATOM   438  C  CA  . VAL A 1 62  ? 9.833   -8.305  -0.746  1.00 9.26  ? 62  VAL A CA  1 
ATOM   439  C  C   . VAL A 1 62  ? 9.121   -7.117  -0.155  1.00 9.20  ? 62  VAL A C   1 
ATOM   440  O  O   . VAL A 1 62  ? 8.917   -6.136  -0.910  1.00 9.33  ? 62  VAL A O   1 
ATOM   441  C  CB  . VAL A 1 62  ? 11.322  -8.018  -1.001  1.00 9.33  ? 62  VAL A CB  1 
ATOM   442  C  CG1 . VAL A 1 62  ? 12.012  -7.533  0.255   1.00 10.48 ? 62  VAL A CG1 1 
ATOM   443  C  CG2 . VAL A 1 62  ? 12.030  -9.258  -1.517  1.00 10.53 ? 62  VAL A CG2 1 
ATOM   444  N  N   . TYR A 1 63  ? 8.889   -7.076  1.169   1.00 9.55  ? 63  TYR A N   1 
ATOM   445  C  CA  . TYR A 1 63  ? 8.250   -5.902  1.789   1.00 8.55  ? 63  TYR A CA  1 
ATOM   446  C  C   . TYR A 1 63  ? 9.111   -5.371  2.947   1.00 9.18  ? 63  TYR A C   1 
ATOM   447  O  O   . TYR A 1 63  ? 9.864   -6.147  3.570   1.00 10.43 ? 63  TYR A O   1 
ATOM   448  C  CB  . TYR A 1 63  ? 6.827   -6.198  2.249   1.00 9.43  ? 63  TYR A CB  1 
ATOM   449  C  CG  . TYR A 1 63  ? 6.692   -6.789  3.635   1.00 9.34  ? 63  TYR A CG  1 
ATOM   450  C  CD1 . TYR A 1 63  ? 6.909   -8.128  3.847   1.00 9.89  ? 63  TYR A CD1 1 
ATOM   451  C  CD2 . TYR A 1 63  ? 6.343   -6.028  4.716   1.00 9.44  ? 63  TYR A CD2 1 
ATOM   452  C  CE1 . TYR A 1 63  ? 6.725   -8.741  5.075   1.00 11.06 ? 63  TYR A CE1 1 
ATOM   453  C  CE2 . TYR A 1 63  ? 6.154   -6.606  5.964   1.00 9.15  ? 63  TYR A CE2 1 
ATOM   454  C  CZ  . TYR A 1 63  ? 6.390   -7.956  6.145   1.00 9.82  ? 63  TYR A CZ  1 
ATOM   455  O  OH  . TYR A 1 63  ? 6.243   -8.589  7.351   1.00 11.76 ? 63  TYR A OH  1 
ATOM   456  N  N   . TYR A 1 64  ? 9.003   -4.100  3.210   1.00 9.01  ? 64  TYR A N   1 
ATOM   457  C  CA  . TYR A 1 64  ? 9.696   -3.492  4.348   1.00 9.84  ? 64  TYR A CA  1 
ATOM   458  C  C   . TYR A 1 64  ? 8.772   -3.480  5.543   1.00 9.33  ? 64  TYR A C   1 
ATOM   459  O  O   . TYR A 1 64  ? 7.621   -2.974  5.524   1.00 9.78  ? 64  TYR A O   1 
ATOM   460  C  CB  . TYR A 1 64  ? 10.109  -2.063  4.028   1.00 10.43 ? 64  TYR A CB  1 
ATOM   461  C  CG  . TYR A 1 64  ? 10.824  -1.428  5.176   1.00 11.69 ? 64  TYR A CG  1 
ATOM   462  C  CD1 . TYR A 1 64  ? 12.004  -2.020  5.609   1.00 12.63 ? 64  TYR A CD1 1 
ATOM   463  C  CD2 . TYR A 1 64  ? 10.330  -0.335  5.846   1.00 11.36 ? 64  TYR A CD2 1 
ATOM   464  C  CE1 . TYR A 1 64  ? 12.681  -1.514  6.707   1.00 13.34 ? 64  TYR A CE1 1 
ATOM   465  C  CE2 . TYR A 1 64  ? 11.010  0.195   6.932   1.00 13.22 ? 64  TYR A CE2 1 
ATOM   466  C  CZ  . TYR A 1 64  ? 12.190  -0.389  7.341   1.00 14.15 ? 64  TYR A CZ  1 
ATOM   467  O  OH  . TYR A 1 64  ? 12.816  0.131   8.450   1.00 16.13 ? 64  TYR A OH  1 
ATOM   468  N  N   . CYS A 1 65  ? 9.304   -3.996  6.629   1.00 9.51  ? 65  CYS A N   1 
ATOM   469  C  CA  . CYS A 1 65  ? 8.685   -4.035  7.972   1.00 10.35 ? 65  CYS A CA  1 
ATOM   470  C  C   . CYS A 1 65  ? 9.419   -3.080  8.919   1.00 10.12 ? 65  CYS A C   1 
ATOM   471  O  O   . CYS A 1 65  ? 10.463  -3.489  9.543   1.00 10.58 ? 65  CYS A O   1 
ATOM   472  C  CB  . CYS A 1 65  ? 8.694   -5.458  8.472   1.00 10.29 ? 65  CYS A CB  1 
ATOM   473  S  SG  . CYS A 1 65  ? 7.956   -5.650  10.108  1.00 11.53 ? 65  CYS A SG  1 
ATOM   474  N  N   . SER A 1 66  ? 8.860   -1.900  9.150   1.00 10.45 ? 66  SER A N   1 
ATOM   475  C  CA  . SER A 1 66  ? 9.524   -0.915  10.034  1.00 11.30 ? 66  SER A CA  1 
ATOM   476  C  C   . SER A 1 66  ? 9.650   -1.432  11.470  1.00 11.46 ? 66  SER A C   1 
ATOM   477  O  O   . SER A 1 66  ? 10.658  -1.093  12.117  1.00 12.94 ? 66  SER A O   1 
ATOM   478  C  CB  . SER A 1 66  ? 8.848   0.421   9.997   1.00 13.02 ? 66  SER A CB  1 
ATOM   479  O  OG  . SER A 1 66  ? 7.557   0.411   10.569  1.00 18.18 ? 66  SER A OG  1 
ATOM   480  N  N   . SER A 1 67  ? 8.744   -2.249  11.963  1.00 10.23 ? 67  SER A N   1 
ATOM   481  C  CA  . SER A 1 67  ? 8.754   -2.722  13.351  1.00 11.22 ? 67  SER A CA  1 
ATOM   482  C  C   . SER A 1 67  ? 9.833   -3.794  13.528  1.00 11.82 ? 67  SER A C   1 
ATOM   483  O  O   . SER A 1 67  ? 9.995   -4.290  14.662  1.00 11.32 ? 67  SER A O   1 
ATOM   484  C  CB  . SER A 1 67  ? 7.427   -3.162  13.799  1.00 10.99 ? 67  SER A CB  1 
ATOM   485  O  OG  . SER A 1 67  ? 6.963   -4.312  13.078  1.00 11.73 ? 67  SER A OG  1 
ATOM   486  N  N   . ARG A 1 68  ? 10.529  -4.194  12.473  1.00 10.76 ? 68  ARG A N   1 
ATOM   487  C  CA  . ARG A 1 68  ? 11.665  -5.116  12.528  1.00 11.09 ? 68  ARG A CA  1 
ATOM   488  C  C   . ARG A 1 68  ? 12.907  -4.465  11.943  1.00 10.88 ? 68  ARG A C   1 
ATOM   489  O  O   . ARG A 1 68  ? 13.938  -5.152  11.903  1.00 13.23 ? 68  ARG A O   1 
ATOM   490  C  CB  . ARG A 1 68  ? 11.333  -6.423  11.860  1.00 10.87 ? 68  ARG A CB  1 
ATOM   491  C  CG  . ARG A 1 68  ? 10.207  -7.152  12.549  1.00 11.03 ? 68  ARG A CG  1 
ATOM   492  C  CD  . ARG A 1 68  ? 10.669  -7.871  13.806  1.00 11.97 ? 68  ARG A CD  1 
ATOM   493  N  NE  . ARG A 1 68  ? 9.620   -8.572  14.464  1.00 13.90 ? 68  ARG A NE  1 
ATOM   494  C  CZ  . ARG A 1 68  ? 8.783   -8.078  15.354  1.00 12.77 ? 68  ARG A CZ  1 
ATOM   495  N  NH1 . ARG A 1 68  ? 8.881   -6.805  15.725  1.00 12.53 ? 68  ARG A NH1 1 
ATOM   496  N  NH2 . ARG A 1 68  ? 7.849   -8.841  15.859  1.00 13.42 ? 68  ARG A NH2 1 
ATOM   497  N  N   . ARG A 1 69  ? 12.797  -3.303  11.337  1.00 11.44 ? 69  ARG A N   1 
ATOM   498  C  CA  . ARG A 1 69  ? 13.885  -2.713  10.539  1.00 12.75 ? 69  ARG A CA  1 
ATOM   499  C  C   . ARG A 1 69  ? 14.388  -3.746  9.553   1.00 13.31 ? 69  ARG A C   1 
ATOM   500  O  O   . ARG A 1 69  ? 15.622  -3.887  9.396   1.00 14.54 ? 69  ARG A O   1 
ATOM   501  C  CB  . ARG A 1 69  ? 15.016  -2.218  11.448  1.00 14.10 ? 69  ARG A CB  1 
ATOM   502  C  CG  . ARG A 1 69  ? 14.626  -1.010  12.266  1.00 14.48 ? 69  ARG A CG  1 
ATOM   503  C  CD  . ARG A 1 69  ? 15.852  -0.426  12.969  1.00 14.81 ? 69  ARG A CD  1 
ATOM   504  N  NE  . ARG A 1 69  ? 15.536  0.666   13.896  1.00 17.06 ? 69  ARG A NE  1 
ATOM   505  C  CZ  . ARG A 1 69  ? 15.689  0.620   15.233  1.00 17.00 ? 69  ARG A CZ  1 
ATOM   506  N  NH1 . ARG A 1 69  ? 16.034  -0.497  15.862  1.00 16.68 ? 69  ARG A NH1 1 
ATOM   507  N  NH2 . ARG A 1 69  ? 15.350  1.690   15.950  1.00 19.27 ? 69  ARG A NH2 1 
ATOM   508  N  N   . LYS A 1 70  ? 13.490  -4.445  8.850   1.00 13.36 ? 70  LYS A N   1 
ATOM   509  C  CA  . LYS A 1 70  ? 13.922  -5.549  7.965   1.00 14.22 ? 70  LYS A CA  1 
ATOM   510  C  C   . LYS A 1 70  ? 13.019  -5.577  6.746   1.00 13.05 ? 70  LYS A C   1 
ATOM   511  O  O   . LYS A 1 70  ? 11.800  -5.305  6.912   1.00 12.40 ? 70  LYS A O   1 
ATOM   512  C  CB  . LYS A 1 70  ? 13.844  -6.907  8.669   1.00 15.89 ? 70  LYS A CB  1 
ATOM   513  C  CG  . LYS A 1 70  ? 14.981  -7.160  9.635   1.00 21.70 ? 70  LYS A CG  1 
ATOM   514  C  CD  . LYS A 1 70  ? 15.206  -8.627  9.927   1.00 25.18 ? 70  LYS A CD  1 
ATOM   515  C  CE  . LYS A 1 70  ? 16.248  -8.835  11.011  1.00 30.97 ? 70  LYS A CE  1 
ATOM   516  N  NZ  . LYS A 1 70  ? 15.930  -8.062  12.233  1.00 37.11 ? 70  LYS A NZ  1 
ATOM   517  N  N   . HIS A 1 71  ? 13.584  -6.030  5.662   1.00 12.64 ? 71  HIS A N   1 
ATOM   518  C  CA  . HIS A 1 71  ? 12.843  -6.402  4.442   1.00 11.98 ? 71  HIS A CA  1 
ATOM   519  C  C   . HIS A 1 71  ? 12.697  -7.907  4.406   1.00 12.88 ? 71  HIS A C   1 
ATOM   520  O  O   . HIS A 1 71  ? 13.713  -8.648  4.663   1.00 15.81 ? 71  HIS A O   1 
ATOM   521  C  CB  . HIS A 1 71  ? 13.535  -5.926  3.186   1.00 12.26 ? 71  HIS A CB  1 
ATOM   522  C  CG  . HIS A 1 71  ? 13.619  -4.458  3.026   1.00 11.92 ? 71  HIS A CG  1 
ATOM   523  N  ND1 . HIS A 1 71  ? 12.851  -3.682  2.164   1.00 13.27 ? 71  HIS A ND1 1 
ATOM   524  C  CD2 . HIS A 1 71  ? 14.476  -3.593  3.611   1.00 12.68 ? 71  HIS A CD2 1 
ATOM   525  C  CE1 . HIS A 1 71  ? 13.218  -2.433  2.245   1.00 12.55 ? 71  HIS A CE1 1 
ATOM   526  N  NE2 . HIS A 1 71  ? 14.239  -2.349  3.074   1.00 16.48 ? 71  HIS A NE2 1 
ATOM   527  N  N   . TYR A 1 72  ? 11.511  -8.418  4.165   1.00 10.67 ? 72  TYR A N   1 
ATOM   528  C  CA  . TYR A 1 72  ? 11.240  -9.866  4.160   1.00 11.22 ? 72  TYR A CA  1 
ATOM   529  C  C   . TYR A 1 72  ? 10.754  -10.270 2.780   1.00 10.51 ? 72  TYR A C   1 
ATOM   530  O  O   . TYR A 1 72  ? 9.814   -9.679  2.224   1.00 10.66 ? 72  TYR A O   1 
ATOM   531  C  CB  . TYR A 1 72  ? 10.146  -10.252 5.158   1.00 12.23 ? 72  TYR A CB  1 
ATOM   532  C  CG  . TYR A 1 72  ? 10.530  -10.051 6.591   1.00 13.70 ? 72  TYR A CG  1 
ATOM   533  C  CD1 . TYR A 1 72  ? 11.266  -11.016 7.260   1.00 15.68 ? 72  TYR A CD1 1 
ATOM   534  C  CD2 . TYR A 1 72  ? 10.159  -8.925  7.289   1.00 12.30 ? 72  TYR A CD2 1 
ATOM   535  C  CE1 . TYR A 1 72  ? 11.656  -10.819 8.588   1.00 14.16 ? 72  TYR A CE1 1 
ATOM   536  C  CE2 . TYR A 1 72  ? 10.466  -8.749  8.626   1.00 13.93 ? 72  TYR A CE2 1 
ATOM   537  C  CZ  . TYR A 1 72  ? 11.223  -9.705  9.270   1.00 14.17 ? 72  TYR A CZ  1 
ATOM   538  O  OH  . TYR A 1 72  ? 11.559  -9.545  10.596  1.00 15.42 ? 72  TYR A OH  1 
ATOM   539  N  N   . PRO A 1 73  ? 11.260  -11.401 2.261   1.00 10.72 ? 73  PRO A N   1 
ATOM   540  C  CA  . PRO A 1 73  ? 10.701  -11.989 1.056   1.00 10.52 ? 73  PRO A CA  1 
ATOM   541  C  C   . PRO A 1 73  ? 9.386   -12.680 1.419   1.00 11.43 ? 73  PRO A C   1 
ATOM   542  O  O   . PRO A 1 73  ? 9.356   -13.465 2.371   1.00 13.42 ? 73  PRO A O   1 
ATOM   543  C  CB  . PRO A 1 73  ? 11.771  -12.989 0.572   1.00 11.37 ? 73  PRO A CB  1 
ATOM   544  C  CG  . PRO A 1 73  ? 12.608  -13.297 1.786   1.00 14.02 ? 73  PRO A CG  1 
ATOM   545  C  CD  . PRO A 1 73  ? 12.435  -12.150 2.778   1.00 11.76 ? 73  PRO A CD  1 
ATOM   546  N  N   . VAL A 1 74  ? 8.357   -12.484 0.604   1.00 9.66  ? 74  VAL A N   1 
ATOM   547  C  CA  . VAL A 1 74  ? 7.032   -13.090 0.849   1.00 10.17 ? 74  VAL A CA  1 
ATOM   548  C  C   . VAL A 1 74  ? 6.392   -13.572 -0.432  1.00 10.33 ? 74  VAL A C   1 
ATOM   549  O  O   . VAL A 1 74  ? 6.583   -13.008 -1.509  1.00 10.91 ? 74  VAL A O   1 
ATOM   550  C  CB  . VAL A 1 74  ? 6.080   -12.123 1.559   1.00 11.28 ? 74  VAL A CB  1 
ATOM   551  C  CG1 . VAL A 1 74  ? 6.488   -11.935 3.008   1.00 13.72 ? 74  VAL A CG1 1 
ATOM   552  C  CG2 . VAL A 1 74  ? 5.966   -10.811 0.836   1.00 12.23 ? 74  VAL A CG2 1 
ATOM   553  N  N   . SER A 1 75  ? 5.522   -14.561 -0.274  1.00 10.35 ? 75  SER A N   1 
ATOM   554  C  CA  . SER A 1 75  ? 4.463   -14.925 -1.236  1.00 11.16 ? 75  SER A CA  1 
ATOM   555  C  C   . SER A 1 75  ? 3.195   -14.238 -0.738  1.00 10.68 ? 75  SER A C   1 
ATOM   556  O  O   . SER A 1 75  ? 2.960   -14.180 0.442   1.00 10.66 ? 75  SER A O   1 
ATOM   557  C  CB  . SER A 1 75  ? 4.270   -16.411 -1.335  1.00 13.42 ? 75  SER A CB  1 
ATOM   558  O  OG  . SER A 1 75  ? 5.438   -17.026 -1.795  1.00 19.41 ? 75  SER A OG  1 
ATOM   559  N  N   . PHE A 1 76  ? 2.395   -13.751 -1.663  1.00 9.88  ? 76  PHE A N   1 
ATOM   560  C  CA  . PHE A 1 76  ? 1.177   -12.991 -1.321  1.00 9.65  ? 76  PHE A CA  1 
ATOM   561  C  C   . PHE A 1 76  ? 0.073   -13.380 -2.272  1.00 9.68  ? 76  PHE A C   1 
ATOM   562  O  O   . PHE A 1 76  ? 0.281   -13.738 -3.465  1.00 11.26 ? 76  PHE A O   1 
ATOM   563  C  CB  . PHE A 1 76  ? 1.436   -11.475 -1.299  1.00 9.88  ? 76  PHE A CB  1 
ATOM   564  C  CG  . PHE A 1 76  ? 2.060   -10.868 -2.542  1.00 9.72  ? 76  PHE A CG  1 
ATOM   565  C  CD1 . PHE A 1 76  ? 3.434   -10.788 -2.688  1.00 10.14 ? 76  PHE A CD1 1 
ATOM   566  C  CD2 . PHE A 1 76  ? 1.262   -10.320 -3.547  1.00 10.63 ? 76  PHE A CD2 1 
ATOM   567  C  CE1 . PHE A 1 76  ? 4.013   -10.231 -3.817  1.00 10.32 ? 76  PHE A CE1 1 
ATOM   568  C  CE2 . PHE A 1 76  ? 1.844   -9.752  -4.652  1.00 10.31 ? 76  PHE A CE2 1 
ATOM   569  C  CZ  . PHE A 1 76  ? 3.207   -9.754  -4.811  1.00 10.29 ? 76  PHE A CZ  1 
ATOM   570  N  N   . SER A 1 77  ? -1.143  -13.251 -1.743  1.00 10.15 ? 77  SER A N   1 
ATOM   571  C  CA  . SER A 1 77  ? -2.370  -13.538 -2.535  1.00 10.99 ? 77  SER A CA  1 
ATOM   572  C  C   . SER A 1 77  ? -2.614  -12.432 -3.535  1.00 11.73 ? 77  SER A C   1 
ATOM   573  O  O   . SER A 1 77  ? -2.169  -11.312 -3.354  1.00 12.40 ? 77  SER A O   1 
ATOM   574  C  CB  . SER A 1 77  ? -3.537  -13.751 -1.620  1.00 11.34 ? 77  SER A CB  1 
ATOM   575  O  OG  . SER A 1 77  ? -3.848  -12.592 -0.834  1.00 13.65 ? 77  SER A OG  1 
ATOM   576  N  N   . LYS A 1 78  ? -3.395  -12.746 -4.590  1.00 11.54 ? 78  LYS A N   1 
ATOM   577  C  CA  . LYS A 1 78  ? -3.829  -11.724 -5.577  1.00 11.90 ? 78  LYS A CA  1 
ATOM   578  C  C   . LYS A 1 78  ? -4.795  -10.782 -4.871  1.00 12.34 ? 78  LYS A C   1 
ATOM   579  O  O   . LYS A 1 78  ? -5.466  -11.139 -3.914  1.00 12.73 ? 78  LYS A O   1 
ATOM   580  C  CB  . LYS A 1 78  ? -4.445  -12.387 -6.798  1.00 14.80 ? 78  LYS A CB  1 
ATOM   581  C  CG  . LYS A 1 78  ? -3.458  -13.243 -7.553  1.00 15.09 ? 78  LYS A CG  1 
ATOM   582  C  CD  . LYS A 1 78  ? -4.062  -13.869 -8.812  1.00 17.69 ? 78  LYS A CD  1 
ATOM   583  C  CE  . LYS A 1 78  ? -2.951  -14.419 -9.674  1.00 21.71 ? 78  LYS A CE  1 
ATOM   584  N  NZ  . LYS A 1 78  ? -3.484  -15.042 -10.917 1.00 25.80 ? 78  LYS A NZ  1 
ATOM   585  N  N   . PRO A 1 79  ? -4.885  -9.531  -5.348  1.00 11.57 ? 79  PRO A N   1 
ATOM   586  C  CA  . PRO A 1 79  ? -5.768  -8.555  -4.714  1.00 11.79 ? 79  PRO A CA  1 
ATOM   587  C  C   . PRO A 1 79  ? -7.201  -9.091  -4.684  1.00 12.48 ? 79  PRO A C   1 
ATOM   588  O  O   . PRO A 1 79  ? -7.692  -9.610  -5.725  1.00 13.97 ? 79  PRO A O   1 
ATOM   589  C  CB  . PRO A 1 79  ? -5.621  -7.324  -5.634  1.00 12.26 ? 79  PRO A CB  1 
ATOM   590  C  CG  . PRO A 1 79  ? -4.268  -7.456  -6.246  1.00 13.19 ? 79  PRO A CG  1 
ATOM   591  C  CD  . PRO A 1 79  ? -4.128  -8.945  -6.469  1.00 12.25 ? 79  PRO A CD  1 
ATOM   592  N  N   . SER A 1 80  ? -7.839  -8.927  -3.537  0.26 13.22 ? 80  SER A N   1 
ATOM   593  C  CA  . SER A 1 80  ? -9.223  -9.396  -3.335  0.26 14.76 ? 80  SER A CA  1 
ATOM   594  C  C   . SER A 1 80  ? -9.938  -8.539  -2.290  0.26 15.59 ? 80  SER A C   1 
ATOM   595  O  O   . SER A 1 80  ? -9.372  -7.607  -1.751  0.26 14.11 ? 80  SER A O   1 
ATOM   596  C  CB  . SER A 1 80  ? -9.267  -10.856 -2.972  0.26 17.68 ? 80  SER A CB  1 
ATOM   597  O  OG  . SER A 1 80  ? -10.527 -11.358 -3.367  0.26 21.42 ? 80  SER A OG  1 
ATOM   598  N  N   . LEU A 1 81  ? -11.228 -8.899  -2.086  1.00 14.61 ? 81  LEU A N   1 
ATOM   599  C  CA  . LEU A 1 81  ? -12.107 -8.254  -1.098  1.00 14.71 ? 81  LEU A CA  1 
ATOM   600  C  C   . LEU A 1 81  ? -12.069 -9.116  0.140   1.00 15.57 ? 81  LEU A C   1 
ATOM   601  O  O   . LEU A 1 81  ? -12.457 -10.315 0.044   1.00 17.51 ? 81  LEU A O   1 
ATOM   602  C  CB  . LEU A 1 81  ? -13.498 -8.145  -1.713  1.00 16.86 ? 81  LEU A CB  1 
ATOM   603  C  CG  . LEU A 1 81  ? -14.530 -7.535  -0.782  1.00 18.04 ? 81  LEU A CG  1 
ATOM   604  C  CD1 . LEU A 1 81  ? -14.168 -6.106  -0.394  1.00 18.85 ? 81  LEU A CD1 1 
ATOM   605  C  CD2 . LEU A 1 81  ? -15.890 -7.546  -1.468  1.00 20.17 ? 81  LEU A CD2 1 
ATOM   606  N  N   . ILE A 1 82  ? -11.496 -8.600  1.216   1.00 14.83 ? 82  ILE A N   1 
ATOM   607  C  CA  . ILE A 1 82  ? -11.121 -9.399  2.396   1.00 15.37 ? 82  ILE A CA  1 
ATOM   608  C  C   . ILE A 1 82  ? -11.688 -8.763  3.642   1.00 15.56 ? 82  ILE A C   1 
ATOM   609  O  O   . ILE A 1 82  ? -11.527 -7.549  3.802   1.00 14.80 ? 82  ILE A O   1 
ATOM   610  C  CB  . ILE A 1 82  ? -9.580  -9.505  2.543   1.00 17.16 ? 82  ILE A CB  1 
ATOM   611  C  CG1 . ILE A 1 82  ? -8.979  -10.065 1.253   1.00 17.87 ? 82  ILE A CG1 1 
ATOM   612  C  CG2 . ILE A 1 82  ? -9.203  -10.303 3.776   1.00 20.00 ? 82  ILE A CG2 1 
ATOM   613  C  CD1 . ILE A 1 82  ? -9.281  -11.522 1.049   1.00 22.17 ? 82  ILE A CD1 1 
ATOM   614  N  N   . PHE A 1 83  ? -12.165 -9.596  4.542   1.00 14.59 ? 83  PHE A N   1 
ATOM   615  C  CA  . PHE A 1 83  ? -12.564 -9.115  5.866   1.00 14.89 ? 83  PHE A CA  1 
ATOM   616  C  C   . PHE A 1 83  ? -11.321 -8.874  6.702   1.00 14.80 ? 83  PHE A C   1 
ATOM   617  O  O   . PHE A 1 83  ? -10.429 -9.779  6.764   1.00 16.50 ? 83  PHE A O   1 
ATOM   618  C  CB  . PHE A 1 83  ? -13.521 -10.076 6.564   1.00 16.28 ? 83  PHE A CB  1 
ATOM   619  C  CG  . PHE A 1 83  ? -14.072 -9.476  7.815   1.00 16.04 ? 83  PHE A CG  1 
ATOM   620  C  CD1 . PHE A 1 83  ? -15.025 -8.486  7.729   1.00 17.94 ? 83  PHE A CD1 1 
ATOM   621  C  CD2 . PHE A 1 83  ? -13.661 -9.904  9.062   1.00 18.03 ? 83  PHE A CD2 1 
ATOM   622  C  CE1 . PHE A 1 83  ? -15.602 -7.941  8.871   1.00 17.95 ? 83  PHE A CE1 1 
ATOM   623  C  CE2 . PHE A 1 83  ? -14.207 -9.339  10.204  1.00 19.78 ? 83  PHE A CE2 1 
ATOM   624  C  CZ  . PHE A 1 83  ? -15.140 -8.345  10.105  1.00 19.51 ? 83  PHE A CZ  1 
ATOM   625  N  N   . VAL A 1 84  ? -11.236 -7.707  7.304   1.00 15.05 ? 84  VAL A N   1 
ATOM   626  C  CA  . VAL A 1 84  ? -10.101 -7.330  8.149   1.00 14.40 ? 84  VAL A CA  1 
ATOM   627  C  C   . VAL A 1 84  ? -10.606 -7.127  9.584   1.00 13.69 ? 84  VAL A C   1 
ATOM   628  O  O   . VAL A 1 84  ? -11.535 -6.321  9.819   1.00 15.68 ? 84  VAL A O   1 
ATOM   629  C  CB  . VAL A 1 84  ? -9.391  -6.090  7.575   1.00 14.52 ? 84  VAL A CB  1 
ATOM   630  C  CG1 . VAL A 1 84  ? -8.172  -5.712  8.407   1.00 14.58 ? 84  VAL A CG1 1 
ATOM   631  C  CG2 . VAL A 1 84  ? -9.016  -6.332  6.121   1.00 14.59 ? 84  VAL A CG2 1 
ATOM   632  N  N   . GLU A 1 85  ? -10.009 -7.746  10.564  1.00 14.47 ? 85  GLU A N   1 
ATOM   633  C  CA  . GLU A 1 85  ? -10.395 -7.505  11.963  1.00 15.27 ? 85  GLU A CA  1 
ATOM   634  C  C   . GLU A 1 85  ? -10.058 -6.081  12.376  1.00 16.56 ? 85  GLU A C   1 
ATOM   635  O  O   . GLU A 1 85  ? -9.222  -5.388  11.695  1.00 15.77 ? 85  GLU A O   1 
ATOM   636  C  CB  . GLU A 1 85  ? -9.679  -8.500  12.876  1.00 17.36 ? 85  GLU A CB  1 
ATOM   637  C  CG  . GLU A 1 85  ? -10.141 -9.912  12.637  1.00 18.12 ? 85  GLU A CG  1 
ATOM   638  C  CD  . GLU A 1 85  ? -11.598 -10.234 12.919  1.00 19.53 ? 85  GLU A CD  1 
ATOM   639  O  OE1 . GLU A 1 85  ? -12.288 -9.478  13.655  1.00 19.62 ? 85  GLU A OE1 1 
ATOM   640  O  OE2 . GLU A 1 85  ? -12.052 -11.253 12.406  1.00 20.23 ? 85  GLU A OE2 1 
ATOM   641  N  N   . ALA A 1 86  ? -10.668 -5.596  13.455  1.00 18.06 ? 86  ALA A N   1 
ATOM   642  C  CA  . ALA A 1 86  ? -10.414 -4.223  13.958  1.00 18.53 ? 86  ALA A CA  1 
ATOM   643  C  C   . ALA A 1 86  ? -8.922  -4.014  14.239  1.00 18.48 ? 86  ALA A C   1 
ATOM   644  O  O   . ALA A 1 86  ? -8.290  -4.913  14.830  1.00 18.24 ? 86  ALA A O   1 
ATOM   645  C  CB  . ALA A 1 86  ? -11.255 -3.954  15.180  1.00 19.44 ? 86  ALA A CB  1 
ATOM   646  N  N   . SER A 1 87  ? -8.402  -2.833  13.894  1.00 17.60 ? 87  SER A N   1 
ATOM   647  C  CA  . SER A 1 87  ? -7.021  -2.376  14.195  1.00 17.73 ? 87  SER A CA  1 
ATOM   648  C  C   . SER A 1 87  ? -7.120  -1.068  14.971  1.00 19.78 ? 87  SER A C   1 
ATOM   649  O  O   . SER A 1 87  ? -8.234  -0.566  15.192  1.00 19.28 ? 87  SER A O   1 
ATOM   650  C  CB  . SER A 1 87  ? -6.216  -2.152  12.968  1.00 17.46 ? 87  SER A CB  1 
ATOM   651  O  OG  . SER A 1 87  ? -6.823  -1.107  12.200  1.00 16.44 ? 87  SER A OG  1 
ATOM   652  N  N   . GLU A 1 88  ? -5.978  -0.479  15.337  1.00 22.41 ? 88  GLU A N   1 
ATOM   653  C  CA  . GLU A 1 88  ? -6.009  0.814   16.068  1.00 21.51 ? 88  GLU A CA  1 
ATOM   654  C  C   . GLU A 1 88  ? -6.581  1.916   15.156  1.00 21.59 ? 88  GLU A C   1 
ATOM   655  O  O   . GLU A 1 88  ? -7.025  2.942   15.688  1.00 23.09 ? 88  GLU A O   1 
ATOM   656  C  CB  . GLU A 1 88  ? -4.631  1.124   16.670  1.00 25.36 ? 88  GLU A CB  1 
ATOM   657  C  CG  . GLU A 1 88  ? -3.660  1.803   15.741  1.00 32.64 ? 88  GLU A CG  1 
ATOM   658  C  CD  . GLU A 1 88  ? -2.347  2.226   16.393  1.00 35.03 ? 88  GLU A CD  1 
ATOM   659  O  OE1 . GLU A 1 88  ? -1.937  1.576   17.392  1.00 34.32 ? 88  GLU A OE1 1 
ATOM   660  O  OE2 . GLU A 1 88  ? -1.730  3.187   15.875  1.00 41.71 ? 88  GLU A OE2 1 
ATOM   661  N  N   . TYR A 1 89  ? -6.651  1.728   13.836  1.00 18.81 ? 89  TYR A N   1 
ATOM   662  C  CA  . TYR A 1 89  ? -6.977  2.822   12.895  1.00 17.40 ? 89  TYR A CA  1 
ATOM   663  C  C   . TYR A 1 89  ? -8.216  2.519   12.068  1.00 18.82 ? 89  TYR A C   1 
ATOM   664  O  O   . TYR A 1 89  ? -8.708  3.471   11.396  1.00 20.06 ? 89  TYR A O   1 
ATOM   665  C  CB  . TYR A 1 89  ? -5.750  3.144   12.037  1.00 17.21 ? 89  TYR A CB  1 
ATOM   666  C  CG  . TYR A 1 89  ? -5.117  1.967   11.344  1.00 18.49 ? 89  TYR A CG  1 
ATOM   667  C  CD1 . TYR A 1 89  ? -4.146  1.216   11.982  1.00 16.62 ? 89  TYR A CD1 1 
ATOM   668  C  CD2 . TYR A 1 89  ? -5.542  1.541   10.097  1.00 15.70 ? 89  TYR A CD2 1 
ATOM   669  C  CE1 . TYR A 1 89  ? -3.549  0.125   11.370  1.00 16.40 ? 89  TYR A CE1 1 
ATOM   670  C  CE2 . TYR A 1 89  ? -4.970  0.433   9.481   1.00 17.18 ? 89  TYR A CE2 1 
ATOM   671  C  CZ  . TYR A 1 89  ? -3.944  -0.251  10.095  1.00 15.97 ? 89  TYR A CZ  1 
ATOM   672  O  OH  . TYR A 1 89  ? -3.371  -1.371  9.563   1.00 15.40 ? 89  TYR A OH  1 
ATOM   673  N  N   . TYR A 1 90  ? -8.726  1.278   12.077  1.00 17.29 ? 90  TYR A N   1 
ATOM   674  C  CA  . TYR A 1 90  ? -10.015 0.979   11.423  1.00 16.53 ? 90  TYR A CA  1 
ATOM   675  C  C   . TYR A 1 90  ? -10.804 -0.022  12.246  1.00 15.84 ? 90  TYR A C   1 
ATOM   676  O  O   . TYR A 1 90  ? -10.249 -0.868  12.928  1.00 16.82 ? 90  TYR A O   1 
ATOM   677  C  CB  . TYR A 1 90  ? -9.864  0.382   10.026  1.00 17.01 ? 90  TYR A CB  1 
ATOM   678  C  CG  . TYR A 1 90  ? -9.450  1.327   8.938   1.00 17.18 ? 90  TYR A CG  1 
ATOM   679  C  CD1 . TYR A 1 90  ? -10.201 2.442   8.595   1.00 17.88 ? 90  TYR A CD1 1 
ATOM   680  C  CD2 . TYR A 1 90  ? -8.376  1.008   8.132   1.00 16.57 ? 90  TYR A CD2 1 
ATOM   681  C  CE1 . TYR A 1 90  ? -9.862  3.254   7.520   1.00 18.59 ? 90  TYR A CE1 1 
ATOM   682  C  CE2 . TYR A 1 90  ? -8.013  1.824   7.066   1.00 16.39 ? 90  TYR A CE2 1 
ATOM   683  C  CZ  . TYR A 1 90  ? -8.727  2.972   6.777   1.00 16.41 ? 90  TYR A CZ  1 
ATOM   684  O  OH  . TYR A 1 90  ? -8.401  3.791   5.712   1.00 16.21 ? 90  TYR A OH  1 
ATOM   685  N  N   . PRO A 1 91  ? -12.156 0.056   12.160  1.00 15.79 ? 91  PRO A N   1 
ATOM   686  C  CA  . PRO A 1 91  ? -12.985 -1.003  12.724  1.00 17.56 ? 91  PRO A CA  1 
ATOM   687  C  C   . PRO A 1 91  ? -12.797 -2.286  11.904  1.00 17.51 ? 91  PRO A C   1 
ATOM   688  O  O   . PRO A 1 91  ? -12.216 -2.244  10.816  1.00 17.06 ? 91  PRO A O   1 
ATOM   689  C  CB  . PRO A 1 91  ? -14.399 -0.459  12.522  1.00 16.89 ? 91  PRO A CB  1 
ATOM   690  C  CG  . PRO A 1 91  ? -14.291 0.392   11.263  1.00 17.77 ? 91  PRO A CG  1 
ATOM   691  C  CD  . PRO A 1 91  ? -12.930 1.050   11.398  1.00 16.08 ? 91  PRO A CD  1 
ATOM   692  N  N   . ALA A 1 92  ? -13.377 -3.380  12.371  1.00 17.70 ? 92  ALA A N   1 
ATOM   693  C  CA  . ALA A 1 92  ? -13.499 -4.593  11.550  1.00 18.43 ? 92  ALA A CA  1 
ATOM   694  C  C   . ALA A 1 92  ? -14.273 -4.199  10.303  1.00 18.28 ? 92  ALA A C   1 
ATOM   695  O  O   . ALA A 1 92  ? -15.362 -3.578  10.445  1.00 21.91 ? 92  ALA A O   1 
ATOM   696  C  CB  . ALA A 1 92  ? -14.224 -5.674  12.311  1.00 19.66 ? 92  ALA A CB  1 
ATOM   697  N  N   . ARG A 1 93  ? -13.788 -4.485  9.112   1.00 16.92 ? 93  ARG A N   1 
ATOM   698  C  CA  . ARG A 1 93  ? -14.521 -4.143  7.881   1.00 19.24 ? 93  ARG A CA  1 
ATOM   699  C  C   . ARG A 1 93  ? -13.974 -4.949  6.704   1.00 17.39 ? 93  ARG A C   1 
ATOM   700  O  O   . ARG A 1 93  ? -12.893 -5.616  6.852   1.00 17.14 ? 93  ARG A O   1 
ATOM   701  C  CB  . ARG A 1 93  ? -14.401 -2.629  7.669   1.00 18.36 ? 93  ARG A CB  1 
ATOM   702  C  CG  . ARG A 1 93  ? -12.968 -2.220  7.393   1.00 19.08 ? 93  ARG A CG  1 
ATOM   703  C  CD  . ARG A 1 93  ? -12.728 -0.731  7.270   1.00 21.11 ? 93  ARG A CD  1 
ATOM   704  N  NE  . ARG A 1 93  ? -11.532 -0.637  6.450   1.00 20.12 ? 93  ARG A NE  1 
ATOM   705  C  CZ  . ARG A 1 93  ? -11.336 0.204   5.439   1.00 21.28 ? 93  ARG A CZ  1 
ATOM   706  N  NH1 . ARG A 1 93  ? -12.236 1.116   5.077   1.00 19.66 ? 93  ARG A NH1 1 
ATOM   707  N  NH2 . ARG A 1 93  ? -10.242 0.036   4.732   1.00 21.55 ? 93  ARG A NH2 1 
ATOM   708  N  N   . TYR A 1 94  ? -14.650 -4.872  5.580   1.00 16.57 ? 94  TYR A N   1 
ATOM   709  C  CA  . TYR A 1 94  ? -14.171 -5.407  4.295   1.00 17.34 ? 94  TYR A CA  1 
ATOM   710  C  C   . TYR A 1 94  ? -13.281 -4.366  3.664   1.00 16.10 ? 94  TYR A C   1 
ATOM   711  O  O   . TYR A 1 94  ? -13.588 -3.155  3.729   1.00 19.37 ? 94  TYR A O   1 
ATOM   712  C  CB  . TYR A 1 94  ? -15.340 -5.767  3.384   1.00 18.37 ? 94  TYR A CB  1 
ATOM   713  C  CG  . TYR A 1 94  ? -15.888 -7.130  3.734   1.00 20.65 ? 94  TYR A CG  1 
ATOM   714  C  CD1 . TYR A 1 94  ? -15.247 -8.245  3.247   1.00 21.00 ? 94  TYR A CD1 1 
ATOM   715  C  CD2 . TYR A 1 94  ? -16.962 -7.320  4.591   1.00 23.65 ? 94  TYR A CD2 1 
ATOM   716  C  CE1 . TYR A 1 94  ? -15.661 -9.527  3.540   1.00 21.10 ? 94  TYR A CE1 1 
ATOM   717  C  CE2 . TYR A 1 94  ? -17.398 -8.608  4.925   1.00 22.51 ? 94  TYR A CE2 1 
ATOM   718  C  CZ  . TYR A 1 94  ? -16.745 -9.708  4.379   1.00 22.58 ? 94  TYR A CZ  1 
ATOM   719  O  OH  . TYR A 1 94  ? -17.135 -10.988 4.641   1.00 27.67 ? 94  TYR A OH  1 
ATOM   720  N  N   . GLN A 1 95  ? -12.110 -4.803  3.216   1.00 14.24 ? 95  GLN A N   1 
ATOM   721  C  CA  . GLN A 1 95  ? -11.181 -3.925  2.472   1.00 14.00 ? 95  GLN A CA  1 
ATOM   722  C  C   . GLN A 1 95  ? -10.991 -4.554  1.109   1.00 13.33 ? 95  GLN A C   1 
ATOM   723  O  O   . GLN A 1 95  ? -10.787 -5.786  1.073   1.00 14.61 ? 95  GLN A O   1 
ATOM   724  C  CB  . GLN A 1 95  ? -9.869  -3.819  3.235   1.00 13.91 ? 95  GLN A CB  1 
ATOM   725  C  CG  . GLN A 1 95  ? -8.866  -2.894  2.571   1.00 15.43 ? 95  GLN A CG  1 
ATOM   726  C  CD  . GLN A 1 95  ? -7.794  -2.397  3.523   1.00 14.70 ? 95  GLN A CD  1 
ATOM   727  O  OE1 . GLN A 1 95  ? -8.034  -2.118  4.676   1.00 15.17 ? 95  GLN A OE1 1 
ATOM   728  N  NE2 . GLN A 1 95  ? -6.604  -2.267  2.983   1.00 15.62 ? 95  GLN A NE2 1 
ATOM   729  N  N   . SER A 1 96  ? -11.008 -3.790  0.020   1.00 12.44 ? 96  SER A N   1 
ATOM   730  C  CA  . SER A 1 96  ? -10.890 -4.246  -1.374  1.00 12.94 ? 96  SER A CA  1 
ATOM   731  C  C   . SER A 1 96  ? -9.432  -4.091  -1.824  1.00 12.92 ? 96  SER A C   1 
ATOM   732  O  O   . SER A 1 96  ? -8.670  -3.348  -1.187  1.00 12.50 ? 96  SER A O   1 
ATOM   733  C  CB  . SER A 1 96  ? -11.820 -3.487  -2.297  1.00 14.59 ? 96  SER A CB  1 
ATOM   734  O  OG  . SER A 1 96  ? -11.475 -2.097  -2.309  1.00 15.40 ? 96  SER A OG  1 
ATOM   735  N  N   . HIS A 1 97  ? -9.109  -4.746  -2.919  1.00 11.52 ? 97  HIS A N   1 
ATOM   736  C  CA  . HIS A 1 97  ? -7.758  -4.688  -3.534  1.00 11.72 ? 97  HIS A CA  1 
ATOM   737  C  C   . HIS A 1 97  ? -6.660  -5.020  -2.509  1.00 10.18 ? 97  HIS A C   1 
ATOM   738  O  O   . HIS A 1 97  ? -5.611  -4.397  -2.616  1.00 10.73 ? 97  HIS A O   1 
ATOM   739  C  CB  . HIS A 1 97  ? -7.608  -3.317  -4.164  1.00 13.37 ? 97  HIS A CB  1 
ATOM   740  C  CG  . HIS A 1 97  ? -8.620  -3.037  -5.233  1.00 13.24 ? 97  HIS A CG  1 
ATOM   741  N  ND1 . HIS A 1 97  ? -8.367  -3.243  -6.563  1.00 13.04 ? 97  HIS A ND1 1 
ATOM   742  C  CD2 . HIS A 1 97  ? -9.870  -2.495  -5.153  1.00 14.11 ? 97  HIS A CD2 1 
ATOM   743  C  CE1 . HIS A 1 97  ? -9.432  -2.853  -7.268  1.00 13.86 ? 97  HIS A CE1 1 
ATOM   744  N  NE2 . HIS A 1 97  ? -10.361 -2.425  -6.442  1.00 16.10 ? 97  HIS A NE2 1 
ATOM   745  N  N   . LEU A 1 98  ? -6.897  -5.949  -1.635  1.00 10.66 ? 98  LEU A N   1 
ATOM   746  C  CA  . LEU A 1 98  ? -5.986  -6.297  -0.532  1.00 10.23 ? 98  LEU A CA  1 
ATOM   747  C  C   . LEU A 1 98  ? -5.331  -7.646  -0.824  1.00 11.08 ? 98  LEU A C   1 
ATOM   748  O  O   . LEU A 1 98  ? -6.014  -8.582  -1.280  1.00 11.69 ? 98  LEU A O   1 
ATOM   749  C  CB  . LEU A 1 98  ? -6.748  -6.377  0.777   1.00 10.99 ? 98  LEU A CB  1 
ATOM   750  C  CG  . LEU A 1 98  ? -5.887  -6.603  2.006   1.00 12.74 ? 98  LEU A CG  1 
ATOM   751  C  CD1 . LEU A 1 98  ? -5.000  -5.433  2.250   1.00 12.37 ? 98  LEU A CD1 1 
ATOM   752  C  CD2 . LEU A 1 98  ? -6.742  -6.928  3.211   1.00 14.06 ? 98  LEU A CD2 1 
ATOM   753  N  N   . MET A 1 99  ? -4.032  -7.705  -0.614  1.00 9.55  ? 99  MET A N   1 
ATOM   754  C  CA  . MET A 1 99  ? -3.197  -8.909  -0.794  1.00 10.25 ? 99  MET A CA  1 
ATOM   755  C  C   . MET A 1 99  ? -2.727  -9.313  0.593   1.00 10.25 ? 99  MET A C   1 
ATOM   756  O  O   . MET A 1 99  ? -2.345  -8.436  1.350   1.00 11.49 ? 99  MET A O   1 
ATOM   757  C  CB  . MET A 1 99  ? -2.000  -8.600  -1.668  1.00 10.50 ? 99  MET A CB  1 
ATOM   758  C  CG  . MET A 1 99  ? -2.438  -8.180  -3.081  1.00 11.43 ? 99  MET A CG  1 
ATOM   759  S  SD  . MET A 1 99  ? -1.112  -7.551  -4.078  1.00 11.87 ? 99  MET A SD  1 
ATOM   760  C  CE  . MET A 1 99  ? -0.754  -5.991  -3.257  1.00 11.68 ? 99  MET A CE  1 
ATOM   761  N  N   . LEU A 1 100 ? -2.648  -10.608 0.872   1.00 10.24 ? 100 LEU A N   1 
ATOM   762  C  CA  . LEU A 1 100 ? -2.200  -11.063 2.195   1.00 9.50  ? 100 LEU A CA  1 
ATOM   763  C  C   . LEU A 1 100 ? -0.950  -11.897 2.003   1.00 9.58  ? 100 LEU A C   1 
ATOM   764  O  O   . LEU A 1 100 ? -0.835  -12.702 1.043   1.00 11.05 ? 100 LEU A O   1 
ATOM   765  C  CB  . LEU A 1 100 ? -3.279  -11.933 2.834   1.00 11.11 ? 100 LEU A CB  1 
ATOM   766  C  CG  . LEU A 1 100 ? -4.522  -11.182 3.265   1.00 12.35 ? 100 LEU A CG  1 
ATOM   767  C  CD1 . LEU A 1 100 ? -5.598  -12.143 3.775   1.00 13.56 ? 100 LEU A CD1 1 
ATOM   768  C  CD2 . LEU A 1 100 ? -4.194  -10.151 4.324   1.00 13.00 ? 100 LEU A CD2 1 
ATOM   769  N  N   . ALA A 1 101 ? -0.069  -11.790 3.009   1.00 9.29  ? 101 ALA A N   1 
ATOM   770  C  CA  . ALA A 1 101 ? 1.085   -12.680 3.171   1.00 9.38  ? 101 ALA A CA  1 
ATOM   771  C  C   . ALA A 1 101 ? 1.247   -13.070 4.627   1.00 9.53  ? 101 ALA A C   1 
ATOM   772  O  O   . ALA A 1 101 ? 0.738   -12.389 5.508   1.00 10.47 ? 101 ALA A O   1 
ATOM   773  C  CB  . ALA A 1 101 ? 2.372   -12.058 2.688   1.00 9.92  ? 101 ALA A CB  1 
ATOM   774  N  N   . VAL A 1 102 ? 2.030   -14.107 4.826   1.00 10.18 ? 102 VAL A N   1 
ATOM   775  C  CA  . VAL A 1 102 ? 2.438   -14.518 6.195   1.00 10.14 ? 102 VAL A CA  1 
ATOM   776  C  C   . VAL A 1 102 ? 3.629   -13.638 6.561   1.00 10.13 ? 102 VAL A C   1 
ATOM   777  O  O   . VAL A 1 102 ? 4.691   -13.710 5.923   1.00 11.17 ? 102 VAL A O   1 
ATOM   778  C  CB  . VAL A 1 102 ? 2.699   -16.027 6.302   1.00 10.44 ? 102 VAL A CB  1 
ATOM   779  C  CG1 . VAL A 1 102 ? 3.160   -16.373 7.711   1.00 10.28 ? 102 VAL A CG1 1 
ATOM   780  C  CG2 . VAL A 1 102 ? 1.459   -16.794 5.923   1.00 9.51  ? 102 VAL A CG2 1 
ATOM   781  N  N   . GLY A 1 103 ? 3.486   -12.890 7.647   1.00 11.03 ? 103 GLY A N   1 
ATOM   782  C  CA  . GLY A 1 103 ? 4.556   -11.998 8.078   1.00 10.80 ? 103 GLY A CA  1 
ATOM   783  C  C   . GLY A 1 103 ? 4.087   -11.084 9.178   1.00 11.29 ? 103 GLY A C   1 
ATOM   784  O  O   . GLY A 1 103 ? 2.917   -11.094 9.573   1.00 12.73 ? 103 GLY A O   1 
ATOM   785  N  N   . HIS A 1 104 ? 4.994   -10.253 9.644   1.00 11.76 ? 104 HIS A N   1 
ATOM   786  C  CA  . HIS A 1 104 ? 4.749   -9.373  10.787  1.00 11.71 ? 104 HIS A CA  1 
ATOM   787  C  C   . HIS A 1 104 ? 4.342   -8.005  10.274  1.00 11.09 ? 104 HIS A C   1 
ATOM   788  O  O   . HIS A 1 104 ? 5.020   -7.421  9.425   1.00 11.56 ? 104 HIS A O   1 
ATOM   789  C  CB  . HIS A 1 104 ? 6.033   -9.287  11.625  1.00 11.94 ? 104 HIS A CB  1 
ATOM   790  C  CG  . HIS A 1 104 ? 5.779   -8.463  12.830  1.00 13.49 ? 104 HIS A CG  1 
ATOM   791  N  ND1 . HIS A 1 104 ? 4.942   -8.920  13.819  1.00 13.34 ? 104 HIS A ND1 1 
ATOM   792  C  CD2 . HIS A 1 104 ? 6.169   -7.220  13.172  1.00 14.06 ? 104 HIS A CD2 1 
ATOM   793  C  CE1 . HIS A 1 104 ? 4.824   -7.945  14.737  1.00 13.78 ? 104 HIS A CE1 1 
ATOM   794  N  NE2 . HIS A 1 104 ? 5.586   -6.936  14.371  1.00 13.99 ? 104 HIS A NE2 1 
ATOM   795  N  N   . SER A 1 105 ? 3.274   -7.470  10.869  1.00 11.05 ? 105 SER A N   1 
ATOM   796  C  CA  . SER A 1 105 ? 2.728   -6.148  10.557  1.00 11.46 ? 105 SER A CA  1 
ATOM   797  C  C   . SER A 1 105 ? 2.034   -5.630  11.809  1.00 12.59 ? 105 SER A C   1 
ATOM   798  O  O   . SER A 1 105 ? 1.024   -6.237  12.241  1.00 15.29 ? 105 SER A O   1 
ATOM   799  C  CB  . SER A 1 105 ? 1.807   -6.227  9.357   1.00 11.33 ? 105 SER A CB  1 
ATOM   800  O  OG  . SER A 1 105 ? 1.231   -4.946  9.148   1.00 13.25 ? 105 SER A OG  1 
ATOM   801  N  N   . GLU A 1 106 ? 2.492   -4.502  12.273  1.00 12.19 ? 106 GLU A N   1 
ATOM   802  C  CA  . GLU A 1 106 ? 1.846   -3.654  13.323  1.00 14.17 ? 106 GLU A CA  1 
ATOM   803  C  C   . GLU A 1 106 ? 1.353   -2.375  12.681  1.00 16.04 ? 106 GLU A C   1 
ATOM   804  O  O   . GLU A 1 106 ? 1.758   -2.002  11.560  1.00 14.72 ? 106 GLU A O   1 
ATOM   805  C  CB  . GLU A 1 106 ? 2.865   -3.306  14.397  1.00 17.79 ? 106 GLU A CB  1 
ATOM   806  C  CG  . GLU A 1 106 ? 3.340   -4.505  15.152  1.00 19.28 ? 106 GLU A CG  1 
ATOM   807  C  CD  . GLU A 1 106 ? 4.477   -4.237  16.150  1.00 19.14 ? 106 GLU A CD  1 
ATOM   808  O  OE1 . GLU A 1 106 ? 4.493   -3.169  16.772  1.00 25.73 ? 106 GLU A OE1 1 
ATOM   809  O  OE2 . GLU A 1 106 ? 5.314   -5.055  16.278  1.00 18.24 ? 106 GLU A OE2 1 
ATOM   810  N  N   . PRO A 1 107 ? 0.465   -1.595  13.338  1.00 16.16 ? 107 PRO A N   1 
ATOM   811  C  CA  . PRO A 1 107 ? -0.093  -0.407  12.698  1.00 15.86 ? 107 PRO A CA  1 
ATOM   812  C  C   . PRO A 1 107 ? 0.956   0.523   12.085  1.00 15.80 ? 107 PRO A C   1 
ATOM   813  O  O   . PRO A 1 107 ? 0.734   1.036   10.951  1.00 16.41 ? 107 PRO A O   1 
ATOM   814  C  CB  . PRO A 1 107 ? -0.852  0.222   13.871  1.00 16.81 ? 107 PRO A CB  1 
ATOM   815  C  CG  . PRO A 1 107 ? -1.365  -0.971  14.625  1.00 18.06 ? 107 PRO A CG  1 
ATOM   816  C  CD  . PRO A 1 107 ? -0.145  -1.886  14.651  1.00 17.39 ? 107 PRO A CD  1 
ATOM   817  N  N   . GLY A 1 108 ? 2.054   0.803   12.787  1.00 14.67 ? 108 GLY A N   1 
ATOM   818  C  CA  . GLY A 1 108 ? 3.051   1.747   12.305  1.00 15.24 ? 108 GLY A CA  1 
ATOM   819  C  C   . GLY A 1 108 ? 3.818   1.226   11.097  1.00 12.79 ? 108 GLY A C   1 
ATOM   820  O  O   . GLY A 1 108 ? 4.582   1.981   10.518  1.00 13.54 ? 108 GLY A O   1 
ATOM   821  N  N   . ASP A 1 109 ? 3.623   -0.050  10.753  1.00 12.64 ? 109 ASP A N   1 
ATOM   822  C  CA  . ASP A 1 109 ? 4.241   -0.624  9.540   1.00 10.85 ? 109 ASP A CA  1 
ATOM   823  C  C   . ASP A 1 109 ? 3.508   -0.174  8.282   1.00 10.95 ? 109 ASP A C   1 
ATOM   824  O  O   . ASP A 1 109 ? 4.031   -0.369  7.191   1.00 11.09 ? 109 ASP A O   1 
ATOM   825  C  CB  . ASP A 1 109 ? 4.281   -2.157  9.622   1.00 11.20 ? 109 ASP A CB  1 
ATOM   826  C  CG  . ASP A 1 109 ? 5.279   -2.647  10.662  1.00 10.37 ? 109 ASP A CG  1 
ATOM   827  O  OD1 . ASP A 1 109 ? 6.343   -1.984  10.748  1.00 12.85 ? 109 ASP A OD1 1 
ATOM   828  O  OD2 . ASP A 1 109 ? 5.005   -3.656  11.350  1.00 11.88 ? 109 ASP A OD2 1 
ATOM   829  N  N   . CYS A 1 110 ? 2.316   0.371   8.407   1.00 10.16 ? 110 CYS A N   1 
ATOM   830  C  CA  . CYS A 1 110 ? 1.589   0.838   7.222   1.00 10.61 ? 110 CYS A CA  1 
ATOM   831  C  C   . CYS A 1 110 ? 2.468   1.781   6.430   1.00 10.71 ? 110 CYS A C   1 
ATOM   832  O  O   . CYS A 1 110 ? 3.111   2.667   7.014   1.00 11.39 ? 110 CYS A O   1 
ATOM   833  C  CB  . CYS A 1 110 ? 0.275   1.491   7.606   1.00 10.38 ? 110 CYS A CB  1 
ATOM   834  S  SG  . CYS A 1 110 ? -1.000  0.324   8.111   1.00 12.45 ? 110 CYS A SG  1 
ATOM   835  N  N   . GLY A 1 111 ? 2.448   1.640   5.106   1.00 9.76  ? 111 GLY A N   1 
ATOM   836  C  CA  . GLY A 1 111 ? 3.203   2.493   4.191   1.00 9.17  ? 111 GLY A CA  1 
ATOM   837  C  C   . GLY A 1 111 ? 4.513   1.841   3.751   1.00 9.29  ? 111 GLY A C   1 
ATOM   838  O  O   . GLY A 1 111 ? 5.089   2.287   2.763   1.00 10.69 ? 111 GLY A O   1 
ATOM   839  N  N   . GLY A 1 112 ? 4.926   0.754   4.376   1.00 9.76  ? 112 GLY A N   1 
ATOM   840  C  CA  . GLY A 1 112 ? 6.082   -0.002  3.877   1.00 8.82  ? 112 GLY A CA  1 
ATOM   841  C  C   . GLY A 1 112 ? 5.818   -0.521  2.474   1.00 8.50  ? 112 GLY A C   1 
ATOM   842  O  O   . GLY A 1 112 ? 4.708   -1.054  2.257   1.00 8.53  ? 112 GLY A O   1 
ATOM   843  N  N   . ILE A 1 113 ? 6.826   -0.506  1.628   1.00 9.50  ? 113 ILE A N   1 
ATOM   844  C  CA  . ILE A 1 113 ? 6.626   -0.929  0.219   1.00 9.48  ? 113 ILE A CA  1 
ATOM   845  C  C   . ILE A 1 113 ? 6.770   -2.443  0.115   1.00 9.50  ? 113 ILE A C   1 
ATOM   846  O  O   . ILE A 1 113 ? 7.729   -3.027  0.664   1.00 9.40  ? 113 ILE A O   1 
ATOM   847  C  CB  . ILE A 1 113 ? 7.630   -0.185  -0.664  1.00 10.94 ? 113 ILE A CB  1 
ATOM   848  C  CG1 . ILE A 1 113 ? 7.060   1.212   -0.917  1.00 13.46 ? 113 ILE A CG1 1 
ATOM   849  C  CG2 . ILE A 1 113 ? 7.905   -0.932  -1.968  1.00 10.35 ? 113 ILE A CG2 1 
ATOM   850  C  CD1 . ILE A 1 113 ? 8.012   2.134   -1.625  1.00 15.82 ? 113 ILE A CD1 1 
ATOM   851  N  N   . LEU A 1 114 ? 5.893   -3.020  -0.671  1.00 8.70  ? 114 LEU A N   1 
ATOM   852  C  CA  . LEU A 1 114 ? 6.031   -4.382  -1.248  1.00 9.56  ? 114 LEU A CA  1 
ATOM   853  C  C   . LEU A 1 114 ? 6.468   -4.184  -2.695  1.00 8.99  ? 114 LEU A C   1 
ATOM   854  O  O   . LEU A 1 114 ? 5.828   -3.405  -3.451  1.00 9.56  ? 114 LEU A O   1 
ATOM   855  C  CB  . LEU A 1 114 ? 4.695   -5.105  -1.159  1.00 9.15  ? 114 LEU A CB  1 
ATOM   856  C  CG  . LEU A 1 114 ? 4.624   -6.415  -1.929  1.00 9.18  ? 114 LEU A CG  1 
ATOM   857  C  CD1 . LEU A 1 114 ? 5.466   -7.495  -1.276  1.00 10.59 ? 114 LEU A CD1 1 
ATOM   858  C  CD2 . LEU A 1 114 ? 3.163   -6.872  -1.987  1.00 9.50  ? 114 LEU A CD2 1 
ATOM   859  N  N   . ARG A 1 115 ? 7.546   -4.862  -3.093  1.00 8.89  ? 115 ARG A N   1 
ATOM   860  C  CA  . ARG A 1 115 ? 8.097   -4.747  -4.470  1.00 10.08 ? 115 ARG A CA  1 
ATOM   861  C  C   . ARG A 1 115 ? 8.376   -6.119  -5.033  1.00 9.64  ? 115 ARG A C   1 
ATOM   862  O  O   . ARG A 1 115 ? 8.633   -7.070  -4.293  1.00 9.24  ? 115 ARG A O   1 
ATOM   863  C  CB  . ARG A 1 115 ? 9.359   -3.909  -4.503  1.00 11.09 ? 115 ARG A CB  1 
ATOM   864  C  CG  . ARG A 1 115 ? 10.515  -4.514  -3.714  1.00 12.27 ? 115 ARG A CG  1 
ATOM   865  C  CD  . ARG A 1 115 ? 11.753  -3.651  -3.674  1.00 14.48 ? 115 ARG A CD  1 
ATOM   866  N  NE  . ARG A 1 115 ? 11.564  -2.559  -2.754  1.00 18.74 ? 115 ARG A NE  1 
ATOM   867  C  CZ  . ARG A 1 115 ? 11.651  -1.241  -3.023  1.00 20.07 ? 115 ARG A CZ  1 
ATOM   868  N  NH1 . ARG A 1 115 ? 11.767  -0.782  -4.258  1.00 22.53 ? 115 ARG A NH1 1 
ATOM   869  N  NH2 . ARG A 1 115 ? 11.527  -0.393  -2.017  1.00 22.29 ? 115 ARG A NH2 1 
ATOM   870  N  N   . CYS A 1 116 ? 8.218   -6.208  -6.339  1.00 9.72  ? 116 CYS A N   1 
ATOM   871  C  CA  . CYS A 1 116 ? 8.568   -7.417  -7.121  1.00 10.36 ? 116 CYS A CA  1 
ATOM   872  C  C   . CYS A 1 116 ? 9.618   -6.990  -8.141  1.00 10.04 ? 116 CYS A C   1 
ATOM   873  O  O   . CYS A 1 116 ? 10.040  -5.849  -8.206  1.00 11.64 ? 116 CYS A O   1 
ATOM   874  C  CB  . CYS A 1 116 ? 7.330   -8.002  -7.794  1.00 9.56  ? 116 CYS A CB  1 
ATOM   875  S  SG  . CYS A 1 116 ? 6.641   -6.901  -9.067  1.00 10.09 ? 116 CYS A SG  1 
ATOM   876  N  N   . GLN A 1 117 ? 9.939   -7.916  -9.031  1.00 11.95 ? 117 GLN A N   1 
ATOM   877  C  CA  . GLN A 1 117 ? 10.906  -7.648  -10.107 1.00 12.98 ? 117 GLN A CA  1 
ATOM   878  C  C   . GLN A 1 117 ? 10.457  -6.523  -11.035 1.00 13.83 ? 117 GLN A C   1 
ATOM   879  O  O   . GLN A 1 117 ? 11.283  -5.931  -11.704 1.00 16.70 ? 117 GLN A O   1 
ATOM   880  C  CB  . GLN A 1 117 ? 11.154  -8.931  -10.901 1.00 14.77 ? 117 GLN A CB  1 
ATOM   881  C  CG  . GLN A 1 117 ? 9.952   -9.382  -11.723 1.00 17.02 ? 117 GLN A CG  1 
ATOM   882  C  CD  . GLN A 1 117 ? 10.170  -10.638 -12.530 1.00 22.15 ? 117 GLN A CD  1 
ATOM   883  O  OE1 . GLN A 1 117 ? 9.876   -11.743 -12.076 1.00 26.36 ? 117 GLN A OE1 1 
ATOM   884  N  NE2 . GLN A 1 117 ? 10.695  -10.447 -13.733 1.00 23.92 ? 117 GLN A NE2 1 
ATOM   885  N  N   . HIS A 1 118 ? 9.173   -6.207  -11.070 1.00 12.90 ? 118 HIS A N   1 
ATOM   886  C  CA  . HIS A 1 118 ? 8.650   -5.142  -11.949 1.00 11.73 ? 118 HIS A CA  1 
ATOM   887  C  C   . HIS A 1 118 ? 8.548   -3.761  -11.274 1.00 13.16 ? 118 HIS A C   1 
ATOM   888  O  O   . HIS A 1 118 ? 8.207   -2.806  -11.975 1.00 15.26 ? 118 HIS A O   1 
ATOM   889  C  CB  . HIS A 1 118 ? 7.291   -5.567  -12.480 1.00 11.57 ? 118 HIS A CB  1 
ATOM   890  C  CG  . HIS A 1 118 ? 7.327   -6.872  -13.179 1.00 12.31 ? 118 HIS A CG  1 
ATOM   891  N  ND1 . HIS A 1 118 ? 6.818   -7.998  -12.614 1.00 11.04 ? 118 HIS A ND1 1 
ATOM   892  C  CD2 . HIS A 1 118 ? 7.740   -7.203  -14.432 1.00 13.07 ? 118 HIS A CD2 1 
ATOM   893  C  CE1 . HIS A 1 118 ? 7.001   -9.024  -13.441 1.00 13.46 ? 118 HIS A CE1 1 
ATOM   894  N  NE2 . HIS A 1 118 ? 7.553   -8.546  -14.576 1.00 14.21 ? 118 HIS A NE2 1 
ATOM   895  N  N   . GLY A 1 119 ? 8.772   -3.663  -9.967  1.00 12.10 ? 119 GLY A N   1 
ATOM   896  C  CA  . GLY A 1 119 ? 8.636   -2.383  -9.286  1.00 11.64 ? 119 GLY A CA  1 
ATOM   897  C  C   . GLY A 1 119 ? 7.751   -2.498  -8.052  1.00 10.05 ? 119 GLY A C   1 
ATOM   898  O  O   . GLY A 1 119 ? 7.586   -3.586  -7.478  1.00 10.15 ? 119 GLY A O   1 
ATOM   899  N  N   . VAL A 1 120 ? 7.145   -1.384  -7.689  1.00 9.39  ? 120 VAL A N   1 
ATOM   900  C  CA  . VAL A 1 120 ? 6.313   -1.310  -6.473  1.00 10.58 ? 120 VAL A CA  1 
ATOM   901  C  C   . VAL A 1 120 ? 4.963   -1.955  -6.723  1.00 9.59  ? 120 VAL A C   1 
ATOM   902  O  O   . VAL A 1 120 ? 4.271   -1.598  -7.675  1.00 10.72 ? 120 VAL A O   1 
ATOM   903  C  CB  . VAL A 1 120 ? 6.177   0.139   -5.974  1.00 11.03 ? 120 VAL A CB  1 
ATOM   904  C  CG1 . VAL A 1 120 ? 5.208   0.195   -4.807  1.00 10.74 ? 120 VAL A CG1 1 
ATOM   905  C  CG2 . VAL A 1 120 ? 7.533   0.764   -5.675  1.00 11.89 ? 120 VAL A CG2 1 
ATOM   906  N  N   . VAL A 1 121 ? 4.567   -2.902  -5.917  1.00 8.52  ? 121 VAL A N   1 
ATOM   907  C  CA  . VAL A 1 121 ? 3.274   -3.630  -5.980  1.00 9.22  ? 121 VAL A CA  1 
ATOM   908  C  C   . VAL A 1 121 ? 2.233   -2.922  -5.135  1.00 8.85  ? 121 VAL A C   1 
ATOM   909  O  O   . VAL A 1 121 ? 1.066   -2.916  -5.500  1.00 9.55  ? 121 VAL A O   1 
ATOM   910  C  CB  . VAL A 1 121 ? 3.526   -5.053  -5.511  1.00 9.31  ? 121 VAL A CB  1 
ATOM   911  C  CG1 . VAL A 1 121 ? 2.271   -5.889  -5.405  1.00 9.86  ? 121 VAL A CG1 1 
ATOM   912  C  CG2 . VAL A 1 121 ? 4.564   -5.754  -6.372  1.00 10.74 ? 121 VAL A CG2 1 
ATOM   913  N  N   . GLY A 1 122 ? 2.602   -2.468  -3.932  1.00 9.27  ? 122 GLY A N   1 
ATOM   914  C  CA  . GLY A 1 122 ? 1.649   -1.826  -3.009  1.00 10.09 ? 122 GLY A CA  1 
ATOM   915  C  C   . GLY A 1 122 ? 2.319   -1.477  -1.716  1.00 9.80  ? 122 GLY A C   1 
ATOM   916  O  O   . GLY A 1 122 ? 3.570   -1.481  -1.652  1.00 9.78  ? 122 GLY A O   1 
ATOM   917  N  N   . ILE A 1 123 ? 1.486   -1.149  -0.735  1.00 9.68  ? 123 ILE A N   1 
ATOM   918  C  CA  . ILE A 1 123 ? 2.015   -0.660  0.559   1.00 9.56  ? 123 ILE A CA  1 
ATOM   919  C  C   . ILE A 1 123 ? 1.322   -1.450  1.673   1.00 8.65  ? 123 ILE A C   1 
ATOM   920  O  O   . ILE A 1 123 ? 0.144   -1.800  1.563   1.00 8.91  ? 123 ILE A O   1 
ATOM   921  C  CB  . ILE A 1 123 ? 1.893   0.864   0.768   1.00 10.14 ? 123 ILE A CB  1 
ATOM   922  C  CG1 . ILE A 1 123 ? 0.455   1.351   0.515   1.00 10.16 ? 123 ILE A CG1 1 
ATOM   923  C  CG2 . ILE A 1 123 ? 2.932   1.580   -0.052  1.00 10.88 ? 123 ILE A CG2 1 
ATOM   924  C  CD1 . ILE A 1 123 ? 0.245   2.818   0.925   1.00 10.58 ? 123 ILE A CD1 1 
ATOM   925  N  N   . VAL A 1 124 ? 2.005   -1.660  2.774   1.00 8.88  ? 124 VAL A N   1 
ATOM   926  C  CA  . VAL A 1 124 ? 1.407   -2.317  3.964   1.00 9.07  ? 124 VAL A CA  1 
ATOM   927  C  C   . VAL A 1 124 ? 0.172   -1.531  4.362   1.00 9.18  ? 124 VAL A C   1 
ATOM   928  O  O   . VAL A 1 124 ? 0.240   -0.265  4.452   1.00 9.00  ? 124 VAL A O   1 
ATOM   929  C  CB  . VAL A 1 124 ? 2.415   -2.408  5.118   1.00 8.87  ? 124 VAL A CB  1 
ATOM   930  C  CG1 . VAL A 1 124 ? 1.757   -2.934  6.377   1.00 9.62  ? 124 VAL A CG1 1 
ATOM   931  C  CG2 . VAL A 1 124 ? 3.632   -3.234  4.733   1.00 9.51  ? 124 VAL A CG2 1 
ATOM   932  N  N   . SER A 1 125 ? -0.937  -2.221  4.611   1.00 8.42  ? 125 SER A N   1 
ATOM   933  C  CA  . SER A 1 125 ? -2.222  -1.602  5.017   1.00 9.25  ? 125 SER A CA  1 
ATOM   934  C  C   . SER A 1 125 ? -2.856  -2.335  6.205   1.00 10.83 ? 125 SER A C   1 
ATOM   935  O  O   . SER A 1 125 ? -3.652  -1.679  6.914   1.00 11.80 ? 125 SER A O   1 
ATOM   936  C  CB  . SER A 1 125 ? -3.131  -1.568  3.828   1.00 9.87  ? 125 SER A CB  1 
ATOM   937  O  OG  . SER A 1 125 ? -4.397  -0.998  4.169   1.00 11.60 ? 125 SER A OG  1 
ATOM   938  N  N   . THR A 1 126 ? -2.570  -3.615  6.439   1.00 10.80 ? 126 THR A N   1 
ATOM   939  C  CA  . THR A 1 126 ? -3.260  -4.393  7.503   1.00 11.28 ? 126 THR A CA  1 
ATOM   940  C  C   . THR A 1 126 ? -2.244  -5.279  8.194   1.00 11.57 ? 126 THR A C   1 
ATOM   941  O  O   . THR A 1 126 ? -1.110  -5.484  7.641   1.00 10.38 ? 126 THR A O   1 
ATOM   942  C  CB  . THR A 1 126 ? -4.458  -5.260  7.055   1.00 11.72 ? 126 THR A CB  1 
ATOM   943  O  OG1 . THR A 1 126 ? -3.948  -6.422  6.386   1.00 11.70 ? 126 THR A OG1 1 
ATOM   944  C  CG2 . THR A 1 126 ? -5.429  -4.542  6.145   1.00 11.90 ? 126 THR A CG2 1 
ATOM   945  N  N   . GLY A 1 127 ? -2.548  -5.739  9.403   1.00 12.10 ? 127 GLY A N   1 
ATOM   946  C  CA  . GLY A 1 127 ? -1.682  -6.678  10.103  1.00 13.02 ? 127 GLY A CA  1 
ATOM   947  C  C   . GLY A 1 127 ? -2.464  -7.466  11.123  1.00 14.20 ? 127 GLY A C   1 
ATOM   948  O  O   . GLY A 1 127 ? -3.700  -7.430  11.104  1.00 16.16 ? 127 GLY A O   1 
ATOM   949  N  N   . GLY A 1 128 ? -1.740  -8.078  12.048  1.00 15.32 ? 128 GLY A N   1 
ATOM   950  C  CA  . GLY A 1 128 ? -2.381  -8.937  13.064  1.00 16.77 ? 128 GLY A CA  1 
ATOM   951  C  C   . GLY A 1 128 ? -2.427  -10.395 12.668  1.00 17.70 ? 128 GLY A C   1 
ATOM   952  O  O   . GLY A 1 128 ? -2.477  -10.760 11.465  1.00 16.87 ? 128 GLY A O   1 
ATOM   953  N  N   . ASN A 1 129 ? -2.499  -11.249 13.683  1.00 19.11 ? 129 ASN A N   1 
ATOM   954  C  CA  . ASN A 1 129 ? -2.697  -12.723 13.514  1.00 19.28 ? 129 ASN A CA  1 
ATOM   955  C  C   . ASN A 1 129 ? -1.689  -13.322 12.537  1.00 16.53 ? 129 ASN A C   1 
ATOM   956  O  O   . ASN A 1 129 ? -2.031  -14.267 11.768  1.00 17.01 ? 129 ASN A O   1 
ATOM   957  C  CB  . ASN A 1 129 ? -4.085  -13.142 13.026  1.00 21.67 ? 129 ASN A CB  1 
ATOM   958  C  CG  . ASN A 1 129 ? -5.122  -13.085 14.126  1.00 26.53 ? 129 ASN A CG  1 
ATOM   959  O  OD1 . ASN A 1 129 ? -4.816  -13.351 15.291  1.00 28.81 ? 129 ASN A OD1 1 
ATOM   960  N  ND2 . ASN A 1 129 ? -6.337  -12.723 13.760  1.00 29.86 ? 129 ASN A ND2 1 
ATOM   961  N  N   . GLY A 1 130 ? -0.475  -12.802 12.547  1.00 15.51 ? 130 GLY A N   1 
ATOM   962  C  CA  . GLY A 1 130 ? 0.634   -13.378 11.792  1.00 13.47 ? 130 GLY A CA  1 
ATOM   963  C  C   . GLY A 1 130 ? 0.570   -13.103 10.304  1.00 12.22 ? 130 GLY A C   1 
ATOM   964  O  O   . GLY A 1 130 ? 1.343   -13.699 9.623   1.00 11.04 ? 130 GLY A O   1 
ATOM   965  N  N   . LEU A 1 131 ? -0.313  -12.237 9.843   1.00 12.36 ? 131 LEU A N   1 
ATOM   966  C  CA  . LEU A 1 131 ? -0.408  -11.840 8.427   1.00 11.68 ? 131 LEU A CA  1 
ATOM   967  C  C   . LEU A 1 131 ? -0.027  -10.371 8.279   1.00 10.83 ? 131 LEU A C   1 
ATOM   968  O  O   . LEU A 1 131 ? -0.201  -9.555  9.184   1.00 12.44 ? 131 LEU A O   1 
ATOM   969  C  CB  . LEU A 1 131 ? -1.797  -12.041 7.843   1.00 13.52 ? 131 LEU A CB  1 
ATOM   970  C  CG  . LEU A 1 131 ? -2.396  -13.447 7.908   1.00 13.42 ? 131 LEU A CG  1 
ATOM   971  C  CD1 . LEU A 1 131 ? -3.667  -13.512 7.038   1.00 15.46 ? 131 LEU A CD1 1 
ATOM   972  C  CD2 . LEU A 1 131 ? -1.404  -14.497 7.444   1.00 13.74 ? 131 LEU A CD2 1 
ATOM   973  N  N   . VAL A 1 132 ? 0.399   -10.044 7.064   1.00 11.27 ? 132 VAL A N   1 
ATOM   974  C  CA  . VAL A 1 132 ? 0.542   -8.636  6.617   1.00 10.32 ? 132 VAL A CA  1 
ATOM   975  C  C   . VAL A 1 132 ? -0.305  -8.496  5.371   1.00 10.40 ? 132 VAL A C   1 
ATOM   976  O  O   . VAL A 1 132 ? -0.228  -9.363  4.480   1.00 10.84 ? 132 VAL A O   1 
ATOM   977  C  CB  . VAL A 1 132 ? 2.030   -8.312  6.370   1.00 10.35 ? 132 VAL A CB  1 
ATOM   978  C  CG1 . VAL A 1 132 ? 2.748   -9.323  5.503   1.00 11.49 ? 132 VAL A CG1 1 
ATOM   979  C  CG2 . VAL A 1 132 ? 2.212   -6.888  5.857   1.00 11.19 ? 132 VAL A CG2 1 
ATOM   980  N  N   . GLY A 1 133 ? -1.104  -7.442  5.322   1.00 10.05 ? 133 GLY A N   1 
ATOM   981  C  CA  . GLY A 1 133 ? -1.901  -7.096  4.155   1.00 9.03  ? 133 GLY A CA  1 
ATOM   982  C  C   . GLY A 1 133 ? -1.374  -5.860  3.483   1.00 9.50  ? 133 GLY A C   1 
ATOM   983  O  O   . GLY A 1 133 ? -0.969  -4.929  4.152   1.00 10.76 ? 133 GLY A O   1 
ATOM   984  N  N   . PHE A 1 134 ? -1.413  -5.880  2.171   1.00 8.96  ? 134 PHE A N   1 
ATOM   985  C  CA  . PHE A 1 134 ? -0.893  -4.839  1.269   1.00 9.12  ? 134 PHE A CA  1 
ATOM   986  C  C   . PHE A 1 134 ? -1.995  -4.357  0.346   1.00 9.07  ? 134 PHE A C   1 
ATOM   987  O  O   . PHE A 1 134 ? -2.740  -5.135  -0.242  1.00 10.29 ? 134 PHE A O   1 
ATOM   988  C  CB  . PHE A 1 134 ? 0.217   -5.363  0.382   1.00 8.57  ? 134 PHE A CB  1 
ATOM   989  C  CG  . PHE A 1 134 ? 1.294   -6.124  1.090   1.00 8.47  ? 134 PHE A CG  1 
ATOM   990  C  CD1 . PHE A 1 134 ? 2.326   -5.421  1.704   1.00 9.49  ? 134 PHE A CD1 1 
ATOM   991  C  CD2 . PHE A 1 134 ? 1.254   -7.503  1.181   1.00 9.74  ? 134 PHE A CD2 1 
ATOM   992  C  CE1 . PHE A 1 134 ? 3.338   -6.099  2.359   1.00 9.36  ? 134 PHE A CE1 1 
ATOM   993  C  CE2 . PHE A 1 134 ? 2.302   -8.170  1.826   1.00 9.55  ? 134 PHE A CE2 1 
ATOM   994  C  CZ  . PHE A 1 134 ? 3.355   -7.464  2.392   1.00 9.28  ? 134 PHE A CZ  1 
ATOM   995  N  N   . ALA A 1 135 ? -2.128  -3.047  0.318   1.00 9.09  ? 135 ALA A N   1 
ATOM   996  C  CA  . ALA A 1 135 ? -3.020  -2.378  -0.635  1.00 8.70  ? 135 ALA A CA  1 
ATOM   997  C  C   . ALA A 1 135 ? -2.348  -2.343  -1.998  1.00 9.01  ? 135 ALA A C   1 
ATOM   998  O  O   . ALA A 1 135 ? -1.308  -1.723  -2.139  1.00 9.23  ? 135 ALA A O   1 
ATOM   999  C  CB  . ALA A 1 135 ? -3.325  -0.998  -0.138  1.00 8.20  ? 135 ALA A CB  1 
ATOM   1000 N  N   . ASP A 1 136 ? -2.950  -3.014  -2.965  1.00 8.76  ? 136 ASP A N   1 
ATOM   1001 C  CA  . ASP A 1 136 ? -2.371  -3.071  -4.298  1.00 9.74  ? 136 ASP A CA  1 
ATOM   1002 C  C   . ASP A 1 136 ? -2.474  -1.714  -4.992  1.00 9.48  ? 136 ASP A C   1 
ATOM   1003 O  O   . ASP A 1 136 ? -3.472  -0.973  -4.786  1.00 10.20 ? 136 ASP A O   1 
ATOM   1004 C  CB  . ASP A 1 136 ? -3.179  -4.045  -5.151  1.00 10.15 ? 136 ASP A CB  1 
ATOM   1005 C  CG  . ASP A 1 136 ? -2.613  -4.285  -6.533  1.00 11.17 ? 136 ASP A CG  1 
ATOM   1006 O  OD1 . ASP A 1 136 ? -1.414  -4.624  -6.630  1.00 12.26 ? 136 ASP A OD1 1 
ATOM   1007 O  OD2 . ASP A 1 136 ? -3.363  -4.065  -7.504  1.00 13.36 ? 136 ASP A OD2 1 
ATOM   1008 N  N   . VAL A 1 137 ? -1.488  -1.400  -5.798  1.00 9.90  ? 137 VAL A N   1 
ATOM   1009 C  CA  . VAL A 1 137 ? -1.563  -0.223  -6.684  1.00 10.32 ? 137 VAL A CA  1 
ATOM   1010 C  C   . VAL A 1 137 ? -1.308  -0.578  -8.137  1.00 10.82 ? 137 VAL A C   1 
ATOM   1011 O  O   . VAL A 1 137 ? -1.312  0.316   -8.958  1.00 10.74 ? 137 VAL A O   1 
ATOM   1012 C  CB  . VAL A 1 137 ? -0.565  0.858   -6.240  1.00 10.39 ? 137 VAL A CB  1 
ATOM   1013 C  CG1 . VAL A 1 137 ? -0.872  1.328   -4.819  1.00 11.72 ? 137 VAL A CG1 1 
ATOM   1014 C  CG2 . VAL A 1 137 ? 0.872   0.411   -6.350  1.00 10.58 ? 137 VAL A CG2 1 
ATOM   1015 N  N   . ARG A 1 138 ? -1.171  -1.856  -8.481  1.00 11.23 ? 138 ARG A N   1 
ATOM   1016 C  CA  . ARG A 1 138 ? -0.745  -2.203  -9.848  1.00 10.93 ? 138 ARG A CA  1 
ATOM   1017 C  C   . ARG A 1 138 ? -1.895  -2.014  -10.832 1.00 10.86 ? 138 ARG A C   1 
ATOM   1018 O  O   . ARG A 1 138 ? -1.622  -1.974  -12.059 1.00 12.48 ? 138 ARG A O   1 
ATOM   1019 C  CB  . ARG A 1 138 ? -0.289  -3.648  -9.928  1.00 10.57 ? 138 ARG A CB  1 
ATOM   1020 C  CG  . ARG A 1 138 ? 0.949   -3.934  -9.095  1.00 11.01 ? 138 ARG A CG  1 
ATOM   1021 C  CD  . ARG A 1 138 ? 1.276   -5.405  -9.141  1.00 10.51 ? 138 ARG A CD  1 
ATOM   1022 N  NE  . ARG A 1 138 ? 0.283   -6.144  -8.413  1.00 10.21 ? 138 ARG A NE  1 
ATOM   1023 C  CZ  . ARG A 1 138 ? 0.341   -7.410  -8.145  1.00 10.22 ? 138 ARG A CZ  1 
ATOM   1024 N  NH1 . ARG A 1 138 ? 1.245   -8.196  -8.740  1.00 10.21 ? 138 ARG A NH1 1 
ATOM   1025 N  NH2 . ARG A 1 138 ? -0.514  -7.918  -7.284  1.00 10.93 ? 138 ARG A NH2 1 
ATOM   1026 N  N   . ASP A 1 139 ? -3.122  -1.895  -10.378 1.00 10.79 ? 139 ASP A N   1 
ATOM   1027 C  CA  . ASP A 1 139 ? -4.276  -1.617  -11.271 1.00 11.87 ? 139 ASP A CA  1 
ATOM   1028 C  C   . ASP A 1 139 ? -4.383  -0.123  -11.559 1.00 13.30 ? 139 ASP A C   1 
ATOM   1029 O  O   . ASP A 1 139 ? -5.190  0.210   -12.460 1.00 14.85 ? 139 ASP A O   1 
ATOM   1030 C  CB  . ASP A 1 139 ? -5.580  -2.172  -10.708 1.00 13.64 ? 139 ASP A CB  1 
ATOM   1031 C  CG  . ASP A 1 139 ? -6.003  -1.483  -9.425  1.00 14.62 ? 139 ASP A CG  1 
ATOM   1032 O  OD1 . ASP A 1 139 ? -5.112  -1.208  -8.588  1.00 14.84 ? 139 ASP A OD1 1 
ATOM   1033 O  OD2 . ASP A 1 139 ? -7.201  -1.208  -9.268  1.00 17.47 ? 139 ASP A OD2 1 
ATOM   1034 N  N   . LEU A 1 140 ? -3.654  0.725   -10.863 1.00 12.40 ? 140 LEU A N   1 
ATOM   1035 C  CA  . LEU A 1 140 ? -3.834  2.195   -11.016 1.00 12.86 ? 140 LEU A CA  1 
ATOM   1036 C  C   . LEU A 1 140 ? -2.932  2.693   -12.126 1.00 12.44 ? 140 LEU A C   1 
ATOM   1037 O  O   . LEU A 1 140 ? -1.888  3.289   -11.913 1.00 12.28 ? 140 LEU A O   1 
ATOM   1038 C  CB  . LEU A 1 140 ? -3.550  2.865   -9.675  1.00 13.05 ? 140 LEU A CB  1 
ATOM   1039 C  CG  . LEU A 1 140 ? -4.419  2.423   -8.500  1.00 13.64 ? 140 LEU A CG  1 
ATOM   1040 C  CD1 . LEU A 1 140 ? -3.943  3.114   -7.223  1.00 14.33 ? 140 LEU A CD1 1 
ATOM   1041 C  CD2 . LEU A 1 140 ? -5.901  2.664   -8.688  1.00 14.39 ? 140 LEU A CD2 1 
ATOM   1042 N  N   . LEU A 1 141 ? -3.357  2.422   -13.375 1.00 12.83 ? 141 LEU A N   1 
ATOM   1043 C  CA  . LEU A 1 141 ? -2.453  2.653   -14.513 1.00 14.32 ? 141 LEU A CA  1 
ATOM   1044 C  C   . LEU A 1 141 ? -2.162  4.141   -14.710 1.00 13.32 ? 141 LEU A C   1 
ATOM   1045 O  O   . LEU A 1 141 ? -1.115  4.494   -15.203 1.00 17.23 ? 141 LEU A O   1 
ATOM   1046 C  CB  . LEU A 1 141 ? -3.059  2.081   -15.800 1.00 15.25 ? 141 LEU A CB  1 
ATOM   1047 C  CG  . LEU A 1 141 ? -3.493  0.614   -15.749 1.00 17.28 ? 141 LEU A CG  1 
ATOM   1048 C  CD1 . LEU A 1 141 ? -3.835  0.148   -17.166 1.00 17.87 ? 141 LEU A CD1 1 
ATOM   1049 C  CD2 . LEU A 1 141 ? -2.458  -0.339  -15.131 1.00 16.39 ? 141 LEU A CD2 1 
ATOM   1050 N  N   . TRP A 1 142 ? -3.121  4.986   -14.308 1.00 14.62 ? 142 TRP A N   1 
ATOM   1051 C  CA  . TRP A 1 142 ? -3.003  6.453   -14.474 1.00 16.28 ? 142 TRP A CA  1 
ATOM   1052 C  C   . TRP A 1 142 ? -1.846  7.004   -13.650 1.00 16.92 ? 142 TRP A C   1 
ATOM   1053 O  O   . TRP A 1 142 ? -1.386  8.132   -13.901 1.00 17.12 ? 142 TRP A O   1 
ATOM   1054 C  CB  . TRP A 1 142 ? -4.339  7.109   -14.125 1.00 16.14 ? 142 TRP A CB  1 
ATOM   1055 C  CG  . TRP A 1 142 ? -4.877  6.764   -12.777 1.00 15.18 ? 142 TRP A CG  1 
ATOM   1056 C  CD1 . TRP A 1 142 ? -5.803  5.806   -12.496 1.00 16.30 ? 142 TRP A CD1 1 
ATOM   1057 C  CD2 . TRP A 1 142 ? -4.484  7.362   -11.528 1.00 14.98 ? 142 TRP A CD2 1 
ATOM   1058 N  NE1 . TRP A 1 142 ? -6.050  5.786   -11.144 1.00 16.60 ? 142 TRP A NE1 1 
ATOM   1059 C  CE2 . TRP A 1 142 ? -5.280  6.738   -10.557 1.00 14.98 ? 142 TRP A CE2 1 
ATOM   1060 C  CE3 . TRP A 1 142 ? -3.641  8.422   -11.179 1.00 14.80 ? 142 TRP A CE3 1 
ATOM   1061 C  CZ2 . TRP A 1 142 ? -5.200  7.137   -9.220  1.00 14.26 ? 142 TRP A CZ2 1 
ATOM   1062 C  CZ3 . TRP A 1 142 ? -3.537  8.792   -9.848  1.00 15.47 ? 142 TRP A CZ3 1 
ATOM   1063 C  CH2 . TRP A 1 142 ? -4.331  8.154   -8.917  1.00 14.15 ? 142 TRP A CH2 1 
ATOM   1064 N  N   . LEU A 1 143 ? -1.334  6.254   -12.661 1.00 16.09 ? 143 LEU A N   1 
ATOM   1065 C  CA  . LEU A 1 143 ? -0.170  6.718   -11.877 1.00 17.00 ? 143 LEU A CA  1 
ATOM   1066 C  C   . LEU A 1 143 ? 1.050   6.924   -12.796 1.00 19.38 ? 143 LEU A C   1 
ATOM   1067 O  O   . LEU A 1 143 ? 1.939   7.673   -12.429 1.00 19.02 ? 143 LEU A O   1 
ATOM   1068 C  CB  . LEU A 1 143 ? 0.203   5.697   -10.802 1.00 16.24 ? 143 LEU A CB  1 
ATOM   1069 C  CG  . LEU A 1 143 ? -0.691  5.657   -9.572  1.00 14.82 ? 143 LEU A CG  1 
ATOM   1070 C  CD1 . LEU A 1 143 ? -0.320  4.464   -8.691  1.00 14.55 ? 143 LEU A CD1 1 
ATOM   1071 C  CD2 . LEU A 1 143 ? -0.591  6.954   -8.753  1.00 15.34 ? 143 LEU A CD2 1 
ATOM   1072 N  N   . ASP A 1 144 ? 1.076   6.247   -13.955 1.00 20.46 ? 144 ASP A N   1 
ATOM   1073 C  CA  . ASP A 1 144 ? 2.259   6.206   -14.860 1.00 24.33 ? 144 ASP A CA  1 
ATOM   1074 C  C   . ASP A 1 144 ? 2.309   7.401   -15.808 1.00 26.94 ? 144 ASP A C   1 
ATOM   1075 O  O   . ASP A 1 144 ? 3.354   7.503   -16.491 1.00 28.99 ? 144 ASP A O   1 
ATOM   1076 C  CB  . ASP A 1 144 ? 2.288   4.930   -15.700 1.00 23.44 ? 144 ASP A CB  1 
ATOM   1077 C  CG  . ASP A 1 144 ? 2.579   3.668   -14.907 1.00 21.22 ? 144 ASP A CG  1 
ATOM   1078 O  OD1 . ASP A 1 144 ? 2.942   3.788   -13.734 1.00 25.86 ? 144 ASP A OD1 1 
ATOM   1079 O  OD2 . ASP A 1 144 ? 2.310   2.566   -15.430 1.00 23.41 ? 144 ASP A OD2 1 
ATOM   1080 N  N   . GLU A 1 145 ? 1.284   8.261   -15.834 1.00 30.15 ? 145 GLU A N   1 
ATOM   1081 C  CA  . GLU A 1 145 ? 1.222   9.430   -16.757 1.00 38.72 ? 145 GLU A CA  1 
ATOM   1082 C  C   . GLU A 1 145 ? 0.651   10.685  -16.085 1.00 39.81 ? 145 GLU A C   1 
ATOM   1083 O  O   . GLU A 1 145 ? 0.093   10.574  -14.980 1.00 37.38 ? 145 GLU A O   1 
ATOM   1084 C  CB  . GLU A 1 145 ? 0.341   9.074   -17.945 1.00 41.93 ? 145 GLU A CB  1 
ATOM   1085 C  CG  . GLU A 1 145 ? -1.130  8.914   -17.578 1.00 46.60 ? 145 GLU A CG  1 
ATOM   1086 C  CD  . GLU A 1 145 ? -1.781  7.660   -18.136 1.00 53.04 ? 145 GLU A CD  1 
ATOM   1087 O  OE1 . GLU A 1 145 ? -2.998  7.457   -17.899 1.00 56.34 ? 145 GLU A OE1 1 
ATOM   1088 O  OE2 . GLU A 1 145 ? -1.066  6.876   -18.782 1.00 61.60 ? 145 GLU A OE2 1 
ATOM   1089 N  N   . GLU A 1 146 ? 0.764   11.826  -16.774 1.00 47.28 ? 146 GLU A N   1 
ATOM   1090 C  CA  . GLU A 1 146 ? -0.052  13.054  -16.551 1.00 52.29 ? 146 GLU A CA  1 
ATOM   1091 C  C   . GLU A 1 146 ? 0.092   13.510  -15.096 1.00 57.89 ? 146 GLU A C   1 
ATOM   1092 O  O   . GLU A 1 146 ? -0.230  14.644  -14.734 1.00 65.89 ? 146 GLU A O   1 
ATOM   1093 C  CB  . GLU A 1 146 ? -1.500  12.770  -16.959 1.00 47.76 ? 146 GLU A CB  1 
ATOM   1094 C  CG  . GLU A 1 146 ? -2.560  13.306  -16.009 1.00 54.56 ? 146 GLU A CG  1 
ATOM   1095 C  CD  . GLU A 1 146 ? -3.030  14.744  -16.195 1.00 59.81 ? 146 GLU A CD  1 
ATOM   1096 O  OE1 . GLU A 1 146 ? -3.959  15.149  -15.457 1.00 54.87 ? 146 GLU A OE1 1 
ATOM   1097 O  OE2 . GLU A 1 146 ? -2.485  15.460  -17.071 1.00 56.31 ? 146 GLU A OE2 1 
HETATM 1098 N  N1  . ZUG B 2 .   ? -11.269 -8.119  -5.983  0.50 20.00 ? 201 ZUG A N1  1 
HETATM 1099 C  C4  . ZUG B 2 .   ? -10.508 -5.851  -8.388  0.50 20.00 ? 201 ZUG A C4  1 
HETATM 1100 C  C5  . ZUG B 2 .   ? -10.970 -5.129  -9.474  0.50 20.00 ? 201 ZUG A C5  1 
HETATM 1101 C  C6  . ZUG B 2 .   ? -12.076 -4.340  -9.311  0.50 20.00 ? 201 ZUG A C6  1 
HETATM 1102 C  C7  . ZUG B 2 .   ? -12.304 -4.944  -7.128  0.50 20.00 ? 201 ZUG A C7  1 
HETATM 1103 C  C1  . ZUG B 2 .   ? -10.779 -8.924  -7.100  0.50 20.00 ? 201 ZUG A C1  1 
HETATM 1104 C  C2  . ZUG B 2 .   ? -12.655 -8.331  -5.576  0.50 20.00 ? 201 ZUG A C2  1 
HETATM 1105 S  S1  . ZUG B 2 .   ? -10.642 -6.638  -5.791  0.50 20.00 ? 201 ZUG A S1  1 
HETATM 1106 O  O1  . ZUG B 2 .   ? -9.237  -6.758  -5.884  0.50 20.00 ? 201 ZUG A O1  1 
HETATM 1107 O  O2  . ZUG B 2 .   ? -11.232 -6.124  -4.624  0.50 20.00 ? 201 ZUG A O2  1 
HETATM 1108 C  C3  . ZUG B 2 .   ? -11.191 -5.748  -7.194  0.50 20.00 ? 201 ZUG A C3  1 
HETATM 1109 N  N2  . ZUG B 2 .   ? -12.747 -4.238  -8.170  0.50 20.00 ? 201 ZUG A N2  1 
HETATM 1110 ZN ZN  . ZN  C 3 .   ? 5.856   -8.182  -10.769 1.00 10.73 ? 202 ZN  A ZN  1 
HETATM 1111 S  S   . DMS D 4 .   ? 11.936  -1.030  -10.788 1.00 29.37 ? 203 DMS A S   1 
HETATM 1112 O  O   . DMS D 4 .   ? 13.231  -0.264  -11.158 1.00 34.87 ? 203 DMS A O   1 
HETATM 1113 C  C1  . DMS D 4 .   ? 12.415  -2.761  -10.776 1.00 25.76 ? 203 DMS A C1  1 
HETATM 1114 C  C2  . DMS D 4 .   ? 11.769  -0.767  -9.065  1.00 24.87 ? 203 DMS A C2  1 
HETATM 1115 S  S   . DMS E 4 .   ? -14.713 4.034   -1.544  1.00 29.67 ? 204 DMS A S   1 
HETATM 1116 O  O   . DMS E 4 .   ? -14.571 3.386   -0.211  1.00 25.17 ? 204 DMS A O   1 
HETATM 1117 C  C1  . DMS E 4 .   ? -15.314 2.733   -2.618  1.00 31.42 ? 204 DMS A C1  1 
HETATM 1118 C  C2  . DMS E 4 .   ? -16.243 4.971   -1.468  1.00 28.35 ? 204 DMS A C2  1 
HETATM 1119 S  S   . DMS F 4 .   ? 13.194  2.350   4.798   1.00 75.88 ? 205 DMS A S   1 
HETATM 1120 O  O   . DMS F 4 .   ? 14.406  2.226   5.682   1.00 66.50 ? 205 DMS A O   1 
HETATM 1121 C  C1  . DMS F 4 .   ? 13.655  3.467   3.485   1.00 78.49 ? 205 DMS A C1  1 
HETATM 1122 C  C2  . DMS F 4 .   ? 13.149  0.872   3.837   1.00 71.34 ? 205 DMS A C2  1 
HETATM 1123 S  S   . DMS G 4 .   ? 6.878   -15.641 8.544   1.00 37.16 ? 206 DMS A S   1 
HETATM 1124 O  O   . DMS G 4 .   ? 6.130   -14.912 9.620   1.00 33.45 ? 206 DMS A O   1 
HETATM 1125 C  C1  . DMS G 4 .   ? 8.587   -15.218 8.733   1.00 38.22 ? 206 DMS A C1  1 
HETATM 1126 C  C2  . DMS G 4 .   ? 7.007   -17.329 9.079   1.00 35.44 ? 206 DMS A C2  1 
HETATM 1127 S  S   . DMS H 4 .   ? -10.448 3.727   14.345  1.00 31.54 ? 207 DMS A S   1 
HETATM 1128 O  O   . DMS H 4 .   ? -11.247 4.728   13.518  1.00 35.44 ? 207 DMS A O   1 
HETATM 1129 C  C1  . DMS H 4 .   ? -10.772 4.207   16.023  1.00 33.98 ? 207 DMS A C1  1 
HETATM 1130 C  C2  . DMS H 4 .   ? -11.402 2.270   14.325  1.00 33.06 ? 207 DMS A C2  1 
HETATM 1131 S  S   . SO4 I 5 .   ? -18.981 -10.228 8.771   1.00 43.20 ? 208 SO4 A S   1 
HETATM 1132 O  O1  . SO4 I 5 .   ? -19.685 -9.846  7.577   1.00 41.01 ? 208 SO4 A O1  1 
HETATM 1133 O  O2  . SO4 I 5 .   ? -17.621 -10.569 8.452   1.00 39.13 ? 208 SO4 A O2  1 
HETATM 1134 O  O3  . SO4 I 5 .   ? -19.643 -11.366 9.360   1.00 42.96 ? 208 SO4 A O3  1 
HETATM 1135 O  O4  . SO4 I 5 .   ? -18.995 -9.136  9.710   1.00 43.20 ? 208 SO4 A O4  1 
HETATM 1136 O  O   . HOH J 6 .   ? -12.490 -11.083 -3.687  1.00 33.29 ? 301 HOH A O   1 
HETATM 1137 O  O   . HOH J 6 .   ? 4.549   -1.034  16.225  1.00 30.56 ? 302 HOH A O   1 
HETATM 1138 O  O   . HOH J 6 .   ? -19.136 -12.192 4.558   1.00 51.80 ? 303 HOH A O   1 
HETATM 1139 O  O   . HOH J 6 .   ? 6.228   20.355  -10.310 1.00 39.06 ? 304 HOH A O   1 
HETATM 1140 O  O   . HOH J 6 .   ? -5.770  -8.504  10.578  1.00 13.77 ? 305 HOH A O   1 
HETATM 1141 O  O   . HOH J 6 .   ? 12.172  13.378  -13.249 1.00 63.24 ? 306 HOH A O   1 
HETATM 1142 O  O   . HOH J 6 .   ? 15.207  0.180   8.848   1.00 38.77 ? 307 HOH A O   1 
HETATM 1143 O  O   . HOH J 6 .   ? 14.441  -7.235  13.970  1.00 24.16 ? 308 HOH A O   1 
HETATM 1144 O  O   . HOH J 6 .   ? -12.507 5.349   6.040   1.00 26.37 ? 309 HOH A O   1 
HETATM 1145 O  O   . HOH J 6 .   ? 11.993  2.271   9.425   1.00 24.35 ? 310 HOH A O   1 
HETATM 1146 O  O   . HOH J 6 .   ? -4.219  11.860  -12.517 1.00 41.28 ? 311 HOH A O   1 
HETATM 1147 O  O   . HOH J 6 .   ? 14.636  -9.396  13.916  1.00 32.40 ? 312 HOH A O   1 
HETATM 1148 O  O   . HOH J 6 .   ? 0.885   14.315  -12.497 1.00 38.46 ? 313 HOH A O   1 
HETATM 1149 O  O   . HOH J 6 .   ? -2.704  -12.225 -15.510 1.00 30.86 ? 314 HOH A O   1 
HETATM 1150 O  O   . HOH J 6 .   ? -13.139 11.265  -3.613  1.00 28.26 ? 315 HOH A O   1 
HETATM 1151 O  O   . HOH J 6 .   ? -9.065  -6.805  16.351  1.00 31.35 ? 316 HOH A O   1 
HETATM 1152 O  O   . HOH J 6 .   ? -7.831  3.055   18.107  1.00 47.35 ? 317 HOH A O   1 
HETATM 1153 O  O   . HOH J 6 .   ? -4.963  10.858  8.351   1.00 34.91 ? 318 HOH A O   1 
HETATM 1154 O  O   . HOH J 6 .   ? -15.644 -1.647  4.139   1.00 41.26 ? 319 HOH A O   1 
HETATM 1155 O  O   . HOH J 6 .   ? 10.421  10.502  -11.843 1.00 39.55 ? 320 HOH A O   1 
HETATM 1156 O  O   . HOH J 6 .   ? -6.098  -11.385 -1.305  1.00 17.80 ? 321 HOH A O   1 
HETATM 1157 O  O   . HOH J 6 .   ? 8.649   10.734  -13.538 1.00 35.20 ? 322 HOH A O   1 
HETATM 1158 O  O   . HOH J 6 .   ? 13.036  -11.320 11.799  1.00 24.86 ? 323 HOH A O   1 
HETATM 1159 O  O   . HOH J 6 .   ? 1.147   5.678   4.338   1.00 12.05 ? 324 HOH A O   1 
HETATM 1160 O  O   . HOH J 6 .   ? 17.744  -4.431  10.827  1.00 31.80 ? 325 HOH A O   1 
HETATM 1161 O  O   . HOH J 6 .   ? 8.912   5.722   -1.814  1.00 18.47 ? 326 HOH A O   1 
HETATM 1162 O  O   . HOH J 6 .   ? 9.206   -13.981 4.954   1.00 23.11 ? 327 HOH A O   1 
HETATM 1163 O  O   . HOH J 6 .   ? -2.590  -10.282 -9.549  1.00 20.46 ? 328 HOH A O   1 
HETATM 1164 O  O   . HOH J 6 .   ? 3.632   -11.242 13.889  1.00 25.58 ? 329 HOH A O   1 
HETATM 1165 O  O   . HOH J 6 .   ? 1.991   -14.860 -10.551 1.00 37.40 ? 330 HOH A O   1 
HETATM 1166 O  O   . HOH J 6 .   ? -8.077  14.216  -9.607  1.00 32.10 ? 331 HOH A O   1 
HETATM 1167 O  O   . HOH J 6 .   ? -17.064 -1.558  10.035  1.00 27.85 ? 332 HOH A O   1 
HETATM 1168 O  O   . HOH J 6 .   ? 12.064  3.452   -10.036 1.00 18.57 ? 333 HOH A O   1 
HETATM 1169 O  O   . HOH J 6 .   ? -8.147  6.067   11.099  1.00 20.54 ? 334 HOH A O   1 
HETATM 1170 O  O   . HOH J 6 .   ? -6.086  -4.318  -7.452  1.00 15.40 ? 335 HOH A O   1 
HETATM 1171 O  O   . HOH J 6 .   ? 8.678   7.877   -10.732 1.00 19.83 ? 336 HOH A O   1 
HETATM 1172 O  O   . HOH J 6 .   ? -12.316 -7.232  15.124  1.00 21.05 ? 337 HOH A O   1 
HETATM 1173 O  O   . HOH J 6 .   ? 1.158   10.819  7.981   1.00 28.87 ? 338 HOH A O   1 
HETATM 1174 O  O   . HOH J 6 .   ? 11.708  1.386   12.102  1.00 26.88 ? 339 HOH A O   1 
HETATM 1175 O  O   . HOH J 6 .   ? 7.520   1.675   6.758   1.00 16.05 ? 340 HOH A O   1 
HETATM 1176 O  O   . HOH J 6 .   ? 1.754   15.553  -1.924  1.00 31.46 ? 341 HOH A O   1 
HETATM 1177 O  O   . HOH J 6 .   ? 1.417   10.422  5.880   1.00 36.85 ? 342 HOH A O   1 
HETATM 1178 O  O   . HOH J 6 .   ? -13.536 6.926   -0.250  1.00 20.28 ? 343 HOH A O   1 
HETATM 1179 O  O   . HOH J 6 .   ? 3.617   1.987   -17.729 1.00 23.92 ? 344 HOH A O   1 
HETATM 1180 O  O   . HOH J 6 .   ? 6.375   -15.651 5.068   1.00 20.74 ? 345 HOH A O   1 
HETATM 1181 O  O   . HOH J 6 .   ? 2.034   15.838  3.659   1.00 27.90 ? 346 HOH A O   1 
HETATM 1182 O  O   . HOH J 6 .   ? -6.301  -2.179  -0.173  1.00 15.26 ? 347 HOH A O   1 
HETATM 1183 O  O   . HOH J 6 .   ? 0.135   15.348  -9.932  1.00 28.96 ? 348 HOH A O   1 
HETATM 1184 O  O   . HOH J 6 .   ? -1.106  3.090   10.741  1.00 16.40 ? 349 HOH A O   1 
HETATM 1185 O  O   . HOH J 6 .   ? 3.102   -15.694 2.705   1.00 10.71 ? 350 HOH A O   1 
HETATM 1186 O  O   . HOH J 6 .   ? 13.968  -5.944  -11.204 1.00 26.09 ? 351 HOH A O   1 
HETATM 1187 O  O   . HOH J 6 .   ? -6.669  -6.333  11.475  1.00 18.87 ? 352 HOH A O   1 
HETATM 1188 O  O   . HOH J 6 .   ? -5.434  14.341  7.630   1.00 20.20 ? 353 HOH A O   1 
HETATM 1189 O  O   . HOH J 6 .   ? -14.034 10.287  1.194   1.00 21.64 ? 354 HOH A O   1 
HETATM 1190 O  O   . HOH J 6 .   ? 2.945   12.357  -12.709 1.00 30.94 ? 355 HOH A O   1 
HETATM 1191 O  O   . HOH J 6 .   ? 5.512   3.627   -12.805 1.00 18.04 ? 356 HOH A O   1 
HETATM 1192 O  O   . HOH J 6 .   ? 7.495   9.647   2.687   1.00 33.14 ? 357 HOH A O   1 
HETATM 1193 O  O   . HOH J 6 .   ? 11.371  16.725  -10.114 1.00 28.45 ? 358 HOH A O   1 
HETATM 1194 O  O   . HOH J 6 .   ? -2.087  -7.865  -10.589 1.00 14.16 ? 359 HOH A O   1 
HETATM 1195 O  O   . HOH J 6 .   ? -7.778  18.566  5.894   1.00 18.01 ? 360 HOH A O   1 
HETATM 1196 O  O   . HOH J 6 .   ? 6.760   -0.997  7.231   1.00 10.67 ? 361 HOH A O   1 
HETATM 1197 O  O   . HOH J 6 .   ? 9.404   -2.277  -14.394 1.00 24.37 ? 362 HOH A O   1 
HETATM 1198 O  O   . HOH J 6 .   ? -4.844  7.115   11.404  1.00 37.04 ? 363 HOH A O   1 
HETATM 1199 O  O   . HOH J 6 .   ? -3.444  -5.723  -9.698  1.00 12.70 ? 364 HOH A O   1 
HETATM 1200 O  O   . HOH J 6 .   ? -10.832 0.030   15.876  1.00 35.59 ? 365 HOH A O   1 
HETATM 1201 O  O   . HOH J 6 .   ? 8.025   7.337   6.514   1.00 35.37 ? 366 HOH A O   1 
HETATM 1202 O  O   . HOH J 6 .   ? -8.583  0.544   -10.884 1.00 27.45 ? 367 HOH A O   1 
HETATM 1203 O  O   . HOH J 6 .   ? 1.621   15.998  1.055   1.00 28.46 ? 368 HOH A O   1 
HETATM 1204 O  O   . HOH J 6 .   ? 2.462   0.513   15.498  1.00 21.03 ? 369 HOH A O   1 
HETATM 1205 O  O   . HOH J 6 .   ? -8.786  -3.171  -10.381 1.00 35.19 ? 370 HOH A O   1 
HETATM 1206 O  O   . HOH J 6 .   ? -6.382  -1.277  6.855   1.00 16.81 ? 371 HOH A O   1 
HETATM 1207 O  O   . HOH J 6 .   ? 6.343   11.569  -6.617  1.00 19.51 ? 372 HOH A O   1 
HETATM 1208 O  O   . HOH J 6 .   ? -4.581  -10.432 9.692   1.00 19.46 ? 373 HOH A O   1 
HETATM 1209 O  O   . HOH J 6 .   ? 11.907  2.120   -5.474  1.00 34.03 ? 374 HOH A O   1 
HETATM 1210 O  O   . HOH J 6 .   ? -10.541 -12.860 10.727  1.00 20.49 ? 375 HOH A O   1 
HETATM 1211 O  O   . HOH J 6 .   ? 1.214   -9.543  11.569  1.00 15.70 ? 376 HOH A O   1 
HETATM 1212 O  O   . HOH J 6 .   ? 3.569   -14.805 10.857  1.00 15.56 ? 377 HOH A O   1 
HETATM 1213 O  O   . HOH J 6 .   ? 6.343   13.886  1.429   1.00 35.16 ? 378 HOH A O   1 
HETATM 1214 O  O   . HOH J 6 .   ? 12.389  -6.055  -6.733  1.00 28.72 ? 379 HOH A O   1 
HETATM 1215 O  O   . HOH J 6 .   ? -10.144 -12.143 8.199   1.00 25.71 ? 380 HOH A O   1 
HETATM 1216 O  O   . HOH J 6 .   ? -7.127  10.824  6.254   1.00 23.90 ? 381 HOH A O   1 
HETATM 1217 O  O   . HOH J 6 .   ? -0.902  -4.290  -13.437 1.00 12.62 ? 382 HOH A O   1 
HETATM 1218 O  O   . HOH J 6 .   ? 14.672  -11.091 5.608   1.00 25.80 ? 383 HOH A O   1 
HETATM 1219 O  O   . HOH J 6 .   ? 7.994   13.223  -5.259  1.00 22.24 ? 384 HOH A O   1 
HETATM 1220 O  O   . HOH J 6 .   ? -3.381  -17.197 -7.251  1.00 35.89 ? 385 HOH A O   1 
HETATM 1221 O  O   . HOH J 6 .   ? -4.143  -2.561  15.679  1.00 28.45 ? 386 HOH A O   1 
HETATM 1222 O  O   . HOH J 6 .   ? 5.748   6.063   -16.647 1.00 42.16 ? 387 HOH A O   1 
HETATM 1223 O  O   . HOH J 6 .   ? 4.707   -14.654 -8.898  1.00 26.48 ? 388 HOH A O   1 
HETATM 1224 O  O   . HOH J 6 .   ? 9.995   -13.328 -2.550  1.00 37.63 ? 389 HOH A O   1 
HETATM 1225 O  O   . HOH J 6 .   ? -7.068  21.000  -4.291  1.00 29.13 ? 390 HOH A O   1 
HETATM 1226 O  O   . HOH J 6 .   ? -9.063  6.513   5.928   1.00 17.32 ? 391 HOH A O   1 
HETATM 1227 O  O   . HOH J 6 .   ? -8.160  19.063  -2.508  1.00 20.87 ? 392 HOH A O   1 
HETATM 1228 O  O   . HOH J 6 .   ? -13.005 0.200   -4.385  1.00 44.67 ? 393 HOH A O   1 
HETATM 1229 O  O   . HOH J 6 .   ? 2.858   10.013  -13.695 1.00 36.11 ? 394 HOH A O   1 
HETATM 1230 O  O   . HOH J 6 .   ? -0.935  -10.700 -7.380  1.00 16.14 ? 395 HOH A O   1 
HETATM 1231 O  O   . HOH J 6 .   ? -4.162  -15.347 10.274  1.00 18.43 ? 396 HOH A O   1 
HETATM 1232 O  O   . HOH J 6 .   ? 2.912   -10.802 -14.739 1.00 17.04 ? 397 HOH A O   1 
HETATM 1233 O  O   . HOH J 6 .   ? 7.181   3.311   9.827   1.00 25.05 ? 398 HOH A O   1 
HETATM 1234 O  O   . HOH J 6 .   ? -5.544  -1.023  -2.867  1.00 11.65 ? 399 HOH A O   1 
HETATM 1235 O  O   . HOH J 6 .   ? 9.595   -16.273 2.167   1.00 37.04 ? 400 HOH A O   1 
HETATM 1236 O  O   . HOH J 6 .   ? 11.351  7.558   -4.850  1.00 21.01 ? 401 HOH A O   1 
HETATM 1237 O  O   . HOH J 6 .   ? -4.657  -15.231 -5.089  1.00 19.86 ? 402 HOH A O   1 
HETATM 1238 O  O   . HOH J 6 .   ? -7.072  -9.020  -8.431  1.00 29.60 ? 403 HOH A O   1 
HETATM 1239 O  O   . HOH J 6 .   ? -6.887  -2.255  9.599   1.00 17.20 ? 404 HOH A O   1 
HETATM 1240 O  O   . HOH J 6 .   ? 11.880  1.585   -13.920 1.00 36.28 ? 405 HOH A O   1 
HETATM 1241 O  O   . HOH J 6 .   ? -7.710  -12.174 11.329  1.00 18.47 ? 406 HOH A O   1 
HETATM 1242 O  O   . HOH J 6 .   ? -7.625  -10.139 7.098   1.00 18.11 ? 407 HOH A O   1 
HETATM 1243 O  O   . HOH J 6 .   ? -5.829  7.518   -17.578 1.00 38.78 ? 408 HOH A O   1 
HETATM 1244 O  O   . HOH J 6 .   ? 0.607   -7.629  14.699  1.00 31.70 ? 409 HOH A O   1 
HETATM 1245 O  O   . HOH J 6 .   ? -5.297  -8.499  7.812   1.00 17.28 ? 410 HOH A O   1 
HETATM 1246 O  O   . HOH J 6 .   ? 7.278   -10.681 -16.460 1.00 34.76 ? 411 HOH A O   1 
HETATM 1247 O  O   . HOH J 6 .   ? 6.589   -7.114  17.804  1.00 18.98 ? 412 HOH A O   1 
HETATM 1248 O  O   . HOH J 6 .   ? 10.612  1.359   -8.115  1.00 23.95 ? 413 HOH A O   1 
HETATM 1249 O  O   . HOH J 6 .   ? -0.337  18.640  6.242   1.00 21.15 ? 414 HOH A O   1 
HETATM 1250 O  O   . HOH J 6 .   ? 10.496  -3.282  -0.037  1.00 18.41 ? 415 HOH A O   1 
HETATM 1251 O  O   . HOH J 6 .   ? 6.743   -4.018  18.538  1.00 18.13 ? 416 HOH A O   1 
HETATM 1252 O  O   . HOH J 6 .   ? -9.637  -3.174  9.919   1.00 15.49 ? 417 HOH A O   1 
HETATM 1253 O  O   . HOH J 6 .   ? -2.613  -10.239 16.366  1.00 34.26 ? 418 HOH A O   1 
HETATM 1254 O  O   . HOH J 6 .   ? 16.430  -6.433  5.514   1.00 23.91 ? 419 HOH A O   1 
HETATM 1255 O  O   . HOH J 6 .   ? -15.573 3.092   4.306   1.00 35.67 ? 420 HOH A O   1 
HETATM 1256 O  O   . HOH J 6 .   ? -8.591  4.750   -10.256 1.00 31.99 ? 421 HOH A O   1 
HETATM 1257 O  O   . HOH J 6 .   ? 9.239   -11.182 13.279  1.00 23.97 ? 422 HOH A O   1 
HETATM 1258 O  O   . HOH J 6 .   ? 5.653   -4.057  -15.320 1.00 16.83 ? 423 HOH A O   1 
HETATM 1259 O  O   . HOH J 6 .   ? 1.432   -12.546 -16.207 1.00 26.08 ? 424 HOH A O   1 
HETATM 1260 O  O   . HOH J 6 .   ? -0.308  2.987   -17.548 1.00 27.67 ? 425 HOH A O   1 
HETATM 1261 O  O   . HOH J 6 .   ? 7.288   -12.505 6.400   1.00 15.58 ? 426 HOH A O   1 
HETATM 1262 O  O   . HOH J 6 .   ? -5.799  -6.173  14.003  1.00 28.07 ? 427 HOH A O   1 
HETATM 1263 O  O   . HOH J 6 .   ? 3.016   5.156   10.875  1.00 22.92 ? 428 HOH A O   1 
HETATM 1264 O  O   . HOH J 6 .   ? 0.594   0.133   17.564  1.00 28.22 ? 429 HOH A O   1 
HETATM 1265 O  O   . HOH J 6 .   ? -8.603  18.022  -5.052  1.00 29.02 ? 430 HOH A O   1 
HETATM 1266 O  O   . HOH J 6 .   ? -10.609 1.553   -6.936  1.00 25.18 ? 431 HOH A O   1 
HETATM 1267 O  O   . HOH J 6 .   ? 7.484   3.608   1.729   1.00 20.77 ? 432 HOH A O   1 
HETATM 1268 O  O   . HOH J 6 .   ? -14.954 -3.327  14.841  1.00 18.44 ? 433 HOH A O   1 
HETATM 1269 O  O   . HOH J 6 .   ? -0.740  -2.989  10.087  1.00 17.41 ? 434 HOH A O   1 
HETATM 1270 O  O   . HOH J 6 .   ? 4.623   13.578  -14.100 1.00 41.59 ? 435 HOH A O   1 
HETATM 1271 O  O   . HOH J 6 .   ? -4.228  23.407  -1.827  1.00 26.37 ? 436 HOH A O   1 
HETATM 1272 O  O   . HOH J 6 .   ? 5.752   -16.030 2.267   1.00 18.09 ? 437 HOH A O   1 
HETATM 1273 O  O   . HOH J 6 .   ? 7.683   -10.943 8.642   1.00 13.00 ? 438 HOH A O   1 
HETATM 1274 O  O   . HOH J 6 .   ? 11.705  2.532   -2.399  1.00 30.44 ? 439 HOH A O   1 
HETATM 1275 O  O   . HOH J 6 .   ? -17.289 -3.539  5.561   1.00 27.60 ? 440 HOH A O   1 
HETATM 1276 O  O   . HOH J 6 .   ? 9.256   1.022   2.342   1.00 18.40 ? 441 HOH A O   1 
HETATM 1277 O  O   . HOH J 6 .   ? -1.998  16.637  8.882   1.00 23.80 ? 442 HOH A O   1 
HETATM 1278 O  O   . HOH J 6 .   ? 4.317   9.369   4.512   1.00 23.91 ? 443 HOH A O   1 
HETATM 1279 O  O   . HOH J 6 .   ? -7.825  -9.676  9.892   1.00 17.75 ? 444 HOH A O   1 
HETATM 1280 O  O   . HOH J 6 .   ? 11.840  -2.355  -6.806  1.00 37.59 ? 445 HOH A O   1 
HETATM 1281 O  O   . HOH J 6 .   ? -11.320 9.988   -5.543  1.00 20.11 ? 446 HOH A O   1 
HETATM 1282 O  O   . HOH J 6 .   ? 0.845   -10.514 13.971  1.00 21.13 ? 447 HOH A O   1 
HETATM 1283 O  O   . HOH J 6 .   ? -9.518  -2.676  7.342   1.00 24.99 ? 448 HOH A O   1 
HETATM 1284 O  O   . HOH J 6 .   ? 2.660   7.460   5.876   1.00 15.62 ? 449 HOH A O   1 
HETATM 1285 O  O   . HOH J 6 .   ? 8.157   7.173   2.190   1.00 21.12 ? 450 HOH A O   1 
HETATM 1286 O  O   . HOH J 6 .   ? 7.807   17.343  -3.852  1.00 28.95 ? 451 HOH A O   1 
HETATM 1287 O  O   . HOH J 6 .   ? -5.040  -4.307  10.345  1.00 13.31 ? 452 HOH A O   1 
HETATM 1288 O  O   . HOH J 6 .   ? 11.745  -0.363  1.008   1.00 21.54 ? 453 HOH A O   1 
HETATM 1289 O  O   . HOH J 6 .   ? -5.297  5.413   15.330  1.00 38.37 ? 454 HOH A O   1 
HETATM 1290 O  O   . HOH J 6 .   ? 3.088   11.718  6.027   1.00 28.26 ? 455 HOH A O   1 
HETATM 1291 O  O   . HOH J 6 .   ? 5.392   18.237  -2.971  1.00 33.73 ? 456 HOH A O   1 
HETATM 1292 O  O   . HOH J 6 .   ? -10.575 10.917  -7.956  1.00 44.40 ? 457 HOH A O   1 
HETATM 1293 O  O   . HOH J 6 .   ? -13.825 6.445   -3.804  1.00 40.94 ? 458 HOH A O   1 
HETATM 1294 O  O   . HOH J 6 .   ? 9.326   -10.723 -7.878  1.00 23.63 ? 459 HOH A O   1 
HETATM 1295 O  O   . HOH J 6 .   ? 7.870   17.958  -11.884 1.00 32.30 ? 460 HOH A O   1 
HETATM 1296 O  O   . HOH J 6 .   ? 1.456   19.732  -5.028  1.00 43.96 ? 461 HOH A O   1 
HETATM 1297 O  O   . HOH J 6 .   ? -2.270  4.176   12.976  1.00 35.55 ? 462 HOH A O   1 
HETATM 1298 O  O   . HOH J 6 .   ? 1.046   3.793   14.587  1.00 34.90 ? 463 HOH A O   1 
HETATM 1299 O  O   . HOH J 6 .   ? 16.144  4.291   14.406  1.00 35.34 ? 464 HOH A O   1 
HETATM 1300 O  O   . HOH J 6 .   ? -6.623  2.220   -14.423 1.00 25.04 ? 465 HOH A O   1 
HETATM 1301 O  O   . HOH J 6 .   ? 11.191  9.556   -4.319  1.00 28.82 ? 466 HOH A O   1 
HETATM 1302 O  O   . HOH J 6 .   ? -5.046  24.527  2.666   1.00 27.67 ? 467 HOH A O   1 
HETATM 1303 O  O   . HOH J 6 .   ? 10.756  -12.829 -9.228  1.00 39.46 ? 468 HOH A O   1 
HETATM 1304 O  O   . HOH J 6 .   ? 8.475   -16.117 -1.487  1.00 30.44 ? 469 HOH A O   1 
HETATM 1305 O  O   . HOH J 6 .   ? -17.980 -5.043  11.573  1.00 38.42 ? 470 HOH A O   1 
HETATM 1306 O  O   . HOH J 6 .   ? -2.861  -3.589  11.931  1.00 23.85 ? 471 HOH A O   1 
HETATM 1307 O  O   . HOH J 6 .   ? -6.103  -9.635  12.614  1.00 29.58 ? 472 HOH A O   1 
HETATM 1308 O  O   . HOH J 6 .   ? -15.438 0.670   5.821   1.00 28.62 ? 473 HOH A O   1 
HETATM 1309 O  O   . HOH J 6 .   ? 1.373   -2.616  17.881  1.00 29.81 ? 474 HOH A O   1 
HETATM 1310 O  O   . HOH J 6 .   ? -1.859  -15.579 14.911  1.00 37.88 ? 475 HOH A O   1 
HETATM 1311 O  O   . HOH J 6 .   ? 4.968   -13.192 12.361  1.00 24.88 ? 476 HOH A O   1 
HETATM 1312 O  O   . HOH J 6 .   ? 9.736   18.521  -11.214 1.00 32.70 ? 477 HOH A O   1 
HETATM 1313 O  O   . HOH J 6 .   ? 17.313  -3.967  6.336   1.00 30.78 ? 478 HOH A O   1 
HETATM 1314 O  O   . HOH J 6 .   ? 18.241  2.889   14.363  1.00 48.32 ? 479 HOH A O   1 
HETATM 1315 O  O   . HOH J 6 .   ? -4.885  4.491   -18.055 1.00 30.47 ? 480 HOH A O   1 
HETATM 1316 O  O   . HOH J 6 .   ? -7.749  2.629   -12.021 1.00 29.29 ? 481 HOH A O   1 
HETATM 1317 O  O   . HOH J 6 .   ? -9.049  -11.462 15.681  1.00 57.53 ? 482 HOH A O   1 
HETATM 1318 O  O   . HOH J 6 .   ? 4.613   -12.116 -13.026 1.00 20.34 ? 483 HOH A O   1 
HETATM 1319 O  O   . HOH J 6 .   ? -6.374  4.308   -15.796 1.00 27.88 ? 484 HOH A O   1 
HETATM 1320 O  O   . HOH J 6 .   ? -2.772  11.646  10.107  1.00 47.35 ? 485 HOH A O   1 
HETATM 1321 O  O   . HOH J 6 .   ? -15.427 -2.603  0.615   1.00 44.10 ? 486 HOH A O   1 
HETATM 1322 O  O   . HOH J 6 .   ? -18.340 -2.889  8.363   1.00 31.85 ? 487 HOH A O   1 
HETATM 1323 O  O   . HOH J 6 .   ? 3.798   -14.558 -12.216 1.00 40.66 ? 488 HOH A O   1 
HETATM 1324 O  O   . HOH J 6 .   ? 3.916   14.175  5.257   1.00 37.36 ? 489 HOH A O   1 
HETATM 1325 O  O   . HOH J 6 .   ? 19.297  0.614   14.433  1.00 33.07 ? 490 HOH A O   1 
HETATM 1326 O  O   . HOH J 6 .   ? 0.177   -14.750 15.669  1.00 47.69 ? 491 HOH A O   1 
HETATM 1327 O  O   . HOH J 6 .   ? 0.862   4.667   12.024  1.00 38.93 ? 492 HOH A O   1 
HETATM 1328 O  O   . HOH J 6 .   ? -10.240 3.076   -8.869  1.00 47.47 ? 493 HOH A O   1 
HETATM 1329 O  O   . HOH J 6 .   ? 14.507  2.418   -13.540 1.00 33.09 ? 494 HOH A O   1 
HETATM 1330 O  O   . HOH J 6 .   ? 8.764   -12.155 10.856  1.00 24.44 ? 495 HOH A O   1 
HETATM 1331 O  O   . HOH J 6 .   ? 5.576   14.536  -1.016  1.00 40.28 ? 496 HOH A O   1 
HETATM 1332 O  O   . HOH J 6 .   ? -10.137 6.451   -11.021 1.00 35.03 ? 497 HOH A O   1 
HETATM 1333 O  O   . HOH J 6 .   ? 6.842   -12.609 -14.459 1.00 36.27 ? 498 HOH A O   1 
HETATM 1334 O  O   . HOH J 6 .   ? -15.540 -2.650  -1.883  1.00 34.21 ? 499 HOH A O   1 
HETATM 1335 O  O   . HOH J 6 .   ? -6.049  -6.497  -9.264  1.00 23.42 ? 500 HOH A O   1 
HETATM 1336 O  O   . HOH J 6 .   ? 10.951  20.583  -7.843  1.00 48.50 ? 501 HOH A O   1 
HETATM 1337 O  O   . HOH J 6 .   ? -3.403  -4.751  14.118  1.00 27.92 ? 502 HOH A O   1 
HETATM 1338 O  O   . HOH J 6 .   ? 10.471  12.090  -3.994  1.00 27.71 ? 503 HOH A O   1 
HETATM 1339 O  O   . HOH J 6 .   ? -21.297 -13.092 5.720   1.00 35.52 ? 504 HOH A O   1 
HETATM 1340 O  O   . HOH J 6 .   ? -1.414  -5.951  15.534  1.00 41.86 ? 505 HOH A O   1 
HETATM 1341 O  O   . HOH J 6 .   ? 7.692   14.718  -3.086  1.00 28.70 ? 506 HOH A O   1 
HETATM 1342 O  O   . HOH J 6 .   ? -4.981  10.644  -14.902 1.00 40.12 ? 507 HOH A O   1 
HETATM 1343 O  O   . HOH J 6 .   ? -5.802  -13.083 9.599   1.00 21.14 ? 508 HOH A O   1 
HETATM 1344 O  O   . HOH J 6 .   ? 0.453   6.636   17.082  1.00 46.26 ? 509 HOH A O   1 
HETATM 1345 O  O   . HOH J 6 .   ? 13.722  -8.037  -15.526 1.00 53.22 ? 510 HOH A O   1 
HETATM 1346 O  O   . HOH J 6 .   ? -5.700  -10.451 -9.846  1.00 28.42 ? 511 HOH A O   1 
HETATM 1347 O  O   . HOH J 6 .   ? 14.971  2.452   -8.302  1.00 24.16 ? 512 HOH A O   1 
HETATM 1348 O  O   . HOH J 6 .   ? -5.901  -8.442  15.233  1.00 39.68 ? 513 HOH A O   1 
HETATM 1349 O  O   . HOH J 6 .   ? -7.545  -12.963 7.310   1.00 17.59 ? 514 HOH A O   1 
HETATM 1350 O  O   . HOH J 6 .   ? 11.097  -13.862 10.694  1.00 33.00 ? 515 HOH A O   1 
HETATM 1351 O  O   . HOH J 6 .   ? -11.395 -7.049  17.487  1.00 50.17 ? 516 HOH A O   1 
HETATM 1352 O  O   . HOH J 6 .   ? 18.945  -1.439  10.773  1.00 43.64 ? 517 HOH A O   1 
HETATM 1353 O  O   . HOH J 6 .   ? -3.305  -8.187  16.734  1.00 51.71 ? 518 HOH A O   1 
HETATM 1354 O  O   . HOH J 6 .   ? 2.609   8.663   8.380   1.00 25.21 ? 519 HOH A O   1 
HETATM 1355 O  O   . HOH J 6 .   ? 17.878  -4.024  13.756  1.00 29.94 ? 520 HOH A O   1 
HETATM 1356 O  O   . HOH J 6 .   ? -14.718 -5.767  15.966  1.00 31.23 ? 521 HOH A O   1 
HETATM 1357 O  O   . HOH J 6 .   ? 11.501  -14.761 6.154   1.00 30.92 ? 522 HOH A O   1 
HETATM 1358 O  O   . HOH J 6 .   ? -7.969  -9.092  16.596  1.00 39.13 ? 523 HOH A O   1 
HETATM 1359 O  O   . HOH J 6 .   ? -6.872  9.198   -15.971 1.00 38.39 ? 524 HOH A O   1 
HETATM 1360 O  O   . HOH J 6 .   ? 1.078   13.123  9.853   1.00 43.41 ? 525 HOH A O   1 
HETATM 1361 O  O   . HOH J 6 .   ? -2.495  16.319  -10.156 1.00 37.56 ? 526 HOH A O   1 
HETATM 1362 O  O   . HOH J 6 .   ? -4.592  24.879  0.027   1.00 35.42 ? 527 HOH A O   1 
HETATM 1363 O  O   . HOH J 6 .   ? 2.453   7.696   10.982  1.00 31.95 ? 528 HOH A O   1 
HETATM 1364 O  O   . HOH J 6 .   ? 13.592  -13.659 5.771   1.00 44.45 ? 529 HOH A O   1 
HETATM 1365 O  O   . HOH J 6 .   ? -8.070  6.362   -15.521 1.00 35.63 ? 530 HOH A O   1 
HETATM 1366 O  O   . HOH J 6 .   ? -9.263  -9.421  -10.334 0.50 30.00 ? 531 HOH A O   1 
HETATM 1367 O  O   . HOH J 6 .   ? 12.811  18.599  -15.565 1.00 48.19 ? 532 HOH A O   1 
HETATM 1368 O  O   . HOH J 6 .   ? 14.175  -13.116 8.145   1.00 38.22 ? 533 HOH A O   1 
HETATM 1369 O  O   . HOH J 6 .   ? -17.852 -4.782  1.231   1.00 50.59 ? 534 HOH A O   1 
HETATM 1370 O  O   . HOH J 6 .   ? -18.871 -7.104  1.228   1.00 53.44 ? 535 HOH A O   1 
HETATM 1371 O  O   . HOH J 6 .   ? 0.552   7.310   12.804  1.00 31.15 ? 536 HOH A O   1 
HETATM 1372 O  O   . HOH J 6 .   ? -19.665 -7.184  -1.688  1.00 42.23 ? 537 HOH A O   1 
# 
